data_2M4G
#
_entry.id   2M4G
#
_entity_poly.entity_id   1
_entity_poly.type   'polypeptide(L)'
_entity_poly.pdbx_seq_one_letter_code
;GRPGVFRTRGLTDEEYDEFKKRRESRGGKYSIDDYLADREREEELLERDEEEAIFGDGFGLKATRRSRKAERAKL
;
_entity_poly.pdbx_strand_id   A
#
# COMPACT_ATOMS: atom_id res chain seq x y z
N GLY A 1 19.41 -2.93 -17.71
CA GLY A 1 18.89 -1.61 -18.18
C GLY A 1 17.98 -1.75 -19.36
N ARG A 2 16.92 -0.96 -19.39
CA ARG A 2 15.97 -1.00 -20.50
C ARG A 2 15.25 0.34 -20.60
N PRO A 3 14.90 0.77 -21.83
CA PRO A 3 14.24 2.05 -22.05
C PRO A 3 12.74 1.99 -21.75
N GLY A 4 12.41 1.73 -20.50
CA GLY A 4 11.03 1.70 -20.08
C GLY A 4 10.59 3.04 -19.56
N VAL A 5 9.94 3.83 -20.39
CA VAL A 5 9.50 5.16 -20.02
C VAL A 5 8.54 5.10 -18.83
N PHE A 6 7.69 4.10 -18.83
CA PHE A 6 6.72 3.91 -17.77
C PHE A 6 6.69 2.45 -17.37
N ARG A 7 7.01 2.17 -16.12
CA ARG A 7 7.00 0.79 -15.65
C ARG A 7 5.69 0.51 -14.93
N THR A 8 5.50 -0.75 -14.53
CA THR A 8 4.30 -1.12 -13.81
C THR A 8 4.60 -2.13 -12.70
N ARG A 9 5.59 -2.99 -12.94
CA ARG A 9 5.94 -4.09 -12.03
C ARG A 9 4.85 -5.16 -12.02
N GLY A 10 3.64 -4.74 -11.73
CA GLY A 10 2.50 -5.63 -11.67
C GLY A 10 1.33 -4.93 -11.03
N LEU A 11 0.95 -3.80 -11.61
CA LEU A 11 -0.10 -2.99 -11.06
C LEU A 11 -1.43 -3.32 -11.68
N THR A 12 -2.33 -3.78 -10.85
CA THR A 12 -3.68 -4.05 -11.28
C THR A 12 -4.49 -2.75 -11.29
N ASP A 13 -5.73 -2.82 -11.74
CA ASP A 13 -6.58 -1.64 -11.83
C ASP A 13 -6.61 -0.88 -10.51
N GLU A 14 -6.70 -1.62 -9.42
CA GLU A 14 -6.82 -1.02 -8.09
C GLU A 14 -5.55 -0.25 -7.69
N GLU A 15 -4.39 -0.90 -7.83
CA GLU A 15 -3.12 -0.25 -7.49
C GLU A 15 -2.87 0.92 -8.42
N TYR A 16 -3.27 0.74 -9.68
CA TYR A 16 -3.10 1.77 -10.69
C TYR A 16 -4.05 2.93 -10.44
N ASP A 17 -5.26 2.62 -9.98
CA ASP A 17 -6.25 3.64 -9.67
C ASP A 17 -5.78 4.48 -8.48
N GLU A 18 -5.22 3.78 -7.48
CA GLU A 18 -4.60 4.43 -6.35
C GLU A 18 -3.45 5.32 -6.83
N PHE A 19 -2.66 4.76 -7.73
CA PHE A 19 -1.56 5.47 -8.36
C PHE A 19 -2.06 6.71 -9.11
N LYS A 20 -3.17 6.56 -9.83
CA LYS A 20 -3.74 7.69 -10.55
C LYS A 20 -4.16 8.79 -9.58
N LYS A 21 -4.84 8.38 -8.50
CA LYS A 21 -5.24 9.30 -7.46
C LYS A 21 -4.02 10.00 -6.86
N ARG A 22 -3.01 9.20 -6.54
CA ARG A 22 -1.77 9.71 -5.97
C ARG A 22 -1.03 10.60 -6.97
N ARG A 23 -1.12 10.27 -8.23
CA ARG A 23 -0.51 11.04 -9.30
C ARG A 23 -1.26 12.34 -9.54
N GLU A 24 -2.59 12.30 -9.43
CA GLU A 24 -3.39 13.51 -9.51
C GLU A 24 -3.03 14.45 -8.35
N SER A 25 -2.77 13.84 -7.19
CA SER A 25 -2.32 14.57 -6.01
C SER A 25 -1.03 15.34 -6.31
N ARG A 26 -0.21 14.81 -7.21
CA ARG A 26 1.04 15.44 -7.59
C ARG A 26 0.89 16.24 -8.88
N GLY A 27 -0.35 16.48 -9.30
CA GLY A 27 -0.60 17.25 -10.50
C GLY A 27 -0.07 16.57 -11.75
N GLY A 28 0.00 15.24 -11.71
CA GLY A 28 0.52 14.49 -12.83
C GLY A 28 2.00 14.23 -12.72
N LYS A 29 2.65 14.92 -11.80
CA LYS A 29 4.08 14.74 -11.58
C LYS A 29 4.34 13.62 -10.60
N TYR A 30 3.89 12.43 -10.96
CA TYR A 30 4.02 11.27 -10.10
C TYR A 30 4.24 10.04 -10.97
N SER A 31 5.49 9.63 -11.13
CA SER A 31 5.78 8.52 -12.00
C SER A 31 5.50 7.21 -11.27
N ILE A 32 5.49 6.11 -12.00
CA ILE A 32 5.21 4.83 -11.36
C ILE A 32 6.26 4.52 -10.32
N ASP A 33 7.50 4.94 -10.56
CA ASP A 33 8.59 4.63 -9.67
C ASP A 33 8.42 5.35 -8.34
N ASP A 34 7.82 6.54 -8.38
CA ASP A 34 7.48 7.26 -7.17
C ASP A 34 6.43 6.47 -6.40
N TYR A 35 5.48 5.90 -7.15
CA TYR A 35 4.47 5.03 -6.57
C TYR A 35 5.08 3.73 -6.09
N LEU A 36 5.92 3.15 -6.93
CA LEU A 36 6.57 1.87 -6.63
C LEU A 36 7.45 1.99 -5.41
N ALA A 37 8.04 3.16 -5.22
CA ALA A 37 8.85 3.45 -4.03
C ALA A 37 7.99 3.42 -2.78
N ASP A 38 6.84 4.09 -2.83
CA ASP A 38 5.93 4.11 -1.69
C ASP A 38 5.13 2.81 -1.66
N ARG A 39 5.09 2.11 -2.77
CA ARG A 39 4.51 0.78 -2.85
C ARG A 39 5.36 -0.18 -2.04
N GLU A 40 6.67 0.03 -2.15
CA GLU A 40 7.65 -0.68 -1.33
C GLU A 40 7.40 -0.41 0.16
N ARG A 41 6.64 0.67 0.42
CA ARG A 41 6.23 0.99 1.78
C ARG A 41 4.90 0.33 2.08
N GLU A 42 3.93 0.56 1.21
CA GLU A 42 2.57 0.06 1.37
C GLU A 42 2.52 -1.43 1.68
N GLU A 43 3.37 -2.21 1.02
CA GLU A 43 3.40 -3.65 1.23
C GLU A 43 3.99 -3.99 2.60
N GLU A 44 4.95 -3.19 3.03
CA GLU A 44 5.54 -3.32 4.36
C GLU A 44 4.53 -2.88 5.42
N LEU A 45 3.73 -1.92 5.03
CA LEU A 45 2.75 -1.31 5.93
C LEU A 45 1.43 -2.07 5.86
N LEU A 46 1.37 -3.03 4.95
CA LEU A 46 0.18 -3.85 4.73
C LEU A 46 0.06 -4.90 5.83
N GLU A 47 1.19 -5.23 6.42
CA GLU A 47 1.25 -6.25 7.47
C GLU A 47 2.11 -5.74 8.62
N ARG A 48 1.95 -6.36 9.79
CA ARG A 48 2.70 -5.99 10.99
C ARG A 48 2.30 -4.61 11.51
N ASP A 49 2.72 -4.33 12.75
CA ASP A 49 2.53 -3.03 13.38
C ASP A 49 1.07 -2.78 13.74
N GLU A 50 0.22 -2.66 12.72
CA GLU A 50 -1.20 -2.38 12.90
C GLU A 50 -1.92 -3.56 13.54
N GLU A 51 -1.23 -4.70 13.57
CA GLU A 51 -1.78 -5.90 14.18
C GLU A 51 -1.63 -5.86 15.71
N GLU A 52 -1.06 -4.74 16.20
CA GLU A 52 -0.91 -4.48 17.63
C GLU A 52 0.22 -5.30 18.25
N ALA A 53 1.18 -4.60 18.86
CA ALA A 53 2.29 -5.22 19.59
C ALA A 53 3.30 -5.90 18.67
N ILE A 54 3.65 -5.22 17.59
CA ILE A 54 4.71 -5.71 16.69
C ILE A 54 5.82 -4.67 16.59
N PHE A 55 5.45 -3.41 16.70
CA PHE A 55 6.38 -2.30 16.58
C PHE A 55 7.14 -2.08 17.89
N GLY A 56 7.77 -3.13 18.37
CA GLY A 56 8.49 -3.07 19.61
C GLY A 56 7.95 -4.08 20.61
N ASP A 57 8.21 -3.85 21.88
CA ASP A 57 7.71 -4.74 22.93
C ASP A 57 6.36 -4.27 23.44
N GLY A 58 5.91 -3.13 22.95
CA GLY A 58 4.65 -2.59 23.38
C GLY A 58 3.73 -2.28 22.22
N PHE A 59 2.58 -1.69 22.51
CA PHE A 59 1.60 -1.33 21.50
C PHE A 59 0.87 -0.06 21.88
N GLY A 60 1.56 0.82 22.61
CA GLY A 60 0.95 2.02 23.15
C GLY A 60 0.31 2.91 22.10
N LEU A 61 0.84 2.85 20.88
CA LEU A 61 0.32 3.66 19.78
C LEU A 61 -1.16 3.38 19.54
N LYS A 62 -1.55 2.11 19.66
CA LYS A 62 -2.93 1.70 19.44
C LYS A 62 -3.47 0.93 20.63
N ALA A 63 -3.01 1.28 21.82
CA ALA A 63 -3.50 0.64 23.03
C ALA A 63 -4.93 1.07 23.31
N THR A 64 -5.79 0.10 23.60
CA THR A 64 -7.19 0.38 23.87
C THR A 64 -7.37 1.03 25.24
N ARG A 65 -7.14 2.33 25.29
CA ARG A 65 -7.28 3.09 26.52
C ARG A 65 -8.76 3.40 26.76
N ARG A 66 -9.45 2.48 27.42
CA ARG A 66 -10.86 2.67 27.72
C ARG A 66 -11.03 3.83 28.69
N SER A 67 -10.23 3.81 29.75
CA SER A 67 -10.20 4.88 30.74
C SER A 67 -11.60 5.19 31.26
N ARG A 68 -12.18 4.25 31.99
CA ARG A 68 -13.50 4.46 32.57
C ARG A 68 -13.35 4.95 34.01
N LYS A 69 -12.12 4.93 34.49
CA LYS A 69 -11.80 5.44 35.81
C LYS A 69 -10.83 6.60 35.70
N ALA A 70 -11.37 7.79 35.51
CA ALA A 70 -10.54 8.98 35.36
C ALA A 70 -11.27 10.20 35.90
N GLU A 71 -10.93 10.59 37.12
CA GLU A 71 -11.53 11.75 37.75
C GLU A 71 -10.88 13.03 37.24
N ARG A 72 -9.66 12.88 36.74
CA ARG A 72 -8.92 14.00 36.17
C ARG A 72 -8.25 13.55 34.87
N ALA A 73 -9.02 13.54 33.80
CA ALA A 73 -8.52 13.11 32.50
C ALA A 73 -7.45 14.08 31.99
N LYS A 74 -7.67 15.36 32.25
CA LYS A 74 -6.71 16.39 31.89
C LYS A 74 -6.32 17.15 33.15
N LEU A 75 -5.03 17.20 33.43
CA LEU A 75 -4.53 17.87 34.63
C LEU A 75 -4.31 19.34 34.36
N GLY A 1 14.32 10.31 -15.55
CA GLY A 1 15.31 9.44 -16.25
C GLY A 1 14.92 7.98 -16.18
N ARG A 2 15.34 7.21 -17.19
CA ARG A 2 15.07 5.77 -17.28
C ARG A 2 13.60 5.49 -17.55
N PRO A 3 13.31 4.40 -18.29
CA PRO A 3 11.95 3.98 -18.63
C PRO A 3 11.24 3.30 -17.46
N GLY A 4 11.33 3.90 -16.29
CA GLY A 4 10.66 3.37 -15.12
C GLY A 4 9.60 4.31 -14.63
N VAL A 5 9.33 5.35 -15.41
CA VAL A 5 8.36 6.36 -15.03
C VAL A 5 6.93 5.86 -15.24
N PHE A 6 6.73 5.12 -16.32
CA PHE A 6 5.44 4.52 -16.60
C PHE A 6 5.60 3.01 -16.69
N ARG A 7 6.24 2.46 -15.67
CA ARG A 7 6.49 1.03 -15.59
C ARG A 7 5.36 0.36 -14.82
N THR A 8 5.31 -0.95 -14.84
CA THR A 8 4.35 -1.68 -14.01
C THR A 8 5.06 -2.73 -13.18
N ARG A 9 4.53 -2.99 -12.00
CA ARG A 9 5.06 -4.02 -11.14
C ARG A 9 3.92 -4.96 -10.74
N GLY A 10 3.17 -5.39 -11.75
CA GLY A 10 1.98 -6.17 -11.51
C GLY A 10 0.92 -5.36 -10.82
N LEU A 11 0.73 -4.12 -11.27
CA LEU A 11 -0.23 -3.24 -10.65
C LEU A 11 -1.63 -3.58 -11.10
N THR A 12 -2.44 -4.00 -10.15
CA THR A 12 -3.83 -4.26 -10.43
C THR A 12 -4.56 -2.95 -10.69
N ASP A 13 -5.78 -3.00 -11.20
CA ASP A 13 -6.49 -1.77 -11.53
C ASP A 13 -6.62 -0.90 -10.28
N GLU A 14 -6.77 -1.54 -9.13
CA GLU A 14 -6.89 -0.81 -7.86
C GLU A 14 -5.62 -0.04 -7.53
N GLU A 15 -4.47 -0.71 -7.60
CA GLU A 15 -3.18 -0.06 -7.32
C GLU A 15 -2.92 1.04 -8.34
N TYR A 16 -3.25 0.74 -9.58
CA TYR A 16 -3.08 1.69 -10.66
C TYR A 16 -4.02 2.87 -10.49
N ASP A 17 -5.24 2.58 -10.07
CA ASP A 17 -6.23 3.62 -9.79
C ASP A 17 -5.73 4.51 -8.66
N GLU A 18 -5.21 3.88 -7.61
CA GLU A 18 -4.59 4.59 -6.51
C GLU A 18 -3.45 5.45 -7.05
N PHE A 19 -2.62 4.85 -7.88
CA PHE A 19 -1.52 5.54 -8.53
C PHE A 19 -2.02 6.78 -9.27
N LYS A 20 -3.09 6.63 -10.03
CA LYS A 20 -3.66 7.75 -10.78
C LYS A 20 -4.11 8.86 -9.83
N LYS A 21 -4.80 8.47 -8.77
CA LYS A 21 -5.27 9.42 -7.77
C LYS A 21 -4.09 10.10 -7.09
N ARG A 22 -3.07 9.31 -6.81
CA ARG A 22 -1.85 9.80 -6.18
C ARG A 22 -1.10 10.71 -7.13
N ARG A 23 -1.09 10.36 -8.41
CA ARG A 23 -0.45 11.17 -9.42
C ARG A 23 -1.21 12.47 -9.62
N GLU A 24 -2.53 12.39 -9.57
CA GLU A 24 -3.39 13.57 -9.62
C GLU A 24 -3.09 14.48 -8.44
N SER A 25 -2.83 13.87 -7.29
CA SER A 25 -2.48 14.59 -6.08
C SER A 25 -1.14 15.32 -6.25
N ARG A 26 -0.32 14.85 -7.17
CA ARG A 26 0.97 15.47 -7.46
C ARG A 26 0.87 16.36 -8.70
N GLY A 27 -0.34 16.54 -9.20
CA GLY A 27 -0.54 17.37 -10.37
C GLY A 27 0.08 16.77 -11.61
N GLY A 28 0.15 15.45 -11.66
CA GLY A 28 0.73 14.78 -12.79
C GLY A 28 2.20 14.48 -12.61
N LYS A 29 2.82 15.17 -11.66
CA LYS A 29 4.24 14.98 -11.39
C LYS A 29 4.45 13.82 -10.43
N TYR A 30 4.00 12.64 -10.87
CA TYR A 30 4.10 11.44 -10.06
C TYR A 30 4.27 10.24 -10.97
N SER A 31 5.46 9.70 -11.04
CA SER A 31 5.69 8.53 -11.87
C SER A 31 5.38 7.29 -11.07
N ILE A 32 5.33 6.16 -11.74
CA ILE A 32 5.03 4.94 -11.05
C ILE A 32 6.19 4.53 -10.16
N ASP A 33 7.40 4.93 -10.52
CA ASP A 33 8.56 4.65 -9.69
C ASP A 33 8.40 5.32 -8.34
N ASP A 34 7.82 6.51 -8.34
CA ASP A 34 7.47 7.19 -7.11
C ASP A 34 6.44 6.36 -6.34
N TYR A 35 5.43 5.88 -7.07
CA TYR A 35 4.41 5.01 -6.51
C TYR A 35 5.03 3.72 -6.00
N LEU A 36 5.88 3.13 -6.82
CA LEU A 36 6.53 1.86 -6.54
C LEU A 36 7.45 1.97 -5.35
N ALA A 37 8.05 3.13 -5.15
CA ALA A 37 8.91 3.39 -4.01
C ALA A 37 8.10 3.40 -2.72
N ASP A 38 6.93 4.01 -2.75
CA ASP A 38 6.06 4.00 -1.59
C ASP A 38 5.34 2.66 -1.49
N ARG A 39 5.11 2.04 -2.65
CA ARG A 39 4.54 0.70 -2.72
C ARG A 39 5.46 -0.28 -1.99
N GLU A 40 6.76 -0.13 -2.23
CA GLU A 40 7.80 -0.89 -1.54
C GLU A 40 7.61 -0.79 -0.03
N ARG A 41 7.26 0.41 0.41
CA ARG A 41 7.05 0.68 1.82
C ARG A 41 5.72 0.10 2.28
N GLU A 42 4.68 0.41 1.54
CA GLU A 42 3.32 -0.02 1.87
C GLU A 42 3.22 -1.52 2.06
N GLU A 43 3.80 -2.30 1.15
CA GLU A 43 3.72 -3.76 1.25
C GLU A 43 4.25 -4.24 2.59
N GLU A 44 5.34 -3.63 3.03
CA GLU A 44 5.94 -3.92 4.32
C GLU A 44 5.03 -3.44 5.45
N LEU A 45 4.41 -2.30 5.23
CA LEU A 45 3.68 -1.60 6.27
C LEU A 45 2.22 -2.08 6.38
N LEU A 46 1.75 -2.78 5.36
CA LEU A 46 0.41 -3.35 5.38
C LEU A 46 0.35 -4.52 6.34
N GLU A 47 1.35 -5.39 6.27
CA GLU A 47 1.41 -6.58 7.08
C GLU A 47 1.98 -6.29 8.47
N ARG A 48 1.22 -5.54 9.25
CA ARG A 48 1.63 -5.17 10.61
C ARG A 48 0.48 -5.38 11.58
N ASP A 49 0.79 -6.02 12.70
CA ASP A 49 -0.18 -6.37 13.74
C ASP A 49 -0.96 -5.15 14.25
N GLU A 50 -0.30 -4.00 14.25
CA GLU A 50 -0.93 -2.78 14.74
C GLU A 50 -1.77 -2.10 13.67
N GLU A 51 -1.66 -2.58 12.43
CA GLU A 51 -2.34 -1.95 11.31
C GLU A 51 -3.79 -2.42 11.20
N GLU A 52 -3.98 -3.68 10.84
CA GLU A 52 -5.30 -4.20 10.59
C GLU A 52 -5.38 -5.69 10.97
N ALA A 53 -6.25 -6.44 10.29
CA ALA A 53 -6.49 -7.84 10.62
C ALA A 53 -5.43 -8.75 10.01
N ILE A 54 -4.19 -8.55 10.42
CA ILE A 54 -3.10 -9.40 9.97
C ILE A 54 -2.84 -10.48 11.01
N PHE A 55 -3.22 -10.18 12.25
CA PHE A 55 -3.00 -11.09 13.36
C PHE A 55 -4.23 -11.99 13.57
N GLY A 56 -5.18 -11.91 12.65
CA GLY A 56 -6.39 -12.70 12.76
C GLY A 56 -7.36 -12.41 11.64
N ASP A 57 -8.63 -12.65 11.88
CA ASP A 57 -9.67 -12.39 10.89
C ASP A 57 -10.16 -10.96 11.00
N GLY A 58 -10.08 -10.42 12.20
CA GLY A 58 -10.49 -9.06 12.44
C GLY A 58 -9.61 -8.38 13.46
N PHE A 59 -9.79 -7.08 13.64
CA PHE A 59 -8.99 -6.33 14.59
C PHE A 59 -9.89 -5.62 15.59
N GLY A 60 -11.20 -5.87 15.51
CA GLY A 60 -12.14 -5.28 16.44
C GLY A 60 -12.17 -6.01 17.77
N LEU A 61 -11.00 -6.44 18.21
CA LEU A 61 -10.85 -7.18 19.46
C LEU A 61 -10.45 -6.23 20.58
N LYS A 62 -11.39 -5.39 21.00
CA LYS A 62 -11.15 -4.42 22.06
C LYS A 62 -9.95 -3.55 21.74
N ALA A 63 -9.96 -2.94 20.57
CA ALA A 63 -8.86 -2.10 20.12
C ALA A 63 -9.37 -0.70 19.78
N THR A 64 -8.57 0.30 20.08
CA THR A 64 -8.93 1.67 19.76
C THR A 64 -7.97 2.25 18.73
N ARG A 65 -8.52 2.94 17.74
CA ARG A 65 -7.71 3.55 16.70
C ARG A 65 -7.67 5.06 16.93
N ARG A 66 -8.34 5.48 17.99
CA ARG A 66 -8.43 6.88 18.35
C ARG A 66 -7.23 7.29 19.19
N SER A 67 -6.11 7.49 18.54
CA SER A 67 -4.89 7.92 19.21
C SER A 67 -4.32 9.14 18.49
N ARG A 68 -5.10 10.21 18.46
CA ARG A 68 -4.71 11.41 17.73
C ARG A 68 -4.49 12.58 18.69
N LYS A 69 -4.83 12.35 19.95
CA LYS A 69 -4.70 13.39 20.97
C LYS A 69 -3.82 12.91 22.11
N ALA A 70 -3.06 11.84 21.86
CA ALA A 70 -2.21 11.26 22.88
C ALA A 70 -0.92 12.05 23.02
N GLU A 71 -0.60 12.83 22.00
CA GLU A 71 0.59 13.67 22.02
C GLU A 71 0.49 14.72 23.13
N ARG A 72 -0.68 15.34 23.24
CA ARG A 72 -0.89 16.36 24.25
C ARG A 72 -1.47 15.75 25.52
N ALA A 73 -0.73 14.81 26.09
CA ALA A 73 -1.14 14.17 27.35
C ALA A 73 0.01 14.18 28.35
N LYS A 74 1.06 14.91 28.00
CA LYS A 74 2.27 14.98 28.82
C LYS A 74 2.50 16.43 29.26
N LEU A 75 1.44 17.06 29.77
CA LEU A 75 1.51 18.44 30.19
C LEU A 75 2.02 18.54 31.61
N GLY A 1 12.38 13.57 -17.57
CA GLY A 1 11.81 12.21 -17.48
C GLY A 1 12.49 11.40 -16.40
N ARG A 2 11.81 10.37 -15.90
CA ARG A 2 12.35 9.54 -14.84
C ARG A 2 12.83 8.20 -15.39
N PRO A 3 13.98 7.72 -14.91
CA PRO A 3 14.49 6.39 -15.24
C PRO A 3 13.65 5.30 -14.58
N GLY A 4 12.51 4.99 -15.19
CA GLY A 4 11.64 3.97 -14.65
C GLY A 4 12.14 2.57 -14.94
N VAL A 5 12.80 1.97 -13.97
CA VAL A 5 13.31 0.60 -14.11
C VAL A 5 12.16 -0.38 -14.26
N PHE A 6 11.01 -0.03 -13.71
CA PHE A 6 9.81 -0.82 -13.83
C PHE A 6 8.62 0.11 -13.99
N ARG A 7 7.85 -0.07 -15.05
CA ARG A 7 6.77 0.86 -15.35
C ARG A 7 5.44 0.37 -14.79
N THR A 8 5.43 -0.84 -14.25
CA THR A 8 4.22 -1.43 -13.68
C THR A 8 4.51 -2.11 -12.36
N ARG A 9 5.33 -3.16 -12.38
CA ARG A 9 5.65 -3.94 -11.17
C ARG A 9 4.39 -4.63 -10.65
N GLY A 10 3.61 -5.18 -11.57
CA GLY A 10 2.38 -5.87 -11.19
C GLY A 10 1.39 -4.96 -10.51
N LEU A 11 1.01 -3.89 -11.19
CA LEU A 11 0.01 -2.97 -10.66
C LEU A 11 -1.35 -3.35 -11.18
N THR A 12 -2.24 -3.76 -10.30
CA THR A 12 -3.60 -4.06 -10.66
C THR A 12 -4.37 -2.76 -10.91
N ASP A 13 -5.62 -2.88 -11.30
CA ASP A 13 -6.45 -1.71 -11.53
C ASP A 13 -6.72 -0.98 -10.21
N GLU A 14 -6.46 -1.66 -9.11
CA GLU A 14 -6.60 -1.05 -7.78
C GLU A 14 -5.36 -0.24 -7.44
N GLU A 15 -4.20 -0.89 -7.52
CA GLU A 15 -2.92 -0.22 -7.26
C GLU A 15 -2.74 0.95 -8.23
N TYR A 16 -3.11 0.72 -9.47
CA TYR A 16 -2.99 1.73 -10.50
C TYR A 16 -3.97 2.87 -10.25
N ASP A 17 -5.15 2.54 -9.72
CA ASP A 17 -6.14 3.55 -9.40
C ASP A 17 -5.61 4.45 -8.28
N GLU A 18 -5.02 3.81 -7.28
CA GLU A 18 -4.36 4.52 -6.19
C GLU A 18 -3.26 5.41 -6.76
N PHE A 19 -2.53 4.85 -7.70
CA PHE A 19 -1.48 5.59 -8.40
C PHE A 19 -2.05 6.81 -9.12
N LYS A 20 -3.18 6.62 -9.80
CA LYS A 20 -3.81 7.72 -10.52
C LYS A 20 -4.23 8.83 -9.56
N LYS A 21 -4.90 8.44 -8.49
CA LYS A 21 -5.32 9.39 -7.46
C LYS A 21 -4.10 10.15 -6.95
N ARG A 22 -3.04 9.41 -6.66
CA ARG A 22 -1.80 9.98 -6.19
C ARG A 22 -1.18 10.90 -7.23
N ARG A 23 -1.10 10.44 -8.47
CA ARG A 23 -0.51 11.21 -9.55
C ARG A 23 -1.29 12.50 -9.79
N GLU A 24 -2.61 12.41 -9.74
CA GLU A 24 -3.47 13.58 -9.88
C GLU A 24 -3.18 14.58 -8.75
N SER A 25 -2.98 14.06 -7.55
CA SER A 25 -2.66 14.89 -6.40
C SER A 25 -1.31 15.58 -6.58
N ARG A 26 -0.42 14.95 -7.35
CA ARG A 26 0.89 15.54 -7.65
C ARG A 26 0.82 16.39 -8.92
N GLY A 27 -0.39 16.63 -9.41
CA GLY A 27 -0.57 17.46 -10.59
C GLY A 27 -0.10 16.78 -11.86
N GLY A 28 0.00 15.46 -11.82
CA GLY A 28 0.46 14.71 -12.97
C GLY A 28 1.96 14.47 -12.91
N LYS A 29 2.62 15.08 -11.95
CA LYS A 29 4.05 14.91 -11.77
C LYS A 29 4.32 13.81 -10.76
N TYR A 30 3.97 12.58 -11.13
CA TYR A 30 4.11 11.44 -10.25
C TYR A 30 4.35 10.19 -11.07
N SER A 31 5.59 9.73 -11.13
CA SER A 31 5.91 8.55 -11.90
C SER A 31 5.47 7.30 -11.17
N ILE A 32 5.46 6.17 -11.86
CA ILE A 32 5.10 4.92 -11.24
C ILE A 32 6.12 4.54 -10.21
N ASP A 33 7.39 4.84 -10.48
CA ASP A 33 8.47 4.47 -9.59
C ASP A 33 8.39 5.26 -8.28
N ASP A 34 7.84 6.46 -8.37
CA ASP A 34 7.56 7.25 -7.17
C ASP A 34 6.49 6.55 -6.35
N TYR A 35 5.55 5.93 -7.05
CA TYR A 35 4.52 5.14 -6.40
C TYR A 35 5.08 3.81 -5.93
N LEU A 36 5.83 3.15 -6.80
CA LEU A 36 6.36 1.82 -6.53
C LEU A 36 7.30 1.82 -5.33
N ALA A 37 7.94 2.94 -5.07
CA ALA A 37 8.81 3.05 -3.90
C ALA A 37 8.00 3.15 -2.62
N ASP A 38 6.90 3.89 -2.66
CA ASP A 38 6.00 3.98 -1.51
C ASP A 38 5.15 2.73 -1.42
N ARG A 39 4.94 2.10 -2.58
CA ARG A 39 4.25 0.83 -2.67
C ARG A 39 5.11 -0.27 -2.05
N GLU A 40 6.42 -0.18 -2.29
CA GLU A 40 7.36 -1.13 -1.74
C GLU A 40 7.37 -1.00 -0.21
N ARG A 41 7.07 0.22 0.25
CA ARG A 41 6.87 0.46 1.68
C ARG A 41 5.67 -0.33 2.16
N GLU A 42 4.58 -0.20 1.41
CA GLU A 42 3.30 -0.81 1.76
C GLU A 42 3.43 -2.31 1.97
N GLU A 43 4.31 -2.94 1.20
CA GLU A 43 4.55 -4.36 1.32
C GLU A 43 4.98 -4.73 2.74
N GLU A 44 5.89 -3.93 3.29
CA GLU A 44 6.40 -4.16 4.63
C GLU A 44 5.40 -3.72 5.67
N LEU A 45 4.58 -2.76 5.29
CA LEU A 45 3.60 -2.16 6.19
C LEU A 45 2.32 -2.99 6.22
N LEU A 46 2.28 -4.04 5.40
CA LEU A 46 1.19 -5.00 5.44
C LEU A 46 1.29 -5.81 6.71
N GLU A 47 2.41 -6.50 6.88
CA GLU A 47 2.65 -7.30 8.06
C GLU A 47 3.37 -6.48 9.11
N ARG A 48 2.58 -5.93 10.02
CA ARG A 48 3.10 -5.05 11.05
C ARG A 48 3.72 -5.85 12.18
N ASP A 49 5.02 -6.10 12.08
CA ASP A 49 5.77 -6.80 13.11
C ASP A 49 5.63 -6.07 14.44
N GLU A 50 5.60 -4.74 14.36
CA GLU A 50 5.51 -3.89 15.53
C GLU A 50 4.14 -3.98 16.21
N GLU A 51 3.18 -4.64 15.55
CA GLU A 51 1.81 -4.70 16.05
C GLU A 51 1.69 -5.63 17.25
N GLU A 52 1.81 -6.94 17.01
CA GLU A 52 1.56 -7.90 18.08
C GLU A 52 2.30 -9.22 17.83
N ALA A 53 1.62 -10.20 17.24
CA ALA A 53 2.20 -11.53 17.04
C ALA A 53 2.41 -11.82 15.55
N ILE A 54 3.22 -10.99 14.92
CA ILE A 54 3.46 -11.13 13.49
C ILE A 54 4.91 -11.55 13.23
N PHE A 55 5.80 -11.07 14.07
CA PHE A 55 7.22 -11.35 13.93
C PHE A 55 7.60 -12.65 14.64
N GLY A 56 6.64 -13.25 15.32
CA GLY A 56 6.91 -14.47 16.05
C GLY A 56 5.71 -14.94 16.82
N ASP A 57 5.93 -15.79 17.81
CA ASP A 57 4.86 -16.34 18.62
C ASP A 57 4.55 -15.45 19.81
N GLY A 58 5.60 -14.97 20.47
CA GLY A 58 5.43 -14.10 21.61
C GLY A 58 5.05 -12.70 21.18
N PHE A 59 4.06 -12.12 21.86
CA PHE A 59 3.58 -10.80 21.49
C PHE A 59 3.62 -9.85 22.69
N GLY A 60 4.58 -10.06 23.57
CA GLY A 60 4.74 -9.21 24.73
C GLY A 60 5.45 -7.92 24.40
N LEU A 61 5.15 -7.37 23.24
CA LEU A 61 5.78 -6.15 22.76
C LEU A 61 4.99 -4.92 23.21
N LYS A 62 3.88 -4.67 22.55
CA LYS A 62 3.03 -3.53 22.90
C LYS A 62 1.81 -3.99 23.67
N ALA A 63 1.65 -5.30 23.82
CA ALA A 63 0.57 -5.86 24.61
C ALA A 63 0.86 -5.73 26.10
N THR A 64 1.97 -5.06 26.40
CA THR A 64 2.37 -4.79 27.77
C THR A 64 1.50 -3.71 28.39
N ARG A 65 1.71 -2.47 27.95
CA ARG A 65 1.00 -1.33 28.51
C ARG A 65 0.83 -0.23 27.46
N ARG A 66 0.04 -0.51 26.43
CA ARG A 66 -0.23 0.46 25.38
C ARG A 66 -1.72 0.69 25.22
N SER A 67 -2.49 0.24 26.19
CA SER A 67 -3.93 0.40 26.18
C SER A 67 -4.30 1.87 26.31
N ARG A 68 -4.84 2.44 25.23
CA ARG A 68 -5.18 3.86 25.20
C ARG A 68 -6.44 4.12 26.00
N LYS A 69 -6.35 5.08 26.91
CA LYS A 69 -7.48 5.49 27.75
C LYS A 69 -8.01 4.33 28.57
N ALA A 70 -7.10 3.51 29.09
CA ALA A 70 -7.48 2.37 29.91
C ALA A 70 -7.64 2.78 31.36
N GLU A 71 -8.91 2.95 31.77
CA GLU A 71 -9.25 3.30 33.14
C GLU A 71 -8.62 4.63 33.55
N ARG A 72 -9.11 5.69 32.95
CA ARG A 72 -8.67 7.04 33.29
C ARG A 72 -9.74 8.05 32.91
N ALA A 73 -10.62 8.35 33.84
CA ALA A 73 -11.70 9.30 33.61
C ALA A 73 -11.27 10.71 33.96
N LYS A 74 -10.97 10.94 35.23
CA LYS A 74 -10.59 12.26 35.71
C LYS A 74 -9.22 12.20 36.38
N LEU A 75 -8.18 12.18 35.57
CA LEU A 75 -6.81 12.12 36.08
C LEU A 75 -5.91 13.01 35.23
N GLY A 1 18.07 0.22 -23.30
CA GLY A 1 16.83 1.00 -23.52
C GLY A 1 15.59 0.14 -23.41
N ARG A 2 14.68 0.51 -22.54
CA ARG A 2 13.47 -0.28 -22.32
C ARG A 2 12.37 0.62 -21.77
N PRO A 3 11.09 0.32 -22.09
CA PRO A 3 9.94 1.10 -21.65
C PRO A 3 9.61 0.85 -20.18
N GLY A 4 10.45 0.05 -19.53
CA GLY A 4 10.26 -0.27 -18.12
C GLY A 4 10.63 0.89 -17.21
N VAL A 5 10.94 2.04 -17.81
CA VAL A 5 11.16 3.26 -17.05
C VAL A 5 9.87 3.73 -16.41
N PHE A 6 8.77 3.25 -16.95
CA PHE A 6 7.44 3.48 -16.41
C PHE A 6 6.74 2.14 -16.33
N ARG A 7 7.38 1.20 -15.65
CA ARG A 7 6.89 -0.17 -15.58
C ARG A 7 5.86 -0.29 -14.46
N THR A 8 4.67 -0.73 -14.83
CA THR A 8 3.58 -0.90 -13.88
C THR A 8 3.91 -1.94 -12.81
N ARG A 9 4.86 -2.81 -13.12
CA ARG A 9 5.31 -3.86 -12.20
C ARG A 9 4.17 -4.85 -11.94
N GLY A 10 3.20 -4.86 -12.85
CA GLY A 10 2.04 -5.71 -12.69
C GLY A 10 0.99 -5.07 -11.81
N LEU A 11 1.02 -3.74 -11.73
CA LEU A 11 0.06 -2.99 -10.95
C LEU A 11 -1.35 -3.31 -11.40
N THR A 12 -2.17 -3.74 -10.47
CA THR A 12 -3.56 -4.03 -10.75
C THR A 12 -4.37 -2.75 -10.76
N ASP A 13 -5.61 -2.82 -11.23
CA ASP A 13 -6.43 -1.63 -11.37
C ASP A 13 -6.53 -0.86 -10.05
N GLU A 14 -6.65 -1.58 -8.95
CA GLU A 14 -6.79 -0.95 -7.65
C GLU A 14 -5.53 -0.17 -7.25
N GLU A 15 -4.37 -0.73 -7.56
CA GLU A 15 -3.09 -0.06 -7.28
C GLU A 15 -2.90 1.09 -8.24
N TYR A 16 -3.14 0.82 -9.51
CA TYR A 16 -2.97 1.82 -10.55
C TYR A 16 -3.95 2.96 -10.36
N ASP A 17 -5.13 2.65 -9.85
CA ASP A 17 -6.13 3.65 -9.57
C ASP A 17 -5.66 4.55 -8.44
N GLU A 18 -5.13 3.95 -7.39
CA GLU A 18 -4.53 4.68 -6.29
C GLU A 18 -3.42 5.56 -6.85
N PHE A 19 -2.63 4.97 -7.72
CA PHE A 19 -1.55 5.66 -8.42
C PHE A 19 -2.10 6.88 -9.18
N LYS A 20 -3.20 6.70 -9.91
CA LYS A 20 -3.82 7.80 -10.65
C LYS A 20 -4.25 8.92 -9.71
N LYS A 21 -4.91 8.54 -8.62
CA LYS A 21 -5.34 9.49 -7.62
C LYS A 21 -4.15 10.23 -7.04
N ARG A 22 -3.10 9.48 -6.74
CA ARG A 22 -1.87 10.02 -6.21
C ARG A 22 -1.19 10.92 -7.22
N ARG A 23 -1.15 10.49 -8.47
CA ARG A 23 -0.57 11.28 -9.54
C ARG A 23 -1.34 12.58 -9.72
N GLU A 24 -2.65 12.50 -9.60
CA GLU A 24 -3.51 13.68 -9.63
C GLU A 24 -3.19 14.60 -8.46
N SER A 25 -2.89 14.00 -7.31
CA SER A 25 -2.55 14.75 -6.11
C SER A 25 -1.18 15.42 -6.27
N ARG A 26 -0.32 14.84 -7.10
CA ARG A 26 0.98 15.43 -7.40
C ARG A 26 0.91 16.34 -8.61
N GLY A 27 -0.30 16.57 -9.11
CA GLY A 27 -0.50 17.45 -10.25
C GLY A 27 0.04 16.87 -11.55
N GLY A 28 0.08 15.54 -11.62
CA GLY A 28 0.57 14.88 -12.82
C GLY A 28 2.03 14.49 -12.71
N LYS A 29 2.75 15.16 -11.82
CA LYS A 29 4.16 14.89 -11.64
C LYS A 29 4.37 13.74 -10.66
N TYR A 30 3.89 12.57 -11.05
CA TYR A 30 4.00 11.39 -10.23
C TYR A 30 4.21 10.18 -11.12
N SER A 31 5.43 9.70 -11.20
CA SER A 31 5.71 8.53 -12.00
C SER A 31 5.41 7.28 -11.20
N ILE A 32 5.45 6.13 -11.85
CA ILE A 32 5.13 4.90 -11.16
C ILE A 32 6.22 4.55 -10.17
N ASP A 33 7.46 4.92 -10.47
CA ASP A 33 8.57 4.61 -9.58
C ASP A 33 8.37 5.25 -8.21
N ASP A 34 7.82 6.45 -8.20
CA ASP A 34 7.54 7.12 -6.93
C ASP A 34 6.43 6.38 -6.20
N TYR A 35 5.47 5.88 -6.97
CA TYR A 35 4.41 5.04 -6.43
C TYR A 35 5.00 3.71 -5.96
N LEU A 36 5.87 3.15 -6.78
CA LEU A 36 6.49 1.87 -6.52
C LEU A 36 7.36 1.93 -5.27
N ALA A 37 7.98 3.07 -5.02
CA ALA A 37 8.80 3.27 -3.83
C ALA A 37 7.93 3.29 -2.58
N ASP A 38 6.78 3.94 -2.67
CA ASP A 38 5.81 3.94 -1.58
C ASP A 38 5.18 2.55 -1.48
N ARG A 39 4.93 1.95 -2.65
CA ARG A 39 4.39 0.60 -2.75
C ARG A 39 5.30 -0.40 -2.02
N GLU A 40 6.62 -0.20 -2.17
CA GLU A 40 7.63 -0.98 -1.44
C GLU A 40 7.34 -0.95 0.06
N ARG A 41 6.81 0.18 0.52
CA ARG A 41 6.47 0.36 1.91
C ARG A 41 5.05 -0.13 2.20
N GLU A 42 4.18 0.03 1.21
CA GLU A 42 2.77 -0.28 1.38
C GLU A 42 2.55 -1.76 1.69
N GLU A 43 3.43 -2.62 1.19
CA GLU A 43 3.29 -4.05 1.40
C GLU A 43 3.27 -4.40 2.90
N GLU A 44 4.07 -3.70 3.68
CA GLU A 44 4.11 -3.93 5.13
C GLU A 44 3.04 -3.07 5.81
N LEU A 45 2.57 -2.07 5.09
CA LEU A 45 1.58 -1.14 5.63
C LEU A 45 0.17 -1.62 5.33
N LEU A 46 0.07 -2.77 4.69
CA LEU A 46 -1.23 -3.39 4.41
C LEU A 46 -1.65 -4.25 5.60
N GLU A 47 -0.77 -4.33 6.58
CA GLU A 47 -1.03 -5.11 7.78
C GLU A 47 -0.57 -4.37 9.03
N ARG A 48 -1.45 -3.57 9.60
CA ARG A 48 -1.09 -2.88 10.83
C ARG A 48 -2.11 -3.17 11.94
N ASP A 49 -3.36 -2.78 11.70
CA ASP A 49 -4.41 -2.84 12.71
C ASP A 49 -5.70 -2.22 12.19
N GLU A 50 -5.55 -1.14 11.43
CA GLU A 50 -6.68 -0.31 11.03
C GLU A 50 -7.30 -0.75 9.70
N GLU A 51 -6.51 -1.42 8.88
CA GLU A 51 -6.92 -1.68 7.51
C GLU A 51 -7.63 -3.02 7.35
N GLU A 52 -7.33 -3.97 8.23
CA GLU A 52 -7.92 -5.30 8.15
C GLU A 52 -7.74 -6.07 9.46
N ALA A 53 -8.02 -7.36 9.42
CA ALA A 53 -7.92 -8.21 10.61
C ALA A 53 -6.49 -8.61 10.91
N ILE A 54 -5.67 -7.65 11.29
CA ILE A 54 -4.31 -7.92 11.70
C ILE A 54 -4.24 -8.06 13.22
N PHE A 55 -5.25 -7.50 13.86
CA PHE A 55 -5.32 -7.50 15.32
C PHE A 55 -6.15 -8.67 15.82
N GLY A 56 -6.51 -9.58 14.92
CA GLY A 56 -7.32 -10.71 15.30
C GLY A 56 -7.76 -11.53 14.10
N ASP A 57 -8.90 -12.18 14.23
CA ASP A 57 -9.42 -13.04 13.17
C ASP A 57 -10.51 -12.34 12.37
N GLY A 58 -10.85 -11.12 12.79
CA GLY A 58 -11.83 -10.35 12.07
C GLY A 58 -11.75 -8.87 12.40
N PHE A 59 -12.40 -8.05 11.60
CA PHE A 59 -12.42 -6.61 11.84
C PHE A 59 -13.86 -6.10 11.77
N GLY A 60 -14.79 -6.96 12.18
CA GLY A 60 -16.21 -6.65 12.06
C GLY A 60 -16.63 -5.45 12.89
N LEU A 61 -15.83 -5.09 13.88
CA LEU A 61 -16.14 -3.96 14.74
C LEU A 61 -15.67 -2.64 14.11
N LYS A 62 -15.08 -2.73 12.92
CA LYS A 62 -14.59 -1.55 12.23
C LYS A 62 -14.87 -1.66 10.74
N ALA A 63 -15.02 -0.53 10.08
CA ALA A 63 -15.19 -0.49 8.64
C ALA A 63 -14.17 0.44 8.02
N THR A 64 -13.08 -0.14 7.53
CA THR A 64 -12.01 0.65 6.95
C THR A 64 -12.49 1.39 5.70
N ARG A 65 -12.57 2.70 5.80
CA ARG A 65 -13.09 3.51 4.71
C ARG A 65 -11.96 3.95 3.79
N ARG A 66 -11.34 2.99 3.12
CA ARG A 66 -10.24 3.27 2.20
C ARG A 66 -10.70 3.18 0.74
N SER A 67 -11.95 2.82 0.55
CA SER A 67 -12.49 2.66 -0.79
C SER A 67 -13.72 3.53 -0.97
N ARG A 68 -13.70 4.70 -0.33
CA ARG A 68 -14.84 5.61 -0.28
C ARG A 68 -15.40 5.92 -1.66
N LYS A 69 -14.50 6.12 -2.61
CA LYS A 69 -14.89 6.40 -3.99
C LYS A 69 -14.28 5.37 -4.92
N ALA A 70 -14.04 4.18 -4.39
CA ALA A 70 -13.46 3.09 -5.17
C ALA A 70 -14.49 2.02 -5.47
N GLU A 71 -14.99 1.38 -4.42
CA GLU A 71 -15.95 0.30 -4.57
C GLU A 71 -16.91 0.25 -3.39
N ARG A 72 -17.00 1.34 -2.66
CA ARG A 72 -17.85 1.37 -1.49
C ARG A 72 -18.99 2.37 -1.72
N ALA A 73 -19.64 2.23 -2.87
CA ALA A 73 -20.72 3.13 -3.24
C ALA A 73 -21.96 2.87 -2.39
N LYS A 74 -22.12 1.63 -1.94
CA LYS A 74 -23.23 1.28 -1.08
C LYS A 74 -22.82 1.38 0.37
N LEU A 75 -22.90 2.59 0.91
CA LEU A 75 -22.58 2.84 2.31
C LEU A 75 -23.45 3.96 2.84
N GLY A 1 16.20 0.16 -24.29
CA GLY A 1 15.25 -0.96 -24.55
C GLY A 1 14.84 -1.66 -23.28
N ARG A 2 14.17 -2.81 -23.43
CA ARG A 2 13.71 -3.62 -22.29
C ARG A 2 12.55 -2.94 -21.55
N PRO A 3 11.63 -3.75 -21.01
CA PRO A 3 10.48 -3.24 -20.26
C PRO A 3 10.84 -2.84 -18.84
N GLY A 4 11.87 -2.01 -18.70
CA GLY A 4 12.27 -1.53 -17.39
C GLY A 4 12.30 -0.02 -17.34
N VAL A 5 11.82 0.59 -18.41
CA VAL A 5 11.83 2.04 -18.53
C VAL A 5 10.70 2.67 -17.71
N PHE A 6 9.59 1.96 -17.61
CA PHE A 6 8.44 2.43 -16.85
C PHE A 6 8.23 1.53 -15.64
N ARG A 7 7.92 0.27 -15.89
CA ARG A 7 7.69 -0.73 -14.84
C ARG A 7 6.41 -0.44 -14.06
N THR A 8 5.33 -1.05 -14.49
CA THR A 8 4.08 -0.98 -13.76
C THR A 8 4.13 -1.90 -12.55
N ARG A 9 5.12 -2.80 -12.59
CA ARG A 9 5.44 -3.71 -11.49
C ARG A 9 4.22 -4.53 -11.05
N GLY A 10 3.45 -4.99 -12.03
CA GLY A 10 2.29 -5.80 -11.74
C GLY A 10 1.20 -5.03 -11.02
N LEU A 11 1.10 -3.74 -11.31
CA LEU A 11 0.05 -2.91 -10.73
C LEU A 11 -1.30 -3.37 -11.23
N THR A 12 -2.17 -3.74 -10.31
CA THR A 12 -3.54 -4.08 -10.65
C THR A 12 -4.37 -2.81 -10.79
N ASP A 13 -5.64 -2.95 -11.15
CA ASP A 13 -6.50 -1.79 -11.35
C ASP A 13 -6.55 -0.92 -10.09
N GLU A 14 -6.61 -1.57 -8.93
CA GLU A 14 -6.71 -0.85 -7.66
C GLU A 14 -5.43 -0.09 -7.34
N GLU A 15 -4.29 -0.75 -7.51
CA GLU A 15 -2.99 -0.10 -7.31
C GLU A 15 -2.84 1.05 -8.29
N TYR A 16 -3.19 0.79 -9.54
CA TYR A 16 -3.07 1.78 -10.59
C TYR A 16 -4.04 2.93 -10.35
N ASP A 17 -5.22 2.61 -9.85
CA ASP A 17 -6.21 3.63 -9.52
C ASP A 17 -5.70 4.50 -8.40
N GLU A 18 -5.10 3.87 -7.39
CA GLU A 18 -4.48 4.60 -6.29
C GLU A 18 -3.36 5.48 -6.84
N PHE A 19 -2.57 4.89 -7.72
CA PHE A 19 -1.52 5.60 -8.41
C PHE A 19 -2.08 6.81 -9.17
N LYS A 20 -3.20 6.62 -9.87
CA LYS A 20 -3.85 7.70 -10.59
C LYS A 20 -4.24 8.82 -9.65
N LYS A 21 -4.94 8.46 -8.57
CA LYS A 21 -5.34 9.41 -7.56
C LYS A 21 -4.14 10.18 -7.03
N ARG A 22 -3.09 9.43 -6.72
CA ARG A 22 -1.86 9.98 -6.19
C ARG A 22 -1.13 10.83 -7.22
N ARG A 23 -1.18 10.41 -8.46
CA ARG A 23 -0.57 11.16 -9.55
C ARG A 23 -1.33 12.45 -9.82
N GLU A 24 -2.65 12.36 -9.74
CA GLU A 24 -3.50 13.54 -9.86
C GLU A 24 -3.17 14.52 -8.73
N SER A 25 -2.96 13.97 -7.54
CA SER A 25 -2.60 14.75 -6.37
C SER A 25 -1.28 15.50 -6.61
N ARG A 26 -0.36 14.88 -7.31
CA ARG A 26 0.93 15.49 -7.63
C ARG A 26 0.86 16.32 -8.91
N GLY A 27 -0.34 16.58 -9.38
CA GLY A 27 -0.52 17.38 -10.59
C GLY A 27 0.04 16.70 -11.82
N GLY A 28 -0.06 15.38 -11.86
CA GLY A 28 0.44 14.63 -12.99
C GLY A 28 1.92 14.31 -12.87
N LYS A 29 2.62 15.07 -12.03
CA LYS A 29 4.04 14.90 -11.82
C LYS A 29 4.32 13.80 -10.80
N TYR A 30 3.81 12.62 -11.08
CA TYR A 30 3.97 11.48 -10.20
C TYR A 30 4.28 10.24 -11.01
N SER A 31 5.54 9.85 -11.04
CA SER A 31 5.92 8.67 -11.78
C SER A 31 5.56 7.42 -11.01
N ILE A 32 5.55 6.30 -11.70
CA ILE A 32 5.26 5.05 -11.05
C ILE A 32 6.34 4.69 -10.05
N ASP A 33 7.58 5.09 -10.32
CA ASP A 33 8.69 4.73 -9.45
C ASP A 33 8.54 5.41 -8.09
N ASP A 34 7.92 6.58 -8.10
CA ASP A 34 7.58 7.26 -6.85
C ASP A 34 6.52 6.45 -6.13
N TYR A 35 5.54 6.00 -6.91
CA TYR A 35 4.49 5.12 -6.39
C TYR A 35 5.09 3.81 -5.89
N LEU A 36 5.93 3.22 -6.72
CA LEU A 36 6.52 1.90 -6.47
C LEU A 36 7.40 1.90 -5.23
N ALA A 37 8.09 3.02 -4.98
CA ALA A 37 8.98 3.13 -3.83
C ALA A 37 8.18 3.24 -2.54
N ASP A 38 6.98 3.76 -2.65
CA ASP A 38 6.08 3.85 -1.51
C ASP A 38 5.23 2.59 -1.46
N ARG A 39 4.95 2.04 -2.63
CA ARG A 39 4.24 0.78 -2.77
C ARG A 39 5.04 -0.33 -2.12
N GLU A 40 6.36 -0.26 -2.25
CA GLU A 40 7.25 -1.22 -1.63
C GLU A 40 7.01 -1.23 -0.12
N ARG A 41 6.64 -0.06 0.39
CA ARG A 41 6.29 0.09 1.79
C ARG A 41 4.91 -0.48 2.04
N GLU A 42 4.02 -0.22 1.10
CA GLU A 42 2.63 -0.62 1.21
C GLU A 42 2.46 -2.13 1.09
N GLU A 43 3.45 -2.80 0.51
CA GLU A 43 3.46 -4.26 0.48
C GLU A 43 3.60 -4.80 1.89
N GLU A 44 4.25 -4.02 2.74
CA GLU A 44 4.37 -4.32 4.16
C GLU A 44 3.09 -3.93 4.88
N LEU A 45 2.49 -2.86 4.40
CA LEU A 45 1.33 -2.27 5.05
C LEU A 45 0.05 -3.01 4.64
N LEU A 46 -0.48 -2.66 3.47
CA LEU A 46 -1.71 -3.27 2.92
C LEU A 46 -2.90 -3.13 3.87
N GLU A 47 -3.01 -4.07 4.80
CA GLU A 47 -4.14 -4.13 5.71
C GLU A 47 -3.83 -3.42 7.02
N ARG A 48 -4.75 -2.59 7.47
CA ARG A 48 -4.56 -1.85 8.70
C ARG A 48 -4.96 -2.68 9.91
N ASP A 49 -5.59 -3.82 9.63
CA ASP A 49 -5.94 -4.83 10.64
C ASP A 49 -6.78 -4.24 11.78
N GLU A 50 -6.13 -3.79 12.84
CA GLU A 50 -6.80 -3.41 14.07
C GLU A 50 -7.28 -1.95 14.02
N GLU A 51 -6.83 -1.22 13.00
CA GLU A 51 -7.16 0.20 12.86
C GLU A 51 -8.67 0.44 12.98
N GLU A 52 -9.47 -0.48 12.48
CA GLU A 52 -10.91 -0.41 12.63
C GLU A 52 -11.50 -1.82 12.61
N ALA A 53 -11.67 -2.36 11.41
CA ALA A 53 -12.16 -3.70 11.21
C ALA A 53 -11.72 -4.21 9.86
N ILE A 54 -10.50 -4.69 9.78
CA ILE A 54 -9.96 -5.19 8.52
C ILE A 54 -9.75 -6.69 8.62
N PHE A 55 -9.41 -7.14 9.82
CA PHE A 55 -9.19 -8.56 10.07
C PHE A 55 -10.53 -9.28 10.19
N GLY A 56 -10.55 -10.53 9.76
CA GLY A 56 -11.78 -11.30 9.80
C GLY A 56 -12.50 -11.25 8.47
N ASP A 57 -11.75 -10.91 7.43
CA ASP A 57 -12.27 -10.82 6.06
C ASP A 57 -13.33 -9.73 5.93
N GLY A 58 -12.88 -8.51 5.72
CA GLY A 58 -13.78 -7.39 5.56
C GLY A 58 -13.93 -6.60 6.83
N PHE A 59 -15.03 -5.86 6.94
CA PHE A 59 -15.29 -5.02 8.10
C PHE A 59 -16.65 -5.38 8.72
N GLY A 60 -16.89 -6.67 8.87
CA GLY A 60 -18.12 -7.14 9.46
C GLY A 60 -18.18 -6.89 10.96
N LEU A 61 -17.01 -6.71 11.56
CA LEU A 61 -16.92 -6.44 12.99
C LEU A 61 -17.41 -5.03 13.31
N LYS A 62 -17.45 -4.70 14.60
CA LYS A 62 -17.91 -3.38 15.03
C LYS A 62 -16.85 -2.32 14.73
N ALA A 63 -17.30 -1.09 14.57
CA ALA A 63 -16.40 0.02 14.29
C ALA A 63 -16.65 1.15 15.29
N THR A 64 -15.95 1.08 16.41
CA THR A 64 -16.11 2.04 17.48
C THR A 64 -15.40 3.35 17.14
N ARG A 65 -16.11 4.46 17.31
CA ARG A 65 -15.58 5.79 17.00
C ARG A 65 -15.26 5.91 15.52
N ARG A 66 -16.10 5.30 14.70
CA ARG A 66 -15.95 5.38 13.24
C ARG A 66 -16.31 6.77 12.75
N SER A 67 -17.23 7.40 13.47
CA SER A 67 -17.63 8.76 13.16
C SER A 67 -16.70 9.74 13.87
N ARG A 68 -15.44 9.74 13.45
CA ARG A 68 -14.41 10.54 14.08
C ARG A 68 -14.69 12.03 13.92
N LYS A 69 -15.27 12.40 12.79
CA LYS A 69 -15.57 13.80 12.51
C LYS A 69 -16.82 14.24 13.28
N ALA A 70 -17.57 13.27 13.80
CA ALA A 70 -18.77 13.55 14.55
C ALA A 70 -18.46 13.77 16.03
N GLU A 71 -17.51 14.65 16.29
CA GLU A 71 -17.11 14.96 17.65
C GLU A 71 -18.06 15.96 18.29
N ARG A 72 -18.99 16.45 17.49
CA ARG A 72 -20.01 17.38 17.97
C ARG A 72 -21.22 16.60 18.47
N ALA A 73 -21.82 17.06 19.56
CA ALA A 73 -22.96 16.37 20.16
C ALA A 73 -24.28 16.91 19.62
N LYS A 74 -24.25 17.39 18.38
CA LYS A 74 -25.45 17.94 17.76
C LYS A 74 -25.80 17.15 16.50
N LEU A 75 -25.35 15.92 16.43
CA LEU A 75 -25.59 15.07 15.26
C LEU A 75 -26.59 13.97 15.60
N GLY A 1 16.49 4.09 -26.71
CA GLY A 1 15.82 3.00 -25.95
C GLY A 1 15.54 3.40 -24.53
N ARG A 2 14.57 4.30 -24.35
CA ARG A 2 14.22 4.79 -23.02
C ARG A 2 13.38 3.74 -22.30
N PRO A 3 13.63 3.53 -21.00
CA PRO A 3 12.90 2.54 -20.21
C PRO A 3 11.53 3.05 -19.78
N GLY A 4 10.61 3.14 -20.74
CA GLY A 4 9.27 3.57 -20.44
C GLY A 4 8.24 2.73 -21.19
N VAL A 5 8.60 1.50 -21.48
CA VAL A 5 7.76 0.61 -22.28
C VAL A 5 6.67 -0.04 -21.43
N PHE A 6 6.87 -0.05 -20.12
CA PHE A 6 5.93 -0.68 -19.22
C PHE A 6 5.64 0.25 -18.04
N ARG A 7 6.63 0.39 -17.16
CA ARG A 7 6.54 1.29 -16.01
C ARG A 7 5.27 1.07 -15.21
N THR A 8 5.09 -0.15 -14.71
CA THR A 8 3.92 -0.48 -13.91
C THR A 8 4.23 -1.61 -12.92
N ARG A 9 5.31 -2.34 -13.18
CA ARG A 9 5.75 -3.46 -12.34
C ARG A 9 4.75 -4.64 -12.43
N GLY A 10 3.58 -4.44 -11.87
CA GLY A 10 2.52 -5.42 -11.94
C GLY A 10 1.25 -4.86 -11.40
N LEU A 11 1.11 -3.54 -11.55
CA LEU A 11 0.01 -2.81 -10.97
C LEU A 11 -1.32 -3.24 -11.55
N THR A 12 -2.21 -3.65 -10.66
CA THR A 12 -3.56 -3.96 -11.05
C THR A 12 -4.40 -2.70 -11.10
N ASP A 13 -5.65 -2.81 -11.51
CA ASP A 13 -6.51 -1.64 -11.66
C ASP A 13 -6.63 -0.88 -10.35
N GLU A 14 -6.61 -1.61 -9.23
CA GLU A 14 -6.75 -0.99 -7.92
C GLU A 14 -5.49 -0.20 -7.57
N GLU A 15 -4.32 -0.79 -7.78
CA GLU A 15 -3.06 -0.13 -7.49
C GLU A 15 -2.87 1.04 -8.44
N TYR A 16 -3.20 0.81 -9.70
CA TYR A 16 -3.06 1.84 -10.72
C TYR A 16 -4.03 2.99 -10.45
N ASP A 17 -5.22 2.65 -9.97
CA ASP A 17 -6.21 3.67 -9.62
C ASP A 17 -5.69 4.53 -8.48
N GLU A 18 -5.14 3.87 -7.48
CA GLU A 18 -4.56 4.54 -6.33
C GLU A 18 -3.37 5.37 -6.79
N PHE A 19 -2.64 4.84 -7.74
CA PHE A 19 -1.54 5.54 -8.38
C PHE A 19 -2.05 6.77 -9.12
N LYS A 20 -3.17 6.62 -9.84
CA LYS A 20 -3.75 7.75 -10.54
C LYS A 20 -4.14 8.85 -9.57
N LYS A 21 -4.70 8.43 -8.44
CA LYS A 21 -5.07 9.37 -7.37
C LYS A 21 -3.83 10.06 -6.83
N ARG A 22 -2.82 9.27 -6.52
CA ARG A 22 -1.55 9.78 -6.01
C ARG A 22 -0.85 10.64 -7.06
N ARG A 23 -1.01 10.28 -8.31
CA ARG A 23 -0.45 11.04 -9.41
C ARG A 23 -1.23 12.34 -9.62
N GLU A 24 -2.54 12.26 -9.42
CA GLU A 24 -3.39 13.44 -9.45
C GLU A 24 -3.00 14.39 -8.32
N SER A 25 -2.61 13.79 -7.19
CA SER A 25 -2.13 14.55 -6.03
C SER A 25 -0.84 15.30 -6.37
N ARG A 26 -0.20 14.90 -7.45
CA ARG A 26 1.02 15.55 -7.91
C ARG A 26 0.79 16.28 -9.23
N GLY A 27 -0.48 16.53 -9.55
CA GLY A 27 -0.82 17.25 -10.78
C GLY A 27 -0.48 16.47 -12.04
N GLY A 28 -0.23 15.18 -11.87
CA GLY A 28 0.15 14.35 -13.00
C GLY A 28 1.63 14.06 -13.01
N LYS A 29 2.39 14.83 -12.24
CA LYS A 29 3.83 14.67 -12.20
C LYS A 29 4.22 13.66 -11.12
N TYR A 30 3.78 12.43 -11.31
CA TYR A 30 4.00 11.35 -10.37
C TYR A 30 4.27 10.07 -11.15
N SER A 31 5.50 9.63 -11.21
CA SER A 31 5.82 8.47 -12.02
C SER A 31 5.51 7.20 -11.26
N ILE A 32 5.50 6.08 -11.96
CA ILE A 32 5.17 4.82 -11.33
C ILE A 32 6.20 4.50 -10.26
N ASP A 33 7.45 4.89 -10.49
CA ASP A 33 8.53 4.62 -9.53
C ASP A 33 8.28 5.35 -8.23
N ASP A 34 7.66 6.51 -8.31
CA ASP A 34 7.31 7.28 -7.12
C ASP A 34 6.18 6.58 -6.39
N TYR A 35 5.30 5.94 -7.14
CA TYR A 35 4.26 5.10 -6.56
C TYR A 35 4.88 3.82 -6.02
N LEU A 36 5.72 3.21 -6.83
CA LEU A 36 6.38 1.96 -6.49
C LEU A 36 7.23 2.13 -5.24
N ALA A 37 7.81 3.31 -5.06
CA ALA A 37 8.57 3.65 -3.87
C ALA A 37 7.68 3.61 -2.63
N ASP A 38 6.49 4.17 -2.75
CA ASP A 38 5.52 4.14 -1.66
C ASP A 38 4.96 2.74 -1.53
N ARG A 39 4.80 2.09 -2.68
CA ARG A 39 4.31 0.71 -2.75
C ARG A 39 5.29 -0.23 -2.02
N GLU A 40 6.58 0.06 -2.15
CA GLU A 40 7.63 -0.66 -1.42
C GLU A 40 7.38 -0.56 0.08
N ARG A 41 6.90 0.60 0.51
CA ARG A 41 6.56 0.83 1.90
C ARG A 41 5.29 0.08 2.26
N GLU A 42 4.32 0.15 1.36
CA GLU A 42 2.99 -0.42 1.57
C GLU A 42 3.03 -1.91 1.83
N GLU A 43 4.06 -2.58 1.33
CA GLU A 43 4.21 -4.02 1.49
C GLU A 43 4.03 -4.44 2.96
N GLU A 44 4.67 -3.72 3.86
CA GLU A 44 4.55 -4.02 5.28
C GLU A 44 3.35 -3.31 5.90
N LEU A 45 2.91 -2.25 5.23
CA LEU A 45 1.83 -1.42 5.76
C LEU A 45 0.46 -2.06 5.52
N LEU A 46 0.44 -3.08 4.66
CA LEU A 46 -0.79 -3.82 4.40
C LEU A 46 -1.23 -4.58 5.65
N GLU A 47 -0.25 -5.07 6.40
CA GLU A 47 -0.52 -5.88 7.57
C GLU A 47 -0.09 -5.18 8.85
N ARG A 48 0.43 -3.97 8.70
CA ARG A 48 0.95 -3.23 9.85
C ARG A 48 0.62 -1.75 9.73
N ASP A 49 1.13 -0.95 10.67
CA ASP A 49 0.95 0.50 10.65
C ASP A 49 -0.50 0.90 10.91
N GLU A 50 -1.33 0.85 9.87
CA GLU A 50 -2.75 1.21 9.99
C GLU A 50 -3.54 0.13 10.73
N GLU A 51 -2.92 -1.01 10.93
CA GLU A 51 -3.60 -2.14 11.56
C GLU A 51 -3.59 -2.04 13.08
N GLU A 52 -3.23 -0.85 13.56
CA GLU A 52 -3.32 -0.49 14.99
C GLU A 52 -2.24 -1.17 15.84
N ALA A 53 -1.38 -0.34 16.42
CA ALA A 53 -0.43 -0.78 17.45
C ALA A 53 0.59 -1.79 16.92
N ILE A 54 1.27 -1.43 15.84
CA ILE A 54 2.38 -2.23 15.34
C ILE A 54 3.63 -1.38 15.31
N PHE A 55 3.47 -0.16 14.85
CA PHE A 55 4.54 0.83 14.81
C PHE A 55 4.82 1.34 16.22
N GLY A 56 6.04 1.79 16.44
CA GLY A 56 6.40 2.38 17.73
C GLY A 56 6.10 1.46 18.89
N ASP A 57 5.36 1.98 19.86
CA ASP A 57 5.01 1.21 21.05
C ASP A 57 3.49 1.14 21.23
N GLY A 58 2.77 1.96 20.46
CA GLY A 58 1.33 2.00 20.59
C GLY A 58 0.63 2.30 19.29
N PHE A 59 -0.50 2.98 19.38
CA PHE A 59 -1.29 3.33 18.21
C PHE A 59 -1.87 4.73 18.36
N GLY A 60 -2.53 5.20 17.32
CA GLY A 60 -3.13 6.53 17.36
C GLY A 60 -2.12 7.64 17.09
N LEU A 61 -0.91 7.45 17.62
CA LEU A 61 0.17 8.42 17.47
C LEU A 61 0.41 8.76 16.00
N LYS A 62 0.58 7.72 15.18
CA LYS A 62 0.86 7.91 13.77
C LYS A 62 0.10 6.90 12.93
N ALA A 63 -1.20 6.78 13.17
CA ALA A 63 -2.02 5.86 12.39
C ALA A 63 -3.50 6.16 12.60
N THR A 64 -4.31 5.70 11.66
CA THR A 64 -5.76 5.80 11.73
C THR A 64 -6.25 7.23 11.56
N ARG A 65 -7.15 7.43 10.60
CA ARG A 65 -7.74 8.74 10.37
C ARG A 65 -8.82 9.03 11.41
N ARG A 66 -8.45 8.84 12.66
CA ARG A 66 -9.34 9.05 13.79
C ARG A 66 -9.03 10.39 14.43
N SER A 67 -7.83 10.88 14.17
CA SER A 67 -7.33 12.09 14.80
C SER A 67 -7.94 13.36 14.20
N ARG A 68 -9.23 13.55 14.43
CA ARG A 68 -9.88 14.78 14.03
C ARG A 68 -10.31 15.58 15.25
N LYS A 69 -10.25 14.94 16.42
CA LYS A 69 -10.59 15.59 17.68
C LYS A 69 -9.60 15.19 18.76
N ALA A 70 -8.35 14.94 18.35
CA ALA A 70 -7.33 14.47 19.28
C ALA A 70 -6.53 15.65 19.84
N GLU A 71 -6.00 15.46 21.04
CA GLU A 71 -5.17 16.48 21.68
C GLU A 71 -3.69 16.21 21.40
N ARG A 72 -3.31 16.30 20.14
CA ARG A 72 -1.96 16.00 19.72
C ARG A 72 -1.09 17.25 19.76
N ALA A 73 -0.99 17.87 20.92
CA ALA A 73 -0.21 19.08 21.09
C ALA A 73 1.25 18.75 21.34
N LYS A 74 1.50 17.87 22.30
CA LYS A 74 2.86 17.50 22.67
C LYS A 74 3.32 16.29 21.87
N LEU A 75 3.99 16.55 20.77
CA LEU A 75 4.49 15.50 19.90
C LEU A 75 6.01 15.53 19.85
N GLY A 1 19.63 3.60 -22.54
CA GLY A 1 18.75 3.96 -21.40
C GLY A 1 17.97 2.77 -20.90
N ARG A 2 16.91 3.02 -20.15
CA ARG A 2 16.07 1.96 -19.63
C ARG A 2 14.60 2.32 -19.83
N PRO A 3 13.72 1.32 -19.94
CA PRO A 3 12.29 1.54 -20.08
C PRO A 3 11.63 1.86 -18.73
N GLY A 4 12.32 2.64 -17.92
CA GLY A 4 11.83 2.93 -16.58
C GLY A 4 10.97 4.17 -16.55
N VAL A 5 10.32 4.46 -17.67
CA VAL A 5 9.43 5.61 -17.76
C VAL A 5 8.06 5.27 -17.22
N PHE A 6 7.76 3.97 -17.18
CA PHE A 6 6.47 3.49 -16.70
C PHE A 6 6.53 1.98 -16.53
N ARG A 7 7.04 1.54 -15.40
CA ARG A 7 7.13 0.12 -15.11
C ARG A 7 6.02 -0.31 -14.15
N THR A 8 5.02 -0.96 -14.71
CA THR A 8 3.96 -1.52 -13.89
C THR A 8 4.42 -2.82 -13.24
N ARG A 9 4.65 -2.77 -11.92
CA ARG A 9 4.98 -3.98 -11.17
C ARG A 9 3.75 -4.84 -10.95
N GLY A 10 3.11 -5.22 -12.06
CA GLY A 10 1.86 -5.94 -11.96
C GLY A 10 0.79 -5.11 -11.30
N LEU A 11 0.81 -3.81 -11.59
CA LEU A 11 -0.16 -2.90 -11.00
C LEU A 11 -1.56 -3.21 -11.48
N THR A 12 -2.37 -3.73 -10.58
CA THR A 12 -3.76 -4.01 -10.89
C THR A 12 -4.52 -2.72 -11.11
N ASP A 13 -5.81 -2.84 -11.38
CA ASP A 13 -6.64 -1.66 -11.56
C ASP A 13 -6.79 -0.94 -10.22
N GLU A 14 -6.44 -1.62 -9.14
CA GLU A 14 -6.51 -1.03 -7.81
C GLU A 14 -5.25 -0.22 -7.53
N GLU A 15 -4.09 -0.87 -7.66
CA GLU A 15 -2.81 -0.19 -7.45
C GLU A 15 -2.69 0.99 -8.39
N TYR A 16 -3.14 0.78 -9.62
CA TYR A 16 -3.07 1.82 -10.63
C TYR A 16 -4.05 2.94 -10.31
N ASP A 17 -5.20 2.60 -9.75
CA ASP A 17 -6.19 3.61 -9.40
C ASP A 17 -5.67 4.46 -8.25
N GLU A 18 -5.04 3.80 -7.29
CA GLU A 18 -4.35 4.48 -6.21
C GLU A 18 -3.27 5.38 -6.77
N PHE A 19 -2.51 4.82 -7.69
CA PHE A 19 -1.46 5.55 -8.41
C PHE A 19 -2.06 6.78 -9.11
N LYS A 20 -3.22 6.62 -9.74
CA LYS A 20 -3.87 7.74 -10.41
C LYS A 20 -4.26 8.82 -9.42
N LYS A 21 -4.87 8.42 -8.30
CA LYS A 21 -5.25 9.36 -7.26
C LYS A 21 -4.04 10.11 -6.75
N ARG A 22 -2.97 9.36 -6.55
CA ARG A 22 -1.70 9.92 -6.12
C ARG A 22 -1.12 10.85 -7.18
N ARG A 23 -1.09 10.38 -8.42
CA ARG A 23 -0.56 11.16 -9.53
C ARG A 23 -1.39 12.41 -9.77
N GLU A 24 -2.69 12.31 -9.52
CA GLU A 24 -3.58 13.45 -9.61
C GLU A 24 -3.21 14.50 -8.58
N SER A 25 -2.88 14.03 -7.38
CA SER A 25 -2.45 14.90 -6.29
C SER A 25 -1.15 15.62 -6.64
N ARG A 26 -0.30 14.97 -7.41
CA ARG A 26 0.96 15.56 -7.82
C ARG A 26 0.81 16.35 -9.13
N GLY A 27 -0.44 16.50 -9.58
CA GLY A 27 -0.72 17.27 -10.78
C GLY A 27 -0.17 16.61 -12.03
N GLY A 28 -0.05 15.29 -11.98
CA GLY A 28 0.50 14.55 -13.10
C GLY A 28 1.98 14.30 -12.94
N LYS A 29 2.61 15.06 -12.05
CA LYS A 29 4.03 14.93 -11.80
C LYS A 29 4.31 13.82 -10.80
N TYR A 30 3.86 12.63 -11.14
CA TYR A 30 4.00 11.46 -10.28
C TYR A 30 4.31 10.25 -11.13
N SER A 31 5.54 9.83 -11.11
CA SER A 31 5.93 8.66 -11.88
C SER A 31 5.58 7.41 -11.12
N ILE A 32 5.61 6.28 -11.80
CA ILE A 32 5.29 5.02 -11.16
C ILE A 32 6.33 4.68 -10.11
N ASP A 33 7.57 5.11 -10.33
CA ASP A 33 8.66 4.77 -9.41
C ASP A 33 8.45 5.41 -8.05
N ASP A 34 7.94 6.64 -8.03
CA ASP A 34 7.61 7.29 -6.76
C ASP A 34 6.51 6.51 -6.07
N TYR A 35 5.63 5.93 -6.88
CA TYR A 35 4.59 5.05 -6.37
C TYR A 35 5.18 3.72 -5.94
N LEU A 36 6.07 3.18 -6.75
CA LEU A 36 6.63 1.86 -6.55
C LEU A 36 7.55 1.81 -5.33
N ALA A 37 8.21 2.93 -5.03
CA ALA A 37 9.02 3.04 -3.82
C ALA A 37 8.11 3.08 -2.60
N ASP A 38 7.01 3.81 -2.72
CA ASP A 38 6.01 3.86 -1.68
C ASP A 38 5.27 2.53 -1.61
N ARG A 39 5.19 1.86 -2.76
CA ARG A 39 4.59 0.54 -2.88
C ARG A 39 5.42 -0.48 -2.09
N GLU A 40 6.73 -0.25 -2.08
CA GLU A 40 7.63 -1.06 -1.26
C GLU A 40 7.31 -0.88 0.22
N ARG A 41 6.81 0.30 0.54
CA ARG A 41 6.42 0.63 1.90
C ARG A 41 5.06 0.03 2.24
N GLU A 42 4.18 -0.03 1.24
CA GLU A 42 2.82 -0.49 1.45
C GLU A 42 2.78 -1.86 2.11
N GLU A 43 3.71 -2.74 1.72
CA GLU A 43 3.76 -4.09 2.27
C GLU A 43 3.87 -4.07 3.80
N GLU A 44 4.81 -3.28 4.30
CA GLU A 44 5.00 -3.18 5.75
C GLU A 44 3.88 -2.37 6.38
N LEU A 45 3.33 -1.44 5.61
CA LEU A 45 2.28 -0.55 6.10
C LEU A 45 0.95 -1.27 6.24
N LEU A 46 0.84 -2.42 5.58
CA LEU A 46 -0.37 -3.22 5.67
C LEU A 46 -0.51 -3.85 7.05
N GLU A 47 0.24 -4.92 7.29
CA GLU A 47 0.13 -5.65 8.54
C GLU A 47 1.31 -6.61 8.73
N ARG A 48 2.53 -6.14 8.49
CA ARG A 48 3.67 -7.03 8.59
C ARG A 48 4.46 -6.75 9.86
N ASP A 49 4.17 -7.54 10.89
CA ASP A 49 4.93 -7.48 12.13
C ASP A 49 6.29 -8.14 11.90
N GLU A 50 6.39 -8.83 10.77
CA GLU A 50 7.64 -9.41 10.29
C GLU A 50 8.65 -8.31 9.96
N GLU A 51 8.11 -7.14 9.62
CA GLU A 51 8.92 -6.04 9.14
C GLU A 51 9.49 -5.20 10.29
N GLU A 52 8.64 -4.45 10.96
CA GLU A 52 9.09 -3.55 12.01
C GLU A 52 7.94 -3.27 12.98
N ALA A 53 7.96 -2.13 13.66
CA ALA A 53 6.97 -1.82 14.69
C ALA A 53 5.63 -1.39 14.09
N ILE A 54 5.08 -2.22 13.23
CA ILE A 54 3.77 -1.97 12.66
C ILE A 54 2.72 -2.60 13.56
N PHE A 55 3.17 -3.55 14.35
CA PHE A 55 2.31 -4.27 15.28
C PHE A 55 2.22 -3.53 16.61
N GLY A 56 2.86 -2.37 16.67
CA GLY A 56 2.91 -1.60 17.89
C GLY A 56 4.02 -2.07 18.80
N ASP A 57 4.00 -1.57 20.05
CA ASP A 57 4.97 -1.97 21.09
C ASP A 57 6.36 -1.42 20.81
N GLY A 58 6.90 -1.73 19.64
CA GLY A 58 8.22 -1.26 19.26
C GLY A 58 9.00 -2.35 18.55
N PHE A 59 9.95 -1.98 17.72
CA PHE A 59 10.71 -2.97 16.98
C PHE A 59 12.00 -3.30 17.71
N GLY A 60 12.33 -4.58 17.71
CA GLY A 60 13.56 -5.03 18.34
C GLY A 60 13.63 -6.54 18.33
N LEU A 61 13.05 -7.13 17.29
CA LEU A 61 12.92 -8.57 17.18
C LEU A 61 12.43 -8.95 15.80
N LYS A 62 12.73 -10.18 15.38
CA LYS A 62 12.26 -10.70 14.09
C LYS A 62 12.74 -9.83 12.93
N ALA A 63 13.91 -9.24 13.08
CA ALA A 63 14.48 -8.43 12.01
C ALA A 63 14.79 -9.31 10.81
N THR A 64 15.22 -10.53 11.09
CA THR A 64 15.43 -11.52 10.05
C THR A 64 14.11 -12.23 9.74
N ARG A 65 13.52 -11.89 8.60
CA ARG A 65 12.30 -12.54 8.17
C ARG A 65 12.59 -13.96 7.72
N ARG A 66 12.35 -14.91 8.61
CA ARG A 66 12.57 -16.32 8.32
C ARG A 66 11.37 -16.90 7.57
N SER A 67 11.05 -16.27 6.45
CA SER A 67 9.89 -16.65 5.64
C SER A 67 10.17 -17.88 4.79
N ARG A 68 10.96 -18.79 5.33
CA ARG A 68 11.25 -20.05 4.66
C ARG A 68 10.10 -21.01 4.89
N LYS A 69 9.33 -20.71 5.93
CA LYS A 69 8.14 -21.47 6.27
C LYS A 69 6.92 -20.58 6.12
N ALA A 70 6.85 -19.88 5.00
CA ALA A 70 5.79 -18.93 4.75
C ALA A 70 4.55 -19.61 4.20
N GLU A 71 4.04 -20.58 4.95
CA GLU A 71 2.82 -21.28 4.59
C GLU A 71 1.61 -20.43 4.92
N ARG A 72 1.72 -19.67 6.00
CA ARG A 72 0.63 -18.81 6.44
C ARG A 72 0.86 -17.38 5.97
N ALA A 73 0.64 -17.13 4.69
CA ALA A 73 0.75 -15.79 4.14
C ALA A 73 -0.48 -15.47 3.29
N LYS A 74 -0.72 -16.32 2.30
CA LYS A 74 -1.88 -16.18 1.43
C LYS A 74 -2.88 -17.30 1.69
N LEU A 75 -3.75 -17.08 2.66
CA LEU A 75 -4.76 -18.07 3.01
C LEU A 75 -6.08 -17.72 2.35
N GLY A 1 4.61 10.92 -23.17
CA GLY A 1 3.17 11.02 -22.81
C GLY A 1 2.75 9.91 -21.86
N ARG A 2 3.05 8.67 -22.21
CA ARG A 2 2.71 7.53 -21.38
C ARG A 2 3.95 7.05 -20.62
N PRO A 3 3.77 6.31 -19.51
CA PRO A 3 4.88 5.81 -18.69
C PRO A 3 5.56 4.61 -19.34
N GLY A 4 6.47 4.89 -20.25
CA GLY A 4 7.26 3.84 -20.85
C GLY A 4 8.52 3.58 -20.05
N VAL A 5 9.14 4.64 -19.57
CA VAL A 5 10.31 4.54 -18.72
C VAL A 5 9.87 4.29 -17.28
N PHE A 6 10.37 3.21 -16.70
CA PHE A 6 9.93 2.74 -15.39
C PHE A 6 8.43 2.47 -15.41
N ARG A 7 8.08 1.23 -15.70
CA ARG A 7 6.69 0.84 -15.87
C ARG A 7 6.15 0.22 -14.59
N THR A 8 4.84 0.03 -14.55
CA THR A 8 4.17 -0.59 -13.43
C THR A 8 4.73 -1.98 -13.15
N ARG A 9 5.33 -2.12 -11.97
CA ARG A 9 5.85 -3.40 -11.48
C ARG A 9 4.76 -4.47 -11.53
N GLY A 10 3.63 -4.16 -10.92
CA GLY A 10 2.51 -5.06 -10.94
C GLY A 10 1.29 -4.41 -10.33
N LEU A 11 0.89 -3.32 -10.93
CA LEU A 11 -0.25 -2.57 -10.44
C LEU A 11 -1.52 -3.07 -11.06
N THR A 12 -2.37 -3.63 -10.23
CA THR A 12 -3.69 -4.01 -10.65
C THR A 12 -4.50 -2.74 -10.87
N ASP A 13 -5.71 -2.85 -11.39
CA ASP A 13 -6.53 -1.67 -11.66
C ASP A 13 -6.70 -0.84 -10.39
N GLU A 14 -6.75 -1.53 -9.25
CA GLU A 14 -6.88 -0.87 -7.95
C GLU A 14 -5.63 -0.06 -7.61
N GLU A 15 -4.46 -0.71 -7.64
CA GLU A 15 -3.20 -0.04 -7.30
C GLU A 15 -2.91 1.06 -8.31
N TYR A 16 -3.26 0.82 -9.55
CA TYR A 16 -3.06 1.81 -10.60
C TYR A 16 -4.03 2.96 -10.42
N ASP A 17 -5.22 2.67 -9.94
CA ASP A 17 -6.21 3.70 -9.66
C ASP A 17 -5.73 4.61 -8.56
N GLU A 18 -5.21 4.00 -7.49
CA GLU A 18 -4.58 4.73 -6.40
C GLU A 18 -3.43 5.55 -6.96
N PHE A 19 -2.66 4.94 -7.84
CA PHE A 19 -1.57 5.62 -8.51
C PHE A 19 -2.08 6.82 -9.30
N LYS A 20 -3.16 6.65 -10.04
CA LYS A 20 -3.77 7.76 -10.76
C LYS A 20 -4.21 8.84 -9.78
N LYS A 21 -4.91 8.41 -8.74
CA LYS A 21 -5.36 9.29 -7.67
C LYS A 21 -4.19 10.04 -7.05
N ARG A 22 -3.11 9.31 -6.79
CA ARG A 22 -1.91 9.87 -6.21
C ARG A 22 -1.19 10.78 -7.21
N ARG A 23 -1.17 10.38 -8.46
CA ARG A 23 -0.56 11.17 -9.52
C ARG A 23 -1.37 12.43 -9.78
N GLU A 24 -2.68 12.30 -9.66
CA GLU A 24 -3.59 13.44 -9.78
C GLU A 24 -3.28 14.47 -8.70
N SER A 25 -2.99 13.98 -7.50
CA SER A 25 -2.62 14.84 -6.38
C SER A 25 -1.35 15.64 -6.71
N ARG A 26 -0.45 15.01 -7.46
CA ARG A 26 0.79 15.66 -7.86
C ARG A 26 0.62 16.45 -9.16
N GLY A 27 -0.62 16.54 -9.64
CA GLY A 27 -0.89 17.28 -10.86
C GLY A 27 -0.34 16.58 -12.09
N GLY A 28 -0.11 15.28 -11.97
CA GLY A 28 0.46 14.53 -13.06
C GLY A 28 1.93 14.27 -12.87
N LYS A 29 2.55 15.06 -12.01
CA LYS A 29 3.98 14.93 -11.74
C LYS A 29 4.24 13.84 -10.72
N TYR A 30 3.88 12.62 -11.07
CA TYR A 30 4.01 11.48 -10.17
C TYR A 30 4.27 10.22 -10.97
N SER A 31 5.49 9.76 -10.99
CA SER A 31 5.81 8.57 -11.72
C SER A 31 5.45 7.33 -10.94
N ILE A 32 5.47 6.21 -11.64
CA ILE A 32 5.18 4.94 -11.04
C ILE A 32 6.27 4.58 -10.05
N ASP A 33 7.45 5.15 -10.22
CA ASP A 33 8.58 4.82 -9.36
C ASP A 33 8.41 5.44 -7.98
N ASP A 34 7.77 6.62 -7.93
CA ASP A 34 7.49 7.25 -6.64
C ASP A 34 6.40 6.44 -5.95
N TYR A 35 5.46 5.94 -6.74
CA TYR A 35 4.43 5.04 -6.23
C TYR A 35 5.04 3.70 -5.83
N LEU A 36 5.89 3.16 -6.69
CA LEU A 36 6.49 1.85 -6.48
C LEU A 36 7.41 1.84 -5.27
N ALA A 37 8.17 2.91 -5.07
CA ALA A 37 9.06 3.00 -3.92
C ALA A 37 8.27 3.01 -2.63
N ASP A 38 7.16 3.73 -2.63
CA ASP A 38 6.26 3.74 -1.48
C ASP A 38 5.51 2.42 -1.40
N ARG A 39 5.20 1.86 -2.56
CA ARG A 39 4.54 0.56 -2.67
C ARG A 39 5.40 -0.50 -1.98
N GLU A 40 6.70 -0.47 -2.29
CA GLU A 40 7.67 -1.37 -1.68
C GLU A 40 7.57 -1.33 -0.16
N ARG A 41 7.36 -0.13 0.37
CA ARG A 41 7.22 0.07 1.80
C ARG A 41 5.86 -0.37 2.28
N GLU A 42 4.83 0.08 1.57
CA GLU A 42 3.45 -0.16 1.97
C GLU A 42 3.13 -1.64 2.08
N GLU A 43 3.79 -2.48 1.28
CA GLU A 43 3.52 -3.91 1.33
C GLU A 43 3.95 -4.51 2.67
N GLU A 44 5.13 -4.12 3.15
CA GLU A 44 5.62 -4.64 4.42
C GLU A 44 4.93 -3.95 5.58
N LEU A 45 4.38 -2.76 5.30
CA LEU A 45 3.68 -1.98 6.30
C LEU A 45 2.20 -2.33 6.30
N LEU A 46 1.77 -3.00 5.23
CA LEU A 46 0.40 -3.47 5.09
C LEU A 46 0.25 -4.73 5.93
N GLU A 47 1.24 -5.58 5.84
CA GLU A 47 1.33 -6.77 6.65
C GLU A 47 2.14 -6.46 7.91
N ARG A 48 2.41 -7.46 8.71
CA ARG A 48 3.18 -7.25 9.93
C ARG A 48 4.26 -8.31 10.07
N ASP A 49 5.49 -7.94 9.73
CA ASP A 49 6.64 -8.83 9.84
C ASP A 49 6.81 -9.32 11.27
N GLU A 50 6.67 -8.39 12.22
CA GLU A 50 6.90 -8.69 13.63
C GLU A 50 5.81 -9.60 14.22
N GLU A 51 4.74 -9.81 13.48
CA GLU A 51 3.63 -10.62 13.97
C GLU A 51 4.11 -12.03 14.29
N GLU A 52 4.69 -12.70 13.30
CA GLU A 52 5.21 -14.04 13.50
C GLU A 52 6.10 -14.44 12.32
N ALA A 53 5.51 -14.99 11.28
CA ALA A 53 6.26 -15.44 10.11
C ALA A 53 5.59 -14.94 8.83
N ILE A 54 5.86 -13.69 8.49
CA ILE A 54 5.29 -13.09 7.29
C ILE A 54 6.40 -12.63 6.35
N PHE A 55 7.56 -12.42 6.93
CA PHE A 55 8.72 -11.94 6.18
C PHE A 55 9.61 -13.10 5.77
N GLY A 56 9.02 -14.28 5.68
CA GLY A 56 9.77 -15.47 5.34
C GLY A 56 10.36 -16.13 6.57
N ASP A 57 9.51 -16.82 7.33
CA ASP A 57 9.91 -17.44 8.58
C ASP A 57 10.43 -16.35 9.53
N GLY A 58 11.35 -16.71 10.42
CA GLY A 58 11.96 -15.72 11.29
C GLY A 58 11.11 -15.43 12.52
N PHE A 59 10.19 -16.33 12.83
CA PHE A 59 9.32 -16.13 13.97
C PHE A 59 10.05 -16.50 15.27
N GLY A 60 9.44 -16.14 16.39
CA GLY A 60 10.05 -16.37 17.67
C GLY A 60 10.22 -15.09 18.45
N LEU A 61 11.41 -14.50 18.36
CA LEU A 61 11.69 -13.20 18.98
C LEU A 61 11.38 -13.21 20.49
N LYS A 62 10.32 -12.51 20.86
CA LYS A 62 9.92 -12.38 22.27
C LYS A 62 9.34 -13.69 22.79
N ALA A 63 8.67 -14.42 21.90
CA ALA A 63 8.02 -15.67 22.27
C ALA A 63 9.06 -16.76 22.53
N THR A 64 10.26 -16.57 22.01
CA THR A 64 11.33 -17.52 22.22
C THR A 64 12.29 -17.02 23.30
N ARG A 65 12.38 -17.76 24.39
CA ARG A 65 13.25 -17.39 25.49
C ARG A 65 14.09 -18.58 25.92
N ARG A 66 14.66 -19.27 24.93
CA ARG A 66 15.45 -20.46 25.20
C ARG A 66 16.93 -20.07 25.36
N SER A 67 17.30 -19.78 26.59
CA SER A 67 18.66 -19.39 26.91
C SER A 67 19.57 -20.61 26.97
N ARG A 68 19.98 -21.09 25.81
CA ARG A 68 20.83 -22.26 25.73
C ARG A 68 22.29 -21.88 25.92
N LYS A 69 22.97 -22.57 26.83
CA LYS A 69 24.39 -22.30 27.13
C LYS A 69 24.61 -20.83 27.47
N ALA A 70 23.65 -20.24 28.16
CA ALA A 70 23.74 -18.84 28.54
C ALA A 70 23.83 -18.70 30.05
N GLU A 71 25.04 -18.91 30.56
CA GLU A 71 25.29 -18.81 31.99
C GLU A 71 25.08 -17.37 32.46
N ARG A 72 24.19 -17.20 33.43
CA ARG A 72 23.89 -15.89 33.98
C ARG A 72 23.61 -16.01 35.47
N ALA A 73 24.67 -15.99 36.26
CA ALA A 73 24.54 -16.10 37.70
C ALA A 73 24.56 -14.71 38.35
N LYS A 74 25.55 -13.91 37.99
CA LYS A 74 25.69 -12.58 38.56
C LYS A 74 25.66 -11.52 37.47
N LEU A 75 24.73 -10.59 37.62
CA LEU A 75 24.68 -9.42 36.75
C LEU A 75 25.24 -8.22 37.49
N GLY A 1 18.58 5.66 -14.86
CA GLY A 1 19.26 4.36 -14.68
C GLY A 1 19.13 3.48 -15.90
N ARG A 2 17.97 2.82 -16.00
CA ARG A 2 17.70 1.94 -17.13
C ARG A 2 16.33 2.28 -17.72
N PRO A 3 16.07 1.87 -18.97
CA PRO A 3 14.83 2.22 -19.69
C PRO A 3 13.61 1.47 -19.17
N GLY A 4 13.02 1.98 -18.10
CA GLY A 4 11.83 1.38 -17.54
C GLY A 4 10.88 2.43 -17.02
N VAL A 5 10.76 3.54 -17.76
CA VAL A 5 9.86 4.61 -17.40
C VAL A 5 8.41 4.10 -17.39
N PHE A 6 7.68 4.45 -16.34
CA PHE A 6 6.29 4.03 -16.17
C PHE A 6 6.21 2.51 -16.10
N ARG A 7 7.09 1.92 -15.32
CA ARG A 7 7.10 0.47 -15.11
C ARG A 7 5.97 0.08 -14.16
N THR A 8 4.91 -0.49 -14.72
CA THR A 8 3.76 -0.88 -13.94
C THR A 8 4.11 -1.93 -12.88
N ARG A 9 5.13 -2.73 -13.17
CA ARG A 9 5.64 -3.76 -12.25
C ARG A 9 4.61 -4.88 -12.02
N GLY A 10 3.55 -4.54 -11.32
CA GLY A 10 2.50 -5.49 -11.04
C GLY A 10 1.27 -4.78 -10.53
N LEU A 11 1.08 -3.56 -11.00
CA LEU A 11 -0.04 -2.74 -10.58
C LEU A 11 -1.34 -3.26 -11.13
N THR A 12 -2.20 -3.69 -10.23
CA THR A 12 -3.54 -4.07 -10.58
C THR A 12 -4.38 -2.82 -10.82
N ASP A 13 -5.64 -2.98 -11.18
CA ASP A 13 -6.50 -1.83 -11.39
C ASP A 13 -6.57 -0.97 -10.13
N GLU A 14 -6.53 -1.63 -8.98
CA GLU A 14 -6.57 -0.93 -7.70
C GLU A 14 -5.30 -0.12 -7.47
N GLU A 15 -4.15 -0.77 -7.62
CA GLU A 15 -2.86 -0.09 -7.42
C GLU A 15 -2.71 1.04 -8.41
N TYR A 16 -3.09 0.78 -9.65
CA TYR A 16 -3.01 1.77 -10.70
C TYR A 16 -3.98 2.91 -10.43
N ASP A 17 -5.13 2.57 -9.88
CA ASP A 17 -6.13 3.57 -9.52
C ASP A 17 -5.60 4.49 -8.43
N GLU A 18 -5.00 3.89 -7.41
CA GLU A 18 -4.37 4.62 -6.34
C GLU A 18 -3.23 5.46 -6.89
N PHE A 19 -2.51 4.90 -7.86
CA PHE A 19 -1.46 5.61 -8.54
C PHE A 19 -2.01 6.82 -9.27
N LYS A 20 -3.14 6.65 -9.95
CA LYS A 20 -3.79 7.77 -10.63
C LYS A 20 -4.24 8.80 -9.60
N LYS A 21 -4.85 8.29 -8.53
CA LYS A 21 -5.27 9.11 -7.41
C LYS A 21 -4.09 9.91 -6.85
N ARG A 22 -2.96 9.24 -6.69
CA ARG A 22 -1.75 9.86 -6.20
C ARG A 22 -1.15 10.81 -7.21
N ARG A 23 -1.12 10.40 -8.48
CA ARG A 23 -0.56 11.22 -9.55
C ARG A 23 -1.40 12.47 -9.76
N GLU A 24 -2.70 12.35 -9.54
CA GLU A 24 -3.60 13.48 -9.60
C GLU A 24 -3.23 14.52 -8.55
N SER A 25 -2.86 14.05 -7.36
CA SER A 25 -2.44 14.93 -6.27
C SER A 25 -1.18 15.69 -6.65
N ARG A 26 -0.37 15.07 -7.50
CA ARG A 26 0.87 15.69 -7.96
C ARG A 26 0.66 16.45 -9.27
N GLY A 27 -0.60 16.63 -9.65
CA GLY A 27 -0.92 17.37 -10.87
C GLY A 27 -0.46 16.65 -12.12
N GLY A 28 -0.37 15.33 -12.04
CA GLY A 28 0.08 14.55 -13.17
C GLY A 28 1.56 14.29 -13.11
N LYS A 29 2.27 15.04 -12.28
CA LYS A 29 3.71 14.88 -12.12
C LYS A 29 4.03 13.88 -11.03
N TYR A 30 3.79 12.62 -11.31
CA TYR A 30 4.00 11.55 -10.34
C TYR A 30 4.34 10.27 -11.07
N SER A 31 5.60 9.89 -11.02
CA SER A 31 6.04 8.69 -11.71
C SER A 31 5.60 7.45 -10.96
N ILE A 32 5.65 6.33 -11.66
CA ILE A 32 5.29 5.07 -11.06
C ILE A 32 6.33 4.66 -10.04
N ASP A 33 7.58 5.04 -10.26
CA ASP A 33 8.65 4.62 -9.37
C ASP A 33 8.52 5.35 -8.04
N ASP A 34 7.93 6.53 -8.06
CA ASP A 34 7.59 7.25 -6.85
C ASP A 34 6.55 6.43 -6.09
N TYR A 35 5.58 5.93 -6.85
CA TYR A 35 4.54 5.07 -6.31
C TYR A 35 5.13 3.74 -5.84
N LEU A 36 5.89 3.11 -6.72
CA LEU A 36 6.46 1.79 -6.49
C LEU A 36 7.34 1.75 -5.25
N ALA A 37 8.08 2.82 -5.01
CA ALA A 37 8.94 2.91 -3.83
C ALA A 37 8.10 2.93 -2.56
N ASP A 38 6.98 3.63 -2.62
CA ASP A 38 6.06 3.67 -1.48
C ASP A 38 5.25 2.37 -1.45
N ARG A 39 4.99 1.82 -2.64
CA ARG A 39 4.31 0.54 -2.77
C ARG A 39 5.12 -0.56 -2.08
N GLU A 40 6.44 -0.42 -2.15
CA GLU A 40 7.36 -1.31 -1.45
C GLU A 40 7.19 -1.20 0.06
N ARG A 41 6.72 -0.04 0.50
CA ARG A 41 6.52 0.22 1.92
C ARG A 41 5.12 -0.18 2.36
N GLU A 42 4.19 -0.15 1.42
CA GLU A 42 2.78 -0.39 1.73
C GLU A 42 2.54 -1.76 2.36
N GLU A 43 3.47 -2.69 2.15
CA GLU A 43 3.35 -4.02 2.75
C GLU A 43 3.28 -3.92 4.28
N GLU A 44 4.04 -2.99 4.86
CA GLU A 44 4.00 -2.79 6.32
C GLU A 44 2.89 -1.81 6.69
N LEU A 45 2.43 -1.06 5.70
CA LEU A 45 1.44 -0.01 5.92
C LEU A 45 0.02 -0.59 5.89
N LEU A 46 -0.11 -1.80 5.35
CA LEU A 46 -1.40 -2.47 5.36
C LEU A 46 -1.74 -2.91 6.78
N GLU A 47 -1.00 -3.87 7.28
CA GLU A 47 -1.18 -4.38 8.62
C GLU A 47 0.16 -4.72 9.24
N ARG A 48 0.30 -4.49 10.52
CA ARG A 48 1.53 -4.79 11.22
C ARG A 48 1.26 -5.63 12.46
N ASP A 49 1.54 -6.92 12.36
CA ASP A 49 1.26 -7.88 13.43
C ASP A 49 2.16 -7.65 14.64
N GLU A 50 3.09 -6.71 14.52
CA GLU A 50 3.96 -6.35 15.62
C GLU A 50 3.36 -5.21 16.44
N GLU A 51 2.29 -4.61 15.90
CA GLU A 51 1.69 -3.42 16.51
C GLU A 51 0.96 -3.77 17.81
N GLU A 52 -0.18 -4.43 17.69
CA GLU A 52 -1.01 -4.77 18.85
C GLU A 52 -2.30 -5.44 18.39
N ALA A 53 -2.88 -4.91 17.33
CA ALA A 53 -4.04 -5.51 16.70
C ALA A 53 -3.58 -6.45 15.59
N ILE A 54 -4.49 -6.77 14.66
CA ILE A 54 -4.14 -7.50 13.44
C ILE A 54 -3.98 -9.00 13.67
N PHE A 55 -3.05 -9.37 14.53
CA PHE A 55 -2.69 -10.78 14.70
C PHE A 55 -3.73 -11.52 15.56
N GLY A 56 -4.22 -10.87 16.60
CA GLY A 56 -5.17 -11.51 17.47
C GLY A 56 -6.60 -11.18 17.11
N ASP A 57 -7.05 -10.01 17.52
CA ASP A 57 -8.40 -9.55 17.23
C ASP A 57 -8.40 -8.04 17.05
N GLY A 58 -7.97 -7.35 18.09
CA GLY A 58 -7.89 -5.91 18.06
C GLY A 58 -6.86 -5.40 19.04
N PHE A 59 -6.71 -4.09 19.12
CA PHE A 59 -5.76 -3.52 20.06
C PHE A 59 -6.39 -3.43 21.44
N GLY A 60 -5.57 -3.13 22.43
CA GLY A 60 -6.05 -3.08 23.80
C GLY A 60 -5.07 -3.66 24.78
N LEU A 61 -3.80 -3.36 24.58
CA LEU A 61 -2.73 -3.82 25.46
C LEU A 61 -1.91 -2.63 25.93
N LYS A 62 -1.34 -1.91 24.97
CA LYS A 62 -0.62 -0.68 25.26
C LYS A 62 -1.43 0.52 24.79
N ALA A 63 -2.30 0.31 23.82
CA ALA A 63 -3.14 1.37 23.29
C ALA A 63 -4.43 1.49 24.11
N THR A 64 -4.30 1.30 25.40
CA THR A 64 -5.43 1.39 26.32
C THR A 64 -5.09 2.25 27.53
N ARG A 65 -6.06 2.38 28.44
CA ARG A 65 -5.88 3.15 29.67
C ARG A 65 -5.75 4.64 29.38
N ARG A 66 -6.14 5.03 28.18
CA ARG A 66 -6.10 6.42 27.78
C ARG A 66 -7.53 6.92 27.58
N SER A 67 -7.81 8.11 28.09
CA SER A 67 -9.17 8.64 28.05
C SER A 67 -9.50 9.22 26.67
N ARG A 68 -9.49 8.36 25.66
CA ARG A 68 -9.76 8.78 24.30
C ARG A 68 -11.24 9.08 24.11
N LYS A 69 -12.09 8.50 24.95
CA LYS A 69 -13.52 8.77 24.88
C LYS A 69 -13.84 10.11 25.54
N ALA A 70 -12.81 10.76 26.08
CA ALA A 70 -12.96 12.07 26.67
C ALA A 70 -12.27 13.11 25.81
N GLU A 71 -11.93 12.71 24.59
CA GLU A 71 -11.25 13.59 23.65
C GLU A 71 -12.23 14.04 22.56
N ARG A 72 -13.52 13.99 22.89
CA ARG A 72 -14.54 14.35 21.93
C ARG A 72 -15.40 15.50 22.45
N ALA A 73 -14.87 16.72 22.32
CA ALA A 73 -15.59 17.91 22.75
C ALA A 73 -16.66 18.27 21.73
N LYS A 74 -17.61 17.36 21.56
CA LYS A 74 -18.68 17.52 20.58
C LYS A 74 -19.76 16.48 20.84
N LEU A 75 -19.33 15.24 21.00
CA LEU A 75 -20.24 14.13 21.26
C LEU A 75 -20.54 14.04 22.75
N GLY A 1 9.21 13.98 -21.22
CA GLY A 1 9.27 12.93 -20.19
C GLY A 1 7.97 12.15 -20.09
N ARG A 2 8.07 10.83 -20.18
CA ARG A 2 6.92 9.95 -20.08
C ARG A 2 7.33 8.59 -19.56
N PRO A 3 6.54 8.01 -18.64
CA PRO A 3 6.79 6.68 -18.11
C PRO A 3 6.45 5.58 -19.12
N GLY A 4 7.28 5.47 -20.14
CA GLY A 4 7.12 4.41 -21.11
C GLY A 4 8.17 3.33 -20.93
N VAL A 5 9.40 3.78 -20.70
CA VAL A 5 10.51 2.87 -20.40
C VAL A 5 10.16 1.96 -19.22
N PHE A 6 9.58 2.54 -18.19
CA PHE A 6 9.11 1.78 -17.05
C PHE A 6 7.66 2.17 -16.78
N ARG A 7 6.74 1.35 -17.25
CA ARG A 7 5.33 1.65 -17.16
C ARG A 7 4.79 1.29 -15.79
N THR A 8 4.76 0.01 -15.49
CA THR A 8 4.22 -0.46 -14.22
C THR A 8 5.01 -1.62 -13.66
N ARG A 9 4.79 -1.91 -12.39
CA ARG A 9 5.36 -3.07 -11.73
C ARG A 9 4.23 -4.04 -11.37
N GLY A 10 3.59 -4.57 -12.41
CA GLY A 10 2.45 -5.44 -12.20
C GLY A 10 1.37 -4.78 -11.37
N LEU A 11 1.04 -3.56 -11.75
CA LEU A 11 0.08 -2.79 -11.00
C LEU A 11 -1.33 -3.17 -11.39
N THR A 12 -2.06 -3.73 -10.43
CA THR A 12 -3.43 -4.10 -10.67
C THR A 12 -4.31 -2.86 -10.73
N ASP A 13 -5.58 -3.06 -11.00
CA ASP A 13 -6.50 -1.94 -11.16
C ASP A 13 -6.55 -1.08 -9.90
N GLU A 14 -6.49 -1.71 -8.74
CA GLU A 14 -6.55 -1.00 -7.47
C GLU A 14 -5.27 -0.19 -7.23
N GLU A 15 -4.11 -0.81 -7.43
CA GLU A 15 -2.83 -0.12 -7.25
C GLU A 15 -2.73 1.03 -8.24
N TYR A 16 -3.18 0.77 -9.46
CA TYR A 16 -3.13 1.77 -10.52
C TYR A 16 -4.11 2.91 -10.24
N ASP A 17 -5.29 2.56 -9.73
CA ASP A 17 -6.28 3.55 -9.34
C ASP A 17 -5.70 4.47 -8.28
N GLU A 18 -5.06 3.87 -7.28
CA GLU A 18 -4.40 4.60 -6.23
C GLU A 18 -3.31 5.48 -6.81
N PHE A 19 -2.50 4.88 -7.67
CA PHE A 19 -1.45 5.59 -8.39
C PHE A 19 -2.01 6.80 -9.13
N LYS A 20 -3.15 6.61 -9.79
CA LYS A 20 -3.81 7.69 -10.51
C LYS A 20 -4.21 8.80 -9.56
N LYS A 21 -4.91 8.44 -8.50
CA LYS A 21 -5.35 9.39 -7.50
C LYS A 21 -4.15 10.13 -6.90
N ARG A 22 -3.06 9.40 -6.73
CA ARG A 22 -1.82 9.96 -6.24
C ARG A 22 -1.20 10.90 -7.28
N ARG A 23 -1.10 10.42 -8.51
CA ARG A 23 -0.50 11.19 -9.59
C ARG A 23 -1.34 12.43 -9.89
N GLU A 24 -2.64 12.30 -9.76
CA GLU A 24 -3.56 13.42 -9.91
C GLU A 24 -3.27 14.48 -8.85
N SER A 25 -2.98 14.02 -7.64
CA SER A 25 -2.67 14.91 -6.53
C SER A 25 -1.34 15.63 -6.78
N ARG A 26 -0.43 14.99 -7.51
CA ARG A 26 0.85 15.60 -7.83
C ARG A 26 0.78 16.40 -9.13
N GLY A 27 -0.42 16.55 -9.67
CA GLY A 27 -0.60 17.31 -10.91
C GLY A 27 0.04 16.62 -12.10
N GLY A 28 0.10 15.30 -12.05
CA GLY A 28 0.69 14.55 -13.14
C GLY A 28 2.16 14.22 -12.89
N LYS A 29 2.81 15.01 -12.05
CA LYS A 29 4.22 14.81 -11.77
C LYS A 29 4.41 13.75 -10.69
N TYR A 30 4.00 12.54 -11.02
CA TYR A 30 4.11 11.41 -10.11
C TYR A 30 4.37 10.15 -10.93
N SER A 31 5.62 9.76 -11.03
CA SER A 31 5.96 8.60 -11.84
C SER A 31 5.56 7.34 -11.13
N ILE A 32 5.58 6.22 -11.85
CA ILE A 32 5.25 4.96 -11.24
C ILE A 32 6.28 4.64 -10.15
N ASP A 33 7.52 5.04 -10.39
CA ASP A 33 8.60 4.80 -9.43
C ASP A 33 8.34 5.52 -8.12
N ASP A 34 7.83 6.74 -8.20
CA ASP A 34 7.47 7.51 -7.01
C ASP A 34 6.43 6.75 -6.21
N TYR A 35 5.60 6.01 -6.92
CA TYR A 35 4.59 5.16 -6.30
C TYR A 35 5.18 3.84 -5.88
N LEU A 36 6.02 3.27 -6.72
CA LEU A 36 6.56 1.93 -6.51
C LEU A 36 7.49 1.88 -5.29
N ALA A 37 8.20 2.97 -5.02
CA ALA A 37 9.03 3.04 -3.82
C ALA A 37 8.16 3.13 -2.58
N ASP A 38 7.04 3.83 -2.70
CA ASP A 38 6.08 3.90 -1.62
C ASP A 38 5.30 2.60 -1.55
N ARG A 39 5.17 1.94 -2.69
CA ARG A 39 4.53 0.65 -2.80
C ARG A 39 5.37 -0.41 -2.10
N GLU A 40 6.68 -0.26 -2.22
CA GLU A 40 7.63 -1.08 -1.47
C GLU A 40 7.30 -1.03 0.01
N ARG A 41 6.93 0.17 0.46
CA ARG A 41 6.55 0.38 1.84
C ARG A 41 5.18 -0.22 2.12
N GLU A 42 4.23 0.05 1.24
CA GLU A 42 2.88 -0.47 1.40
C GLU A 42 2.87 -1.99 1.51
N GLU A 43 3.75 -2.66 0.77
CA GLU A 43 3.86 -4.11 0.84
C GLU A 43 4.20 -4.59 2.24
N GLU A 44 5.08 -3.87 2.93
CA GLU A 44 5.47 -4.25 4.29
C GLU A 44 4.51 -3.64 5.31
N LEU A 45 3.77 -2.62 4.86
CA LEU A 45 2.75 -1.99 5.70
C LEU A 45 1.44 -2.75 5.59
N LEU A 46 1.40 -3.74 4.71
CA LEU A 46 0.25 -4.63 4.60
C LEU A 46 0.33 -5.70 5.67
N GLU A 47 -0.61 -6.65 5.65
CA GLU A 47 -0.75 -7.62 6.72
C GLU A 47 -0.82 -6.89 8.07
N ARG A 48 -1.54 -5.79 8.10
CA ARG A 48 -1.58 -4.92 9.26
C ARG A 48 -2.85 -5.14 10.07
N ASP A 49 -3.99 -4.96 9.42
CA ASP A 49 -5.26 -4.94 10.15
C ASP A 49 -6.42 -5.31 9.24
N GLU A 50 -6.70 -4.46 8.26
CA GLU A 50 -7.87 -4.64 7.41
C GLU A 50 -7.72 -5.84 6.46
N GLU A 51 -6.51 -6.34 6.33
CA GLU A 51 -6.24 -7.41 5.39
C GLU A 51 -6.76 -8.75 5.90
N GLU A 52 -6.30 -9.15 7.08
CA GLU A 52 -6.64 -10.46 7.62
C GLU A 52 -6.55 -10.43 9.15
N ALA A 53 -6.49 -11.60 9.78
CA ALA A 53 -6.52 -11.69 11.24
C ALA A 53 -5.13 -11.46 11.84
N ILE A 54 -4.62 -10.25 11.69
CA ILE A 54 -3.35 -9.88 12.28
C ILE A 54 -3.60 -9.19 13.63
N PHE A 55 -4.78 -8.59 13.73
CA PHE A 55 -5.17 -7.86 14.93
C PHE A 55 -6.02 -8.75 15.84
N GLY A 56 -5.91 -10.04 15.62
CA GLY A 56 -6.78 -10.98 16.31
C GLY A 56 -7.82 -11.53 15.37
N ASP A 57 -8.74 -12.33 15.89
CA ASP A 57 -9.79 -12.91 15.07
C ASP A 57 -10.86 -11.88 14.74
N GLY A 58 -11.59 -12.10 13.66
CA GLY A 58 -12.62 -11.17 13.25
C GLY A 58 -12.22 -10.42 12.00
N PHE A 59 -11.79 -11.15 10.98
CA PHE A 59 -11.29 -10.55 9.76
C PHE A 59 -12.26 -10.75 8.61
N GLY A 60 -11.86 -10.30 7.42
CA GLY A 60 -12.70 -10.46 6.24
C GLY A 60 -13.80 -9.42 6.20
N LEU A 61 -13.52 -8.25 6.75
CA LEU A 61 -14.50 -7.17 6.82
C LEU A 61 -14.84 -6.65 5.42
N LYS A 62 -13.83 -6.18 4.70
CA LYS A 62 -14.05 -5.67 3.34
C LYS A 62 -13.29 -6.50 2.32
N ALA A 63 -12.20 -7.13 2.74
CA ALA A 63 -11.35 -7.91 1.84
C ALA A 63 -11.96 -9.28 1.57
N THR A 64 -11.94 -10.15 2.57
CA THR A 64 -12.44 -11.50 2.42
C THR A 64 -13.96 -11.53 2.58
N ARG A 65 -14.68 -11.10 1.55
CA ARG A 65 -16.13 -11.09 1.58
C ARG A 65 -16.68 -12.49 1.38
N ARG A 66 -16.81 -13.23 2.47
CA ARG A 66 -17.38 -14.57 2.44
C ARG A 66 -18.50 -14.68 3.47
N SER A 67 -19.24 -13.60 3.61
CA SER A 67 -20.29 -13.50 4.61
C SER A 67 -21.64 -13.92 4.03
N ARG A 68 -21.66 -14.17 2.73
CA ARG A 68 -22.86 -14.64 2.01
C ARG A 68 -23.87 -13.50 1.85
N LYS A 69 -24.45 -13.07 2.96
CA LYS A 69 -25.43 -12.00 2.95
C LYS A 69 -25.16 -11.02 4.09
N ALA A 70 -24.23 -10.12 3.86
CA ALA A 70 -23.90 -9.10 4.85
C ALA A 70 -23.95 -7.72 4.21
N GLU A 71 -25.14 -7.31 3.81
CA GLU A 71 -25.36 -6.03 3.18
C GLU A 71 -25.22 -4.92 4.21
N ARG A 72 -25.62 -5.22 5.44
CA ARG A 72 -25.62 -4.22 6.50
C ARG A 72 -24.27 -4.20 7.21
N ALA A 73 -23.23 -4.66 6.54
CA ALA A 73 -21.89 -4.65 7.10
C ALA A 73 -21.25 -3.29 6.90
N LYS A 74 -21.98 -2.42 6.21
CA LYS A 74 -21.57 -1.03 6.00
C LYS A 74 -21.43 -0.35 7.36
N LEU A 75 -22.33 -0.69 8.28
CA LEU A 75 -22.33 -0.11 9.61
C LEU A 75 -21.10 -0.57 10.38
N GLY A 1 9.46 11.81 -26.70
CA GLY A 1 9.58 12.59 -25.44
C GLY A 1 9.98 11.74 -24.27
N ARG A 2 9.10 11.62 -23.29
CA ARG A 2 9.38 10.85 -22.09
C ARG A 2 8.95 9.39 -22.29
N PRO A 3 9.63 8.45 -21.62
CA PRO A 3 9.29 7.04 -21.70
C PRO A 3 8.08 6.71 -20.83
N GLY A 4 6.89 6.87 -21.38
CA GLY A 4 5.68 6.63 -20.63
C GLY A 4 5.06 5.29 -20.95
N VAL A 5 5.74 4.52 -21.78
CA VAL A 5 5.28 3.20 -22.14
C VAL A 5 5.46 2.23 -20.97
N PHE A 6 4.45 1.38 -20.75
CA PHE A 6 4.47 0.39 -19.68
C PHE A 6 4.40 1.06 -18.30
N ARG A 7 5.56 1.51 -17.81
CA ARG A 7 5.67 2.18 -16.50
C ARG A 7 4.78 1.53 -15.45
N THR A 8 5.09 0.29 -15.10
CA THR A 8 4.31 -0.47 -14.14
C THR A 8 5.16 -1.53 -13.44
N ARG A 9 4.60 -2.14 -12.42
CA ARG A 9 5.29 -3.20 -11.67
C ARG A 9 4.26 -4.16 -11.12
N GLY A 10 3.58 -4.87 -12.01
CA GLY A 10 2.53 -5.77 -11.61
C GLY A 10 1.40 -5.05 -10.93
N LEU A 11 1.16 -3.82 -11.37
CA LEU A 11 0.15 -3.00 -10.74
C LEU A 11 -1.23 -3.45 -11.16
N THR A 12 -1.99 -3.88 -10.19
CA THR A 12 -3.37 -4.22 -10.39
C THR A 12 -4.19 -2.94 -10.54
N ASP A 13 -5.45 -3.09 -10.91
CA ASP A 13 -6.33 -1.95 -11.11
C ASP A 13 -6.38 -1.08 -9.85
N GLU A 14 -6.42 -1.72 -8.69
CA GLU A 14 -6.52 -1.01 -7.43
C GLU A 14 -5.24 -0.23 -7.11
N GLU A 15 -4.08 -0.83 -7.38
CA GLU A 15 -2.79 -0.14 -7.18
C GLU A 15 -2.68 1.01 -8.15
N TYR A 16 -3.06 0.75 -9.39
CA TYR A 16 -2.98 1.73 -10.44
C TYR A 16 -3.96 2.87 -10.19
N ASP A 17 -5.13 2.54 -9.69
CA ASP A 17 -6.12 3.55 -9.34
C ASP A 17 -5.59 4.45 -8.24
N GLU A 18 -5.00 3.82 -7.22
CA GLU A 18 -4.35 4.53 -6.13
C GLU A 18 -3.25 5.41 -6.70
N PHE A 19 -2.49 4.84 -7.62
CA PHE A 19 -1.44 5.55 -8.32
C PHE A 19 -2.00 6.77 -9.05
N LYS A 20 -3.11 6.59 -9.77
CA LYS A 20 -3.73 7.69 -10.51
C LYS A 20 -4.12 8.81 -9.57
N LYS A 21 -4.80 8.47 -8.49
CA LYS A 21 -5.24 9.45 -7.50
C LYS A 21 -4.02 10.16 -6.90
N ARG A 22 -2.98 9.38 -6.63
CA ARG A 22 -1.74 9.93 -6.13
C ARG A 22 -1.09 10.85 -7.15
N ARG A 23 -1.07 10.40 -8.40
CA ARG A 23 -0.49 11.17 -9.50
C ARG A 23 -1.30 12.45 -9.72
N GLU A 24 -2.60 12.37 -9.51
CA GLU A 24 -3.48 13.52 -9.60
C GLU A 24 -3.12 14.54 -8.53
N SER A 25 -2.81 14.05 -7.33
CA SER A 25 -2.40 14.90 -6.22
C SER A 25 -1.08 15.61 -6.52
N ARG A 26 -0.32 15.06 -7.45
CA ARG A 26 0.94 15.65 -7.86
C ARG A 26 0.79 16.41 -9.18
N GLY A 27 -0.46 16.57 -9.62
CA GLY A 27 -0.72 17.28 -10.86
C GLY A 27 -0.16 16.58 -12.07
N GLY A 28 -0.08 15.26 -12.00
CA GLY A 28 0.48 14.47 -13.08
C GLY A 28 1.95 14.20 -12.90
N LYS A 29 2.59 15.03 -12.09
CA LYS A 29 4.02 14.89 -11.83
C LYS A 29 4.29 13.80 -10.80
N TYR A 30 3.95 12.58 -11.15
CA TYR A 30 4.09 11.45 -10.25
C TYR A 30 4.34 10.20 -11.07
N SER A 31 5.58 9.77 -11.13
CA SER A 31 5.90 8.60 -11.92
C SER A 31 5.48 7.35 -11.20
N ILE A 32 5.42 6.25 -11.93
CA ILE A 32 5.10 4.98 -11.32
C ILE A 32 6.16 4.64 -10.27
N ASP A 33 7.41 5.00 -10.55
CA ASP A 33 8.52 4.70 -9.65
C ASP A 33 8.35 5.36 -8.30
N ASP A 34 7.85 6.60 -8.34
CA ASP A 34 7.54 7.33 -7.11
C ASP A 34 6.52 6.57 -6.31
N TYR A 35 5.53 6.02 -7.01
CA TYR A 35 4.51 5.19 -6.38
C TYR A 35 5.10 3.85 -5.97
N LEU A 36 5.89 3.26 -6.86
CA LEU A 36 6.44 1.93 -6.66
C LEU A 36 7.30 1.85 -5.42
N ALA A 37 8.05 2.91 -5.14
CA ALA A 37 8.84 3.01 -3.91
C ALA A 37 7.92 3.02 -2.70
N ASP A 38 6.89 3.85 -2.77
CA ASP A 38 5.88 3.91 -1.72
C ASP A 38 5.12 2.59 -1.65
N ARG A 39 4.98 1.94 -2.80
CA ARG A 39 4.32 0.66 -2.91
C ARG A 39 5.11 -0.40 -2.16
N GLU A 40 6.42 -0.37 -2.36
CA GLU A 40 7.33 -1.28 -1.67
C GLU A 40 7.22 -1.08 -0.15
N ARG A 41 6.83 0.12 0.24
CA ARG A 41 6.56 0.43 1.62
C ARG A 41 5.20 -0.10 2.02
N GLU A 42 4.19 0.25 1.23
CA GLU A 42 2.80 -0.16 1.47
C GLU A 42 2.70 -1.66 1.69
N GLU A 43 3.48 -2.43 0.96
CA GLU A 43 3.43 -3.88 1.06
C GLU A 43 3.64 -4.37 2.50
N GLU A 44 4.68 -3.87 3.17
CA GLU A 44 4.96 -4.27 4.55
C GLU A 44 4.00 -3.61 5.52
N LEU A 45 3.33 -2.57 5.04
CA LEU A 45 2.38 -1.84 5.86
C LEU A 45 0.99 -2.47 5.75
N LEU A 46 0.80 -3.26 4.70
CA LEU A 46 -0.44 -4.02 4.53
C LEU A 46 -0.34 -5.32 5.33
N GLU A 47 0.76 -6.03 5.16
CA GLU A 47 1.01 -7.25 5.90
C GLU A 47 2.34 -7.14 6.64
N ARG A 48 2.29 -7.39 7.94
CA ARG A 48 3.45 -7.22 8.81
C ARG A 48 4.58 -8.18 8.43
N ASP A 49 5.74 -7.61 8.09
CA ASP A 49 6.91 -8.39 7.70
C ASP A 49 7.43 -9.22 8.87
N GLU A 50 7.08 -8.82 10.09
CA GLU A 50 7.52 -9.53 11.28
C GLU A 50 6.60 -10.71 11.60
N GLU A 51 5.46 -10.78 10.92
CA GLU A 51 4.46 -11.79 11.23
C GLU A 51 4.93 -13.19 10.85
N GLU A 52 5.06 -13.45 9.56
CA GLU A 52 5.44 -14.77 9.10
C GLU A 52 6.02 -14.72 7.68
N ALA A 53 5.18 -14.93 6.67
CA ALA A 53 5.66 -15.01 5.31
C ALA A 53 5.09 -13.89 4.45
N ILE A 54 5.78 -12.76 4.48
CA ILE A 54 5.36 -11.59 3.72
C ILE A 54 6.55 -11.01 2.99
N PHE A 55 7.61 -10.81 3.77
CA PHE A 55 8.85 -10.24 3.27
C PHE A 55 9.66 -11.28 2.51
N GLY A 56 10.55 -10.81 1.64
CA GLY A 56 11.48 -11.69 0.95
C GLY A 56 10.82 -12.83 0.21
N ASP A 57 11.28 -14.03 0.48
CA ASP A 57 10.81 -15.21 -0.24
C ASP A 57 9.96 -16.12 0.65
N GLY A 58 9.63 -15.65 1.84
CA GLY A 58 8.82 -16.44 2.74
C GLY A 58 9.03 -16.11 4.20
N PHE A 59 8.83 -17.09 5.07
CA PHE A 59 8.91 -16.88 6.50
C PHE A 59 10.31 -17.15 7.03
N GLY A 60 11.26 -16.33 6.59
CA GLY A 60 12.63 -16.48 7.04
C GLY A 60 12.87 -15.83 8.39
N LEU A 61 11.97 -16.08 9.32
CA LEU A 61 12.05 -15.50 10.66
C LEU A 61 12.49 -16.56 11.67
N LYS A 62 12.15 -16.37 12.93
CA LYS A 62 12.50 -17.34 13.96
C LYS A 62 11.65 -18.60 13.83
N ALA A 63 10.67 -18.54 12.93
CA ALA A 63 9.83 -19.70 12.64
C ALA A 63 10.58 -20.72 11.80
N THR A 64 11.70 -20.31 11.22
CA THR A 64 12.51 -21.22 10.42
C THR A 64 13.86 -21.49 11.08
N ARG A 65 13.84 -22.35 12.10
CA ARG A 65 15.07 -22.74 12.78
C ARG A 65 15.86 -23.74 11.95
N ARG A 66 15.31 -24.11 10.80
CA ARG A 66 15.98 -24.99 9.85
C ARG A 66 17.24 -24.33 9.30
N SER A 67 17.28 -23.00 9.40
CA SER A 67 18.41 -22.22 8.91
C SER A 67 19.66 -22.50 9.72
N ARG A 68 20.58 -23.26 9.13
CA ARG A 68 21.85 -23.56 9.79
C ARG A 68 23.00 -22.86 9.08
N LYS A 69 22.80 -22.56 7.80
CA LYS A 69 23.83 -21.92 6.99
C LYS A 69 23.25 -20.76 6.20
N ALA A 70 22.18 -20.16 6.72
CA ALA A 70 21.53 -19.06 6.06
C ALA A 70 22.42 -17.82 6.10
N GLU A 71 22.78 -17.33 4.91
CA GLU A 71 23.68 -16.19 4.75
C GLU A 71 25.10 -16.58 5.17
N ARG A 72 25.29 -16.83 6.45
CA ARG A 72 26.59 -17.22 6.97
C ARG A 72 26.82 -18.71 6.72
N ALA A 73 27.46 -19.03 5.62
CA ALA A 73 27.79 -20.41 5.29
C ALA A 73 29.30 -20.58 5.17
N LYS A 74 29.97 -19.49 4.82
CA LYS A 74 31.42 -19.48 4.69
C LYS A 74 32.02 -18.74 5.88
N LEU A 75 32.99 -19.37 6.54
CA LEU A 75 33.62 -18.77 7.70
C LEU A 75 34.92 -19.50 8.01
N GLY A 1 8.46 -10.00 -19.62
CA GLY A 1 8.36 -9.34 -18.30
C GLY A 1 7.34 -8.23 -18.30
N ARG A 2 7.73 -7.07 -17.79
CA ARG A 2 6.85 -5.91 -17.73
C ARG A 2 7.35 -4.80 -18.61
N PRO A 3 6.44 -3.92 -19.07
CA PRO A 3 6.79 -2.82 -19.96
C PRO A 3 7.49 -1.68 -19.22
N GLY A 4 8.66 -1.30 -19.72
CA GLY A 4 9.45 -0.28 -19.06
C GLY A 4 9.05 1.12 -19.46
N VAL A 5 8.34 1.24 -20.58
CA VAL A 5 7.89 2.54 -21.07
C VAL A 5 7.02 3.24 -20.02
N PHE A 6 6.18 2.49 -19.34
CA PHE A 6 5.37 3.04 -18.26
C PHE A 6 5.86 2.49 -16.92
N ARG A 7 6.38 1.26 -16.97
CA ARG A 7 6.91 0.58 -15.80
C ARG A 7 5.82 0.29 -14.79
N THR A 8 4.81 -0.46 -15.21
CA THR A 8 3.70 -0.83 -14.34
C THR A 8 4.16 -1.72 -13.20
N ARG A 9 5.23 -2.50 -13.45
CA ARG A 9 5.78 -3.45 -12.48
C ARG A 9 4.81 -4.60 -12.21
N GLY A 10 3.67 -4.26 -11.62
CA GLY A 10 2.64 -5.22 -11.35
C GLY A 10 1.42 -4.53 -10.77
N LEU A 11 1.17 -3.33 -11.24
CA LEU A 11 0.05 -2.55 -10.74
C LEU A 11 -1.25 -3.06 -11.31
N THR A 12 -2.11 -3.52 -10.42
CA THR A 12 -3.45 -3.89 -10.78
C THR A 12 -4.32 -2.64 -10.91
N ASP A 13 -5.59 -2.80 -11.22
CA ASP A 13 -6.48 -1.66 -11.36
C ASP A 13 -6.54 -0.84 -10.08
N GLU A 14 -6.40 -1.52 -8.95
CA GLU A 14 -6.52 -0.86 -7.65
C GLU A 14 -5.21 -0.14 -7.28
N GLU A 15 -4.07 -0.74 -7.59
CA GLU A 15 -2.79 -0.07 -7.36
C GLU A 15 -2.67 1.11 -8.30
N TYR A 16 -3.10 0.89 -9.54
CA TYR A 16 -3.05 1.92 -10.56
C TYR A 16 -4.04 3.03 -10.25
N ASP A 17 -5.15 2.69 -9.60
CA ASP A 17 -6.12 3.69 -9.19
C ASP A 17 -5.53 4.54 -8.08
N GLU A 18 -4.90 3.89 -7.11
CA GLU A 18 -4.18 4.58 -6.07
C GLU A 18 -3.13 5.49 -6.69
N PHE A 19 -2.41 4.93 -7.66
CA PHE A 19 -1.43 5.66 -8.42
C PHE A 19 -2.06 6.86 -9.12
N LYS A 20 -3.23 6.67 -9.73
CA LYS A 20 -3.94 7.75 -10.40
C LYS A 20 -4.32 8.85 -9.42
N LYS A 21 -4.93 8.46 -8.31
CA LYS A 21 -5.34 9.41 -7.29
C LYS A 21 -4.12 10.16 -6.76
N ARG A 22 -3.04 9.43 -6.55
CA ARG A 22 -1.77 10.02 -6.14
C ARG A 22 -1.24 10.95 -7.21
N ARG A 23 -1.16 10.46 -8.44
CA ARG A 23 -0.62 11.20 -9.56
C ARG A 23 -1.42 12.46 -9.84
N GLU A 24 -2.74 12.36 -9.73
CA GLU A 24 -3.62 13.50 -9.89
C GLU A 24 -3.30 14.57 -8.85
N SER A 25 -3.06 14.13 -7.63
CA SER A 25 -2.69 15.03 -6.54
C SER A 25 -1.36 15.72 -6.83
N ARG A 26 -0.45 15.01 -7.51
CA ARG A 26 0.85 15.57 -7.86
C ARG A 26 0.78 16.34 -9.19
N GLY A 27 -0.43 16.61 -9.66
CA GLY A 27 -0.59 17.38 -10.88
C GLY A 27 -0.07 16.65 -12.10
N GLY A 28 -0.08 15.32 -12.05
CA GLY A 28 0.41 14.53 -13.15
C GLY A 28 1.89 14.24 -13.03
N LYS A 29 2.57 15.02 -12.20
CA LYS A 29 4.00 14.87 -12.00
C LYS A 29 4.29 13.79 -10.97
N TYR A 30 3.80 12.59 -11.27
CA TYR A 30 3.98 11.46 -10.38
C TYR A 30 4.27 10.22 -11.20
N SER A 31 5.53 9.83 -11.23
CA SER A 31 5.91 8.66 -11.99
C SER A 31 5.65 7.41 -11.18
N ILE A 32 5.67 6.27 -11.84
CA ILE A 32 5.36 5.03 -11.18
C ILE A 32 6.40 4.69 -10.13
N ASP A 33 7.66 5.03 -10.40
CA ASP A 33 8.74 4.69 -9.48
C ASP A 33 8.55 5.36 -8.13
N ASP A 34 8.03 6.58 -8.16
CA ASP A 34 7.73 7.30 -6.92
C ASP A 34 6.63 6.56 -6.18
N TYR A 35 5.71 5.98 -6.94
CA TYR A 35 4.67 5.13 -6.39
C TYR A 35 5.25 3.81 -5.91
N LEU A 36 6.03 3.19 -6.78
CA LEU A 36 6.59 1.87 -6.55
C LEU A 36 7.47 1.83 -5.31
N ALA A 37 8.20 2.91 -5.06
CA ALA A 37 9.03 3.01 -3.87
C ALA A 37 8.17 3.00 -2.60
N ASP A 38 7.09 3.75 -2.63
CA ASP A 38 6.14 3.76 -1.52
C ASP A 38 5.38 2.42 -1.48
N ARG A 39 5.10 1.90 -2.67
CA ARG A 39 4.47 0.59 -2.82
C ARG A 39 5.33 -0.49 -2.18
N GLU A 40 6.65 -0.30 -2.24
CA GLU A 40 7.60 -1.19 -1.59
C GLU A 40 7.41 -1.15 -0.09
N ARG A 41 7.19 0.05 0.43
CA ARG A 41 6.98 0.24 1.86
C ARG A 41 5.67 -0.39 2.30
N GLU A 42 4.70 -0.34 1.41
CA GLU A 42 3.35 -0.80 1.71
C GLU A 42 3.32 -2.27 2.12
N GLU A 43 4.22 -3.08 1.57
CA GLU A 43 4.21 -4.51 1.85
C GLU A 43 4.33 -4.80 3.35
N GLU A 44 5.23 -4.08 4.01
CA GLU A 44 5.44 -4.28 5.45
C GLU A 44 4.39 -3.52 6.26
N LEU A 45 3.71 -2.60 5.61
CA LEU A 45 2.64 -1.84 6.24
C LEU A 45 1.34 -2.62 6.21
N LEU A 46 1.17 -3.43 5.16
CA LEU A 46 -0.02 -4.25 4.98
C LEU A 46 -0.02 -5.40 5.98
N GLU A 47 1.03 -6.20 5.96
CA GLU A 47 1.13 -7.35 6.83
C GLU A 47 1.93 -7.01 8.08
N ARG A 48 1.96 -7.93 9.03
CA ARG A 48 2.60 -7.67 10.31
C ARG A 48 2.88 -8.95 11.06
N ASP A 49 3.28 -8.79 12.33
CA ASP A 49 3.34 -9.88 13.28
C ASP A 49 4.47 -10.87 12.96
N GLU A 50 4.16 -11.92 12.22
CA GLU A 50 5.12 -13.00 12.02
C GLU A 50 5.99 -12.75 10.78
N GLU A 51 5.63 -11.75 9.99
CA GLU A 51 6.33 -11.46 8.76
C GLU A 51 7.83 -11.22 8.97
N GLU A 52 8.18 -10.09 9.58
CA GLU A 52 9.57 -9.74 9.82
C GLU A 52 9.69 -8.45 10.64
N ALA A 53 9.84 -8.62 11.94
CA ALA A 53 10.14 -7.51 12.86
C ALA A 53 9.10 -6.39 12.79
N ILE A 54 7.84 -6.73 12.99
CA ILE A 54 6.79 -5.72 13.03
C ILE A 54 6.30 -5.54 14.47
N PHE A 55 6.32 -6.63 15.21
CA PHE A 55 5.92 -6.62 16.62
C PHE A 55 7.08 -6.13 17.48
N GLY A 56 8.27 -6.12 16.91
CA GLY A 56 9.45 -5.71 17.62
C GLY A 56 10.55 -5.30 16.68
N ASP A 57 11.79 -5.35 17.14
CA ASP A 57 12.92 -4.95 16.33
C ASP A 57 13.47 -6.13 15.54
N GLY A 58 13.10 -7.33 15.97
CA GLY A 58 13.59 -8.52 15.32
C GLY A 58 12.48 -9.51 15.04
N PHE A 59 12.85 -10.69 14.57
CA PHE A 59 11.89 -11.73 14.24
C PHE A 59 12.40 -13.07 14.71
N GLY A 60 11.61 -14.11 14.51
CA GLY A 60 11.99 -15.43 14.94
C GLY A 60 11.32 -15.82 16.25
N LEU A 61 10.87 -14.80 16.98
CA LEU A 61 10.13 -15.01 18.22
C LEU A 61 8.79 -15.66 17.92
N LYS A 62 8.26 -15.35 16.76
CA LYS A 62 7.04 -15.98 16.28
C LYS A 62 7.17 -16.30 14.80
N ALA A 63 7.27 -17.58 14.48
CA ALA A 63 7.36 -18.03 13.10
C ALA A 63 7.00 -19.51 13.00
N THR A 64 7.58 -20.32 13.87
CA THR A 64 7.28 -21.73 13.89
C THR A 64 6.04 -22.02 14.74
N ARG A 65 5.75 -21.09 15.67
CA ARG A 65 4.58 -21.19 16.55
C ARG A 65 4.69 -22.37 17.50
N ARG A 66 5.86 -23.01 17.53
CA ARG A 66 6.08 -24.22 18.31
C ARG A 66 5.08 -25.30 17.91
N SER A 67 4.88 -25.44 16.60
CA SER A 67 3.95 -26.42 16.06
C SER A 67 4.44 -27.84 16.32
N ARG A 68 4.10 -28.36 17.48
CA ARG A 68 4.50 -29.70 17.87
C ARG A 68 3.30 -30.64 17.83
N LYS A 69 3.41 -31.71 17.05
CA LYS A 69 2.31 -32.64 16.84
C LYS A 69 1.13 -31.90 16.20
N ALA A 70 1.46 -30.97 15.32
CA ALA A 70 0.45 -30.13 14.70
C ALA A 70 0.70 -30.00 13.20
N GLU A 71 0.37 -31.05 12.47
CA GLU A 71 0.58 -31.07 11.03
C GLU A 71 -0.56 -30.36 10.30
N ARG A 72 -0.64 -29.06 10.51
CA ARG A 72 -1.66 -28.24 9.85
C ARG A 72 -1.03 -26.98 9.27
N ALA A 73 -1.22 -26.78 7.98
CA ALA A 73 -0.69 -25.59 7.31
C ALA A 73 -1.79 -24.55 7.13
N LYS A 74 -3.03 -25.00 7.22
CA LYS A 74 -4.18 -24.11 7.08
C LYS A 74 -4.43 -23.36 8.39
N LEU A 75 -4.24 -24.05 9.49
CA LEU A 75 -4.43 -23.45 10.81
C LEU A 75 -3.40 -24.00 11.79
N GLY A 1 7.58 13.00 -25.70
CA GLY A 1 8.22 12.51 -24.46
C GLY A 1 9.04 11.26 -24.71
N ARG A 2 9.48 10.62 -23.64
CA ARG A 2 10.26 9.40 -23.76
C ARG A 2 9.35 8.17 -23.73
N PRO A 3 9.72 7.10 -24.44
CA PRO A 3 8.99 5.83 -24.40
C PRO A 3 8.91 5.29 -22.98
N GLY A 4 10.06 4.92 -22.43
CA GLY A 4 10.13 4.39 -21.10
C GLY A 4 9.57 2.99 -21.01
N VAL A 5 10.45 2.02 -20.78
CA VAL A 5 10.01 0.67 -20.51
C VAL A 5 9.71 0.54 -19.03
N PHE A 6 9.12 -0.58 -18.63
CA PHE A 6 8.75 -0.80 -17.24
C PHE A 6 7.83 0.33 -16.77
N ARG A 7 6.78 0.58 -17.56
CA ARG A 7 5.84 1.65 -17.25
C ARG A 7 5.03 1.30 -16.01
N THR A 8 4.84 0.01 -15.79
CA THR A 8 4.12 -0.47 -14.62
C THR A 8 4.74 -1.76 -14.09
N ARG A 9 4.61 -1.98 -12.80
CA ARG A 9 5.13 -3.18 -12.17
C ARG A 9 4.01 -4.18 -11.98
N GLY A 10 3.30 -4.49 -13.07
CA GLY A 10 2.14 -5.35 -13.00
C GLY A 10 1.09 -4.77 -12.08
N LEU A 11 0.85 -3.48 -12.24
CA LEU A 11 -0.07 -2.78 -11.37
C LEU A 11 -1.50 -3.07 -11.76
N THR A 12 -2.24 -3.63 -10.83
CA THR A 12 -3.64 -3.92 -11.05
C THR A 12 -4.46 -2.65 -10.97
N ASP A 13 -5.75 -2.75 -11.27
CA ASP A 13 -6.60 -1.57 -11.30
C ASP A 13 -6.60 -0.83 -9.96
N GLU A 14 -6.57 -1.59 -8.87
CA GLU A 14 -6.58 -0.99 -7.54
C GLU A 14 -5.31 -0.19 -7.29
N GLU A 15 -4.16 -0.83 -7.51
CA GLU A 15 -2.87 -0.16 -7.33
C GLU A 15 -2.77 1.03 -8.26
N TYR A 16 -3.14 0.81 -9.52
CA TYR A 16 -3.06 1.85 -10.53
C TYR A 16 -4.02 2.99 -10.21
N ASP A 17 -5.11 2.68 -9.53
CA ASP A 17 -6.08 3.69 -9.15
C ASP A 17 -5.53 4.55 -8.02
N GLU A 18 -4.86 3.90 -7.07
CA GLU A 18 -4.16 4.59 -6.00
C GLU A 18 -3.03 5.41 -6.59
N PHE A 19 -2.41 4.84 -7.61
CA PHE A 19 -1.36 5.51 -8.36
C PHE A 19 -1.91 6.72 -9.08
N LYS A 20 -3.04 6.57 -9.76
CA LYS A 20 -3.70 7.70 -10.40
C LYS A 20 -4.05 8.75 -9.37
N LYS A 21 -4.62 8.28 -8.27
CA LYS A 21 -4.95 9.10 -7.13
C LYS A 21 -3.73 9.88 -6.65
N ARG A 22 -2.67 9.16 -6.39
CA ARG A 22 -1.41 9.73 -5.94
C ARG A 22 -0.81 10.66 -6.99
N ARG A 23 -0.94 10.27 -8.25
CA ARG A 23 -0.41 11.06 -9.36
C ARG A 23 -1.23 12.32 -9.59
N GLU A 24 -2.53 12.25 -9.31
CA GLU A 24 -3.39 13.43 -9.39
C GLU A 24 -2.96 14.45 -8.34
N SER A 25 -2.61 13.97 -7.16
CA SER A 25 -2.13 14.82 -6.07
C SER A 25 -0.84 15.55 -6.46
N ARG A 26 -0.17 15.05 -7.49
CA ARG A 26 1.08 15.64 -7.95
C ARG A 26 0.90 16.35 -9.30
N GLY A 27 -0.35 16.48 -9.72
CA GLY A 27 -0.64 17.14 -10.98
C GLY A 27 -0.01 16.45 -12.16
N GLY A 28 0.10 15.13 -12.07
CA GLY A 28 0.72 14.36 -13.14
C GLY A 28 2.20 14.10 -12.87
N LYS A 29 2.78 14.91 -11.99
CA LYS A 29 4.19 14.78 -11.66
C LYS A 29 4.43 13.65 -10.69
N TYR A 30 3.99 12.46 -11.06
CA TYR A 30 4.10 11.29 -10.21
C TYR A 30 4.29 10.07 -11.10
N SER A 31 5.51 9.59 -11.22
CA SER A 31 5.77 8.45 -12.08
C SER A 31 5.50 7.16 -11.32
N ILE A 32 5.54 6.04 -12.04
CA ILE A 32 5.27 4.76 -11.41
C ILE A 32 6.29 4.50 -10.31
N ASP A 33 7.51 4.96 -10.50
CA ASP A 33 8.59 4.74 -9.53
C ASP A 33 8.28 5.44 -8.21
N ASP A 34 7.74 6.64 -8.30
CA ASP A 34 7.31 7.36 -7.11
C ASP A 34 6.24 6.55 -6.39
N TYR A 35 5.38 5.92 -7.17
CA TYR A 35 4.36 5.05 -6.64
C TYR A 35 4.98 3.77 -6.10
N LEU A 36 5.86 3.17 -6.88
CA LEU A 36 6.51 1.93 -6.54
C LEU A 36 7.30 2.08 -5.24
N ALA A 37 7.85 3.27 -5.02
CA ALA A 37 8.54 3.59 -3.78
C ALA A 37 7.58 3.59 -2.60
N ASP A 38 6.38 4.12 -2.82
CA ASP A 38 5.35 4.12 -1.78
C ASP A 38 4.73 2.74 -1.68
N ARG A 39 4.68 2.05 -2.82
CA ARG A 39 4.15 0.70 -2.91
C ARG A 39 5.03 -0.26 -2.12
N GLU A 40 6.34 -0.03 -2.18
CA GLU A 40 7.30 -0.76 -1.37
C GLU A 40 6.99 -0.59 0.11
N ARG A 41 6.40 0.55 0.44
CA ARG A 41 6.03 0.85 1.81
C ARG A 41 4.65 0.30 2.13
N GLU A 42 3.82 0.17 1.10
CA GLU A 42 2.43 -0.24 1.25
C GLU A 42 2.27 -1.60 1.90
N GLU A 43 3.34 -2.40 1.91
CA GLU A 43 3.31 -3.70 2.56
C GLU A 43 2.92 -3.56 4.03
N GLU A 44 3.46 -2.56 4.70
CA GLU A 44 3.14 -2.31 6.09
C GLU A 44 1.92 -1.40 6.20
N LEU A 45 1.61 -0.70 5.11
CA LEU A 45 0.51 0.26 5.11
C LEU A 45 -0.82 -0.45 4.88
N LEU A 46 -0.75 -1.74 4.60
CA LEU A 46 -1.95 -2.56 4.50
C LEU A 46 -2.57 -2.75 5.88
N GLU A 47 -1.76 -2.52 6.90
CA GLU A 47 -2.21 -2.60 8.28
C GLU A 47 -2.08 -1.24 8.96
N ARG A 48 -3.07 -0.39 8.74
CA ARG A 48 -3.09 0.93 9.35
C ARG A 48 -4.20 1.00 10.38
N ASP A 49 -3.86 1.44 11.59
CA ASP A 49 -4.81 1.53 12.69
C ASP A 49 -5.84 2.63 12.43
N GLU A 50 -5.55 3.48 11.47
CA GLU A 50 -6.44 4.58 11.12
C GLU A 50 -7.52 4.14 10.15
N GLU A 51 -7.36 2.95 9.57
CA GLU A 51 -8.30 2.47 8.58
C GLU A 51 -9.39 1.60 9.20
N GLU A 52 -9.04 0.39 9.62
CA GLU A 52 -10.04 -0.54 10.10
C GLU A 52 -9.59 -1.21 11.39
N ALA A 53 -10.22 -2.33 11.72
CA ALA A 53 -9.98 -3.02 12.99
C ALA A 53 -8.68 -3.81 12.97
N ILE A 54 -7.57 -3.13 12.76
CA ILE A 54 -6.27 -3.77 12.76
C ILE A 54 -5.59 -3.59 14.11
N PHE A 55 -5.96 -2.54 14.82
CA PHE A 55 -5.33 -2.19 16.09
C PHE A 55 -6.00 -2.90 17.26
N GLY A 56 -6.37 -4.15 17.05
CA GLY A 56 -6.97 -4.93 18.10
C GLY A 56 -8.47 -5.10 17.91
N ASP A 57 -9.25 -4.29 18.59
CA ASP A 57 -10.70 -4.38 18.54
C ASP A 57 -11.25 -3.67 17.30
N GLY A 58 -12.55 -3.41 17.31
CA GLY A 58 -13.21 -2.76 16.18
C GLY A 58 -12.68 -1.36 15.92
N PHE A 59 -13.14 -0.76 14.85
CA PHE A 59 -12.63 0.55 14.44
C PHE A 59 -13.69 1.63 14.61
N GLY A 60 -13.41 2.57 15.50
CA GLY A 60 -14.29 3.70 15.67
C GLY A 60 -13.78 4.92 14.95
N LEU A 61 -12.93 4.70 13.94
CA LEU A 61 -12.33 5.79 13.19
C LEU A 61 -12.97 5.93 11.82
N LYS A 62 -12.76 4.93 10.96
CA LYS A 62 -13.36 4.92 9.62
C LYS A 62 -14.88 4.79 9.74
N ALA A 63 -15.32 4.17 10.83
CA ALA A 63 -16.73 4.06 11.12
C ALA A 63 -17.25 5.38 11.67
N THR A 64 -17.44 6.33 10.77
CA THR A 64 -17.92 7.65 11.13
C THR A 64 -19.34 7.59 11.68
N ARG A 65 -20.14 6.66 11.15
CA ARG A 65 -21.53 6.50 11.55
C ARG A 65 -22.26 7.83 11.49
N ARG A 66 -22.36 8.38 10.29
CA ARG A 66 -23.02 9.64 10.07
C ARG A 66 -24.53 9.44 10.07
N SER A 67 -25.28 10.49 9.77
CA SER A 67 -26.73 10.40 9.74
C SER A 67 -27.19 9.47 8.61
N ARG A 68 -27.31 8.19 8.93
CA ARG A 68 -27.69 7.20 7.94
C ARG A 68 -29.19 7.26 7.69
N LYS A 69 -29.95 7.65 8.70
CA LYS A 69 -31.39 7.77 8.58
C LYS A 69 -31.79 9.23 8.39
N ALA A 70 -31.09 9.91 7.49
CA ALA A 70 -31.38 11.31 7.21
C ALA A 70 -32.46 11.44 6.15
N GLU A 71 -32.16 11.00 4.95
CA GLU A 71 -33.09 11.09 3.84
C GLU A 71 -33.21 9.74 3.13
N ARG A 72 -32.10 9.29 2.56
CA ARG A 72 -32.04 8.03 1.85
C ARG A 72 -33.13 7.93 0.78
N ALA A 73 -33.11 8.88 -0.15
CA ALA A 73 -34.02 8.83 -1.29
C ALA A 73 -33.55 7.77 -2.27
N LYS A 74 -32.25 7.51 -2.26
CA LYS A 74 -31.65 6.45 -3.04
C LYS A 74 -31.24 5.31 -2.12
N LEU A 75 -30.53 4.33 -2.66
CA LEU A 75 -30.10 3.15 -1.91
C LEU A 75 -31.32 2.40 -1.37
N GLY A 1 8.23 -4.75 -24.34
CA GLY A 1 8.34 -4.21 -22.96
C GLY A 1 8.50 -2.71 -22.96
N ARG A 2 7.74 -2.04 -22.10
CA ARG A 2 7.78 -0.59 -22.02
C ARG A 2 9.05 -0.11 -21.31
N PRO A 3 9.59 1.05 -21.71
CA PRO A 3 10.77 1.65 -21.09
C PRO A 3 10.45 2.19 -19.71
N GLY A 4 11.46 2.81 -19.08
CA GLY A 4 11.32 3.33 -17.72
C GLY A 4 10.49 4.60 -17.65
N VAL A 5 9.60 4.78 -18.61
CA VAL A 5 8.68 5.90 -18.62
C VAL A 5 7.37 5.50 -17.96
N PHE A 6 7.14 4.20 -17.88
CA PHE A 6 5.94 3.65 -17.29
C PHE A 6 6.11 2.14 -17.08
N ARG A 7 6.76 1.78 -16.00
CA ARG A 7 6.93 0.38 -15.64
C ARG A 7 5.90 -0.01 -14.58
N THR A 8 4.89 -0.75 -15.00
CA THR A 8 3.80 -1.12 -14.10
C THR A 8 4.28 -2.06 -13.00
N ARG A 9 5.30 -2.86 -13.30
CA ARG A 9 5.80 -3.89 -12.37
C ARG A 9 4.79 -5.02 -12.22
N GLY A 10 3.63 -4.67 -11.70
CA GLY A 10 2.55 -5.61 -11.51
C GLY A 10 1.35 -4.93 -10.91
N LEU A 11 1.12 -3.69 -11.34
CA LEU A 11 0.05 -2.88 -10.80
C LEU A 11 -1.29 -3.34 -11.30
N THR A 12 -2.09 -3.84 -10.38
CA THR A 12 -3.46 -4.19 -10.69
C THR A 12 -4.30 -2.93 -10.79
N ASP A 13 -5.56 -3.07 -11.17
CA ASP A 13 -6.42 -1.91 -11.35
C ASP A 13 -6.49 -1.06 -10.07
N GLU A 14 -6.54 -1.73 -8.92
CA GLU A 14 -6.62 -1.02 -7.64
C GLU A 14 -5.33 -0.26 -7.33
N GLU A 15 -4.18 -0.87 -7.62
CA GLU A 15 -2.90 -0.20 -7.43
C GLU A 15 -2.81 1.00 -8.36
N TYR A 16 -3.13 0.76 -9.62
CA TYR A 16 -3.06 1.80 -10.63
C TYR A 16 -4.02 2.93 -10.33
N ASP A 17 -5.20 2.58 -9.84
CA ASP A 17 -6.20 3.57 -9.49
C ASP A 17 -5.68 4.47 -8.38
N GLU A 18 -5.06 3.85 -7.37
CA GLU A 18 -4.45 4.59 -6.28
C GLU A 18 -3.33 5.48 -6.83
N PHE A 19 -2.54 4.91 -7.71
CA PHE A 19 -1.46 5.61 -8.37
C PHE A 19 -1.99 6.82 -9.15
N LYS A 20 -3.12 6.66 -9.82
CA LYS A 20 -3.73 7.76 -10.55
C LYS A 20 -4.11 8.87 -9.60
N LYS A 21 -4.81 8.51 -8.53
CA LYS A 21 -5.22 9.46 -7.51
C LYS A 21 -4.02 10.20 -6.95
N ARG A 22 -2.97 9.44 -6.66
CA ARG A 22 -1.73 9.99 -6.16
C ARG A 22 -1.07 10.89 -7.20
N ARG A 23 -1.04 10.42 -8.45
CA ARG A 23 -0.43 11.19 -9.53
C ARG A 23 -1.20 12.48 -9.78
N GLU A 24 -2.51 12.41 -9.74
CA GLU A 24 -3.35 13.59 -9.86
C GLU A 24 -3.10 14.55 -8.70
N SER A 25 -2.92 13.98 -7.51
CA SER A 25 -2.61 14.75 -6.31
C SER A 25 -1.28 15.48 -6.47
N ARG A 26 -0.39 14.91 -7.28
CA ARG A 26 0.90 15.53 -7.57
C ARG A 26 0.84 16.34 -8.87
N GLY A 27 -0.38 16.65 -9.31
CA GLY A 27 -0.57 17.46 -10.50
C GLY A 27 -0.07 16.79 -11.76
N GLY A 28 -0.03 15.46 -11.75
CA GLY A 28 0.46 14.72 -12.89
C GLY A 28 1.94 14.43 -12.77
N LYS A 29 2.60 15.12 -11.87
CA LYS A 29 4.03 14.93 -11.67
C LYS A 29 4.27 13.80 -10.68
N TYR A 30 3.99 12.59 -11.10
CA TYR A 30 4.12 11.43 -10.25
C TYR A 30 4.38 10.19 -11.09
N SER A 31 5.61 9.70 -11.06
CA SER A 31 5.93 8.52 -11.83
C SER A 31 5.50 7.27 -11.11
N ILE A 32 5.48 6.16 -11.82
CA ILE A 32 5.15 4.89 -11.22
C ILE A 32 6.20 4.52 -10.18
N ASP A 33 7.44 4.90 -10.44
CA ASP A 33 8.53 4.59 -9.53
C ASP A 33 8.31 5.26 -8.19
N ASP A 34 7.77 6.47 -8.23
CA ASP A 34 7.42 7.19 -7.02
C ASP A 34 6.29 6.45 -6.30
N TYR A 35 5.42 5.82 -7.07
CA TYR A 35 4.38 4.98 -6.51
C TYR A 35 4.97 3.66 -6.02
N LEU A 36 5.86 3.11 -6.82
CA LEU A 36 6.46 1.81 -6.56
C LEU A 36 7.35 1.83 -5.31
N ALA A 37 7.97 2.96 -5.03
CA ALA A 37 8.78 3.11 -3.81
C ALA A 37 7.89 3.19 -2.59
N ASP A 38 6.77 3.88 -2.70
CA ASP A 38 5.79 3.92 -1.63
C ASP A 38 5.10 2.57 -1.55
N ARG A 39 4.94 1.94 -2.70
CA ARG A 39 4.35 0.61 -2.81
C ARG A 39 5.21 -0.41 -2.08
N GLU A 40 6.54 -0.21 -2.16
CA GLU A 40 7.50 -1.01 -1.40
C GLU A 40 7.16 -0.98 0.08
N ARG A 41 6.63 0.16 0.51
CA ARG A 41 6.23 0.35 1.88
C ARG A 41 4.81 -0.17 2.11
N GLU A 42 3.95 0.09 1.14
CA GLU A 42 2.54 -0.26 1.23
C GLU A 42 2.34 -1.73 1.56
N GLU A 43 3.10 -2.60 0.91
CA GLU A 43 2.91 -4.04 1.07
C GLU A 43 3.10 -4.49 2.53
N GLU A 44 4.00 -3.83 3.25
CA GLU A 44 4.21 -4.14 4.67
C GLU A 44 3.25 -3.34 5.54
N LEU A 45 2.67 -2.30 4.97
CA LEU A 45 1.76 -1.42 5.69
C LEU A 45 0.30 -1.89 5.54
N LEU A 46 0.07 -2.81 4.61
CA LEU A 46 -1.27 -3.34 4.36
C LEU A 46 -1.81 -4.03 5.60
N GLU A 47 -1.04 -4.96 6.13
CA GLU A 47 -1.39 -5.62 7.37
C GLU A 47 -0.42 -5.22 8.46
N ARG A 48 -0.95 -4.94 9.64
CA ARG A 48 -0.14 -4.51 10.76
C ARG A 48 -0.84 -4.78 12.07
N ASP A 49 -0.16 -5.52 12.93
CA ASP A 49 -0.67 -5.92 14.23
C ASP A 49 -1.07 -4.70 15.06
N GLU A 50 -0.45 -3.57 14.73
CA GLU A 50 -0.64 -2.32 15.46
C GLU A 50 -2.07 -1.81 15.34
N GLU A 51 -2.67 -1.98 14.18
CA GLU A 51 -3.99 -1.43 13.90
C GLU A 51 -5.09 -2.28 14.57
N GLU A 52 -4.70 -3.49 14.97
CA GLU A 52 -5.59 -4.44 15.62
C GLU A 52 -6.64 -4.98 14.65
N ALA A 53 -7.08 -6.22 14.90
CA ALA A 53 -8.11 -6.90 14.09
C ALA A 53 -7.53 -7.45 12.79
N ILE A 54 -6.22 -7.55 12.73
CA ILE A 54 -5.56 -8.21 11.60
C ILE A 54 -4.96 -9.51 12.08
N PHE A 55 -4.15 -9.40 13.11
CA PHE A 55 -3.58 -10.56 13.79
C PHE A 55 -4.67 -11.38 14.46
N GLY A 56 -4.38 -12.64 14.73
CA GLY A 56 -5.40 -13.57 15.18
C GLY A 56 -5.59 -13.58 16.69
N ASP A 57 -4.83 -12.78 17.40
CA ASP A 57 -4.93 -12.70 18.85
C ASP A 57 -4.78 -11.27 19.33
N GLY A 58 -5.77 -10.80 20.10
CA GLY A 58 -5.69 -9.48 20.69
C GLY A 58 -6.47 -8.44 19.92
N PHE A 59 -7.63 -8.81 19.41
CA PHE A 59 -8.46 -7.87 18.67
C PHE A 59 -9.88 -7.81 19.23
N GLY A 60 -10.35 -6.59 19.46
CA GLY A 60 -11.71 -6.40 19.92
C GLY A 60 -12.52 -5.53 18.98
N LEU A 61 -11.83 -4.92 18.01
CA LEU A 61 -12.50 -4.10 17.00
C LEU A 61 -13.45 -4.93 16.17
N LYS A 62 -12.95 -6.03 15.60
CA LYS A 62 -13.76 -6.92 14.79
C LYS A 62 -14.06 -8.20 15.57
N ALA A 63 -14.70 -8.07 16.72
CA ALA A 63 -14.99 -9.21 17.57
C ALA A 63 -16.21 -9.98 17.06
N THR A 64 -16.05 -10.58 15.89
CA THR A 64 -17.09 -11.40 15.30
C THR A 64 -17.19 -12.73 16.02
N ARG A 65 -18.29 -12.95 16.71
CA ARG A 65 -18.50 -14.18 17.46
C ARG A 65 -18.71 -15.35 16.52
N ARG A 66 -17.64 -16.10 16.28
CA ARG A 66 -17.73 -17.30 15.46
C ARG A 66 -18.04 -18.51 16.33
N SER A 67 -18.75 -18.25 17.42
CA SER A 67 -19.14 -19.29 18.36
C SER A 67 -20.16 -20.23 17.72
N ARG A 68 -21.22 -19.64 17.17
CA ARG A 68 -22.27 -20.39 16.46
C ARG A 68 -22.94 -21.41 17.38
N LYS A 69 -22.40 -22.62 17.40
CA LYS A 69 -22.94 -23.67 18.26
C LYS A 69 -22.37 -23.54 19.67
N ALA A 70 -21.28 -22.78 19.79
CA ALA A 70 -20.65 -22.55 21.07
C ALA A 70 -21.33 -21.39 21.81
N GLU A 71 -22.66 -21.48 21.92
CA GLU A 71 -23.42 -20.47 22.63
C GLU A 71 -23.82 -20.98 24.02
N ARG A 72 -23.26 -22.11 24.40
CA ARG A 72 -23.59 -22.72 25.68
C ARG A 72 -22.91 -21.97 26.82
N ALA A 73 -21.61 -21.71 26.63
CA ALA A 73 -20.78 -20.98 27.59
C ALA A 73 -20.55 -21.81 28.85
N LYS A 74 -21.63 -22.09 29.57
CA LYS A 74 -21.59 -22.88 30.77
C LYS A 74 -22.99 -23.39 31.09
N LEU A 75 -23.16 -24.70 31.14
CA LEU A 75 -24.46 -25.29 31.41
C LEU A 75 -24.63 -25.46 32.91
N GLY A 1 21.34 -2.24 -12.47
CA GLY A 1 20.09 -1.45 -12.36
C GLY A 1 18.88 -2.34 -12.20
N ARG A 2 17.98 -2.30 -13.17
CA ARG A 2 16.79 -3.13 -13.14
C ARG A 2 16.29 -3.40 -14.56
N PRO A 3 15.36 -4.33 -14.74
CA PRO A 3 14.69 -4.53 -16.02
C PRO A 3 13.77 -3.36 -16.36
N GLY A 4 12.64 -3.28 -15.67
CA GLY A 4 11.69 -2.21 -15.92
C GLY A 4 11.18 -2.23 -17.35
N VAL A 5 10.89 -3.42 -17.85
CA VAL A 5 10.42 -3.58 -19.22
C VAL A 5 9.08 -2.90 -19.39
N PHE A 6 8.35 -2.83 -18.29
CA PHE A 6 7.12 -2.08 -18.22
C PHE A 6 7.10 -1.34 -16.90
N ARG A 7 6.87 -0.04 -16.95
CA ARG A 7 6.87 0.76 -15.73
C ARG A 7 5.54 0.63 -15.00
N THR A 8 5.32 -0.56 -14.45
CA THR A 8 4.13 -0.85 -13.68
C THR A 8 4.47 -1.69 -12.46
N ARG A 9 5.21 -2.79 -12.67
CA ARG A 9 5.54 -3.73 -11.61
C ARG A 9 4.27 -4.47 -11.17
N GLY A 10 3.54 -4.99 -12.16
CA GLY A 10 2.34 -5.76 -11.87
C GLY A 10 1.30 -4.99 -11.10
N LEU A 11 1.03 -3.76 -11.53
CA LEU A 11 0.02 -2.95 -10.87
C LEU A 11 -1.36 -3.37 -11.33
N THR A 12 -2.21 -3.68 -10.38
CA THR A 12 -3.58 -4.01 -10.70
C THR A 12 -4.40 -2.74 -10.86
N ASP A 13 -5.66 -2.88 -11.23
CA ASP A 13 -6.52 -1.72 -11.44
C ASP A 13 -6.58 -0.87 -10.18
N GLU A 14 -6.63 -1.53 -9.02
CA GLU A 14 -6.73 -0.84 -7.75
C GLU A 14 -5.43 -0.09 -7.45
N GLU A 15 -4.29 -0.75 -7.62
CA GLU A 15 -2.98 -0.12 -7.42
C GLU A 15 -2.84 1.06 -8.38
N TYR A 16 -3.15 0.82 -9.63
CA TYR A 16 -3.02 1.83 -10.66
C TYR A 16 -3.95 3.00 -10.39
N ASP A 17 -5.11 2.69 -9.82
CA ASP A 17 -6.07 3.73 -9.48
C ASP A 17 -5.55 4.58 -8.34
N GLU A 18 -4.98 3.92 -7.34
CA GLU A 18 -4.33 4.60 -6.24
C GLU A 18 -3.18 5.45 -6.76
N PHE A 19 -2.47 4.88 -7.72
CA PHE A 19 -1.40 5.57 -8.41
C PHE A 19 -1.94 6.81 -9.14
N LYS A 20 -3.03 6.65 -9.87
CA LYS A 20 -3.66 7.78 -10.54
C LYS A 20 -4.09 8.81 -9.51
N LYS A 21 -4.74 8.33 -8.47
CA LYS A 21 -5.17 9.14 -7.34
C LYS A 21 -3.98 9.93 -6.78
N ARG A 22 -2.89 9.23 -6.56
CA ARG A 22 -1.67 9.82 -6.03
C ARG A 22 -1.02 10.77 -7.04
N ARG A 23 -1.03 10.37 -8.30
CA ARG A 23 -0.43 11.16 -9.38
C ARG A 23 -1.21 12.44 -9.61
N GLU A 24 -2.53 12.35 -9.56
CA GLU A 24 -3.38 13.52 -9.67
C GLU A 24 -3.10 14.48 -8.51
N SER A 25 -2.85 13.91 -7.34
CA SER A 25 -2.53 14.70 -6.15
C SER A 25 -1.19 15.43 -6.32
N ARG A 26 -0.36 14.92 -7.22
CA ARG A 26 0.92 15.56 -7.52
C ARG A 26 0.81 16.38 -8.81
N GLY A 27 -0.42 16.59 -9.28
CA GLY A 27 -0.65 17.38 -10.48
C GLY A 27 -0.12 16.71 -11.73
N GLY A 28 -0.04 15.39 -11.71
CA GLY A 28 0.46 14.65 -12.85
C GLY A 28 1.95 14.40 -12.77
N LYS A 29 2.60 15.04 -11.81
CA LYS A 29 4.03 14.86 -11.64
C LYS A 29 4.29 13.76 -10.61
N TYR A 30 3.96 12.54 -11.00
CA TYR A 30 4.09 11.39 -10.13
C TYR A 30 4.32 10.15 -10.97
N SER A 31 5.55 9.70 -11.07
CA SER A 31 5.86 8.54 -11.89
C SER A 31 5.46 7.27 -11.17
N ILE A 32 5.45 6.16 -11.89
CA ILE A 32 5.13 4.89 -11.27
C ILE A 32 6.16 4.56 -10.21
N ASP A 33 7.41 4.97 -10.43
CA ASP A 33 8.48 4.69 -9.48
C ASP A 33 8.23 5.41 -8.16
N ASP A 34 7.68 6.61 -8.24
CA ASP A 34 7.29 7.34 -7.04
C ASP A 34 6.22 6.57 -6.30
N TYR A 35 5.38 5.87 -7.07
CA TYR A 35 4.36 5.00 -6.52
C TYR A 35 4.98 3.71 -6.02
N LEU A 36 5.82 3.13 -6.84
CA LEU A 36 6.42 1.82 -6.58
C LEU A 36 7.34 1.87 -5.35
N ALA A 37 8.04 2.96 -5.17
CA ALA A 37 8.89 3.14 -3.99
C ALA A 37 8.03 3.22 -2.73
N ASP A 38 6.89 3.88 -2.84
CA ASP A 38 5.94 3.96 -1.74
C ASP A 38 5.23 2.63 -1.59
N ARG A 39 4.98 1.99 -2.73
CA ARG A 39 4.35 0.67 -2.80
C ARG A 39 5.21 -0.36 -2.07
N GLU A 40 6.53 -0.18 -2.16
CA GLU A 40 7.48 -1.00 -1.43
C GLU A 40 7.29 -0.84 0.08
N ARG A 41 6.83 0.33 0.48
CA ARG A 41 6.57 0.61 1.87
C ARG A 41 5.18 0.17 2.27
N GLU A 42 4.31 0.08 1.28
CA GLU A 42 2.93 -0.26 1.50
C GLU A 42 2.76 -1.69 1.99
N GLU A 43 3.77 -2.52 1.79
CA GLU A 43 3.71 -3.90 2.26
C GLU A 43 3.50 -3.95 3.77
N GLU A 44 4.22 -3.10 4.49
CA GLU A 44 4.06 -3.00 5.93
C GLU A 44 2.95 -2.02 6.30
N LEU A 45 2.54 -1.20 5.34
CA LEU A 45 1.47 -0.23 5.59
C LEU A 45 0.10 -0.86 5.36
N LEU A 46 0.05 -1.96 4.61
CA LEU A 46 -1.19 -2.69 4.41
C LEU A 46 -1.61 -3.35 5.71
N GLU A 47 -0.63 -3.73 6.52
CA GLU A 47 -0.91 -4.36 7.79
C GLU A 47 -0.91 -3.35 8.93
N ARG A 48 -1.73 -2.31 8.78
CA ARG A 48 -1.86 -1.31 9.83
C ARG A 48 -3.06 -1.60 10.73
N ASP A 49 -4.25 -1.35 10.24
CA ASP A 49 -5.45 -1.51 11.06
C ASP A 49 -6.72 -1.59 10.21
N GLU A 50 -7.24 -0.43 9.82
CA GLU A 50 -8.47 -0.34 9.04
C GLU A 50 -8.27 -0.88 7.63
N GLU A 51 -7.01 -0.91 7.20
CA GLU A 51 -6.64 -1.28 5.84
C GLU A 51 -7.28 -2.58 5.39
N GLU A 52 -6.89 -3.69 6.02
CA GLU A 52 -7.42 -4.99 5.64
C GLU A 52 -7.21 -6.02 6.75
N ALA A 53 -8.09 -5.97 7.74
CA ALA A 53 -8.15 -6.96 8.83
C ALA A 53 -6.81 -7.12 9.56
N ILE A 54 -6.44 -6.12 10.34
CA ILE A 54 -5.24 -6.22 11.16
C ILE A 54 -5.58 -6.13 12.64
N PHE A 55 -6.55 -5.30 12.94
CA PHE A 55 -7.00 -5.06 14.31
C PHE A 55 -7.89 -6.22 14.79
N GLY A 56 -7.97 -7.25 13.96
CA GLY A 56 -8.80 -8.39 14.25
C GLY A 56 -9.07 -9.17 12.99
N ASP A 57 -9.86 -10.23 13.11
CA ASP A 57 -10.19 -11.05 11.95
C ASP A 57 -11.35 -10.43 11.18
N GLY A 58 -11.10 -9.25 10.64
CA GLY A 58 -12.10 -8.53 9.90
C GLY A 58 -11.71 -7.08 9.71
N PHE A 59 -12.45 -6.36 8.89
CA PHE A 59 -12.13 -4.97 8.59
C PHE A 59 -13.29 -4.07 9.00
N GLY A 60 -13.99 -4.47 10.06
CA GLY A 60 -15.13 -3.71 10.53
C GLY A 60 -14.71 -2.53 11.39
N LEU A 61 -14.00 -1.59 10.79
CA LEU A 61 -13.55 -0.41 11.49
C LEU A 61 -13.86 0.84 10.66
N LYS A 62 -15.12 0.93 10.24
CA LYS A 62 -15.60 2.04 9.41
C LYS A 62 -14.89 2.04 8.06
N ALA A 63 -14.49 0.86 7.60
CA ALA A 63 -13.77 0.72 6.34
C ALA A 63 -14.74 0.61 5.18
N THR A 64 -15.92 0.09 5.46
CA THR A 64 -16.95 -0.07 4.45
C THR A 64 -17.75 1.21 4.28
N ARG A 65 -17.78 1.74 3.06
CA ARG A 65 -18.49 2.96 2.78
C ARG A 65 -19.88 2.64 2.24
N ARG A 66 -20.14 1.34 2.10
CA ARG A 66 -21.44 0.87 1.63
C ARG A 66 -22.10 0.05 2.74
N SER A 67 -21.50 -1.07 3.07
CA SER A 67 -22.02 -1.96 4.10
C SER A 67 -21.54 -1.53 5.49
N ARG A 68 -21.97 -0.35 5.92
CA ARG A 68 -21.63 0.14 7.24
C ARG A 68 -22.85 0.07 8.15
N LYS A 69 -22.70 -0.67 9.25
CA LYS A 69 -23.80 -0.92 10.18
C LYS A 69 -25.00 -1.50 9.46
N ALA A 70 -24.72 -2.41 8.53
CA ALA A 70 -25.76 -3.04 7.73
C ALA A 70 -25.42 -4.50 7.48
N GLU A 71 -26.13 -5.39 8.15
CA GLU A 71 -25.89 -6.81 8.01
C GLU A 71 -26.79 -7.42 6.95
N ARG A 72 -27.89 -6.76 6.66
CA ARG A 72 -28.82 -7.24 5.67
C ARG A 72 -28.28 -6.95 4.27
N ALA A 73 -28.17 -7.98 3.45
CA ALA A 73 -27.60 -7.84 2.12
C ALA A 73 -28.67 -7.58 1.07
N LYS A 74 -29.94 -7.77 1.46
CA LYS A 74 -31.06 -7.54 0.55
C LYS A 74 -31.49 -6.07 0.59
N LEU A 75 -30.52 -5.18 0.68
CA LEU A 75 -30.80 -3.75 0.71
C LEU A 75 -30.35 -3.11 -0.60
N GLY A 1 10.16 7.16 -13.04
CA GLY A 1 9.71 7.14 -14.45
C GLY A 1 10.61 6.26 -15.30
N ARG A 2 10.22 5.01 -15.49
CA ARG A 2 11.04 4.07 -16.23
C ARG A 2 10.78 4.14 -17.72
N PRO A 3 11.82 3.93 -18.52
CA PRO A 3 11.76 4.03 -19.97
C PRO A 3 11.15 2.79 -20.64
N GLY A 4 9.96 2.40 -20.18
CA GLY A 4 9.23 1.30 -20.81
C GLY A 4 9.74 -0.06 -20.37
N VAL A 5 10.94 -0.11 -19.84
CA VAL A 5 11.57 -1.37 -19.46
C VAL A 5 10.87 -2.03 -18.27
N PHE A 6 10.46 -1.23 -17.31
CA PHE A 6 9.82 -1.77 -16.11
C PHE A 6 8.35 -1.43 -16.10
N ARG A 7 8.06 -0.14 -15.98
CA ARG A 7 6.69 0.37 -15.92
C ARG A 7 5.98 -0.12 -14.66
N THR A 8 5.31 -1.26 -14.76
CA THR A 8 4.53 -1.74 -13.64
C THR A 8 4.98 -3.13 -13.20
N ARG A 9 5.14 -3.28 -11.89
CA ARG A 9 5.46 -4.57 -11.30
C ARG A 9 4.17 -5.34 -11.01
N GLY A 10 3.34 -5.46 -12.02
CA GLY A 10 2.04 -6.09 -11.84
C GLY A 10 1.12 -5.25 -10.99
N LEU A 11 0.90 -4.02 -11.40
CA LEU A 11 0.01 -3.13 -10.67
C LEU A 11 -1.42 -3.41 -11.07
N THR A 12 -2.19 -3.92 -10.14
CA THR A 12 -3.59 -4.22 -10.40
C THR A 12 -4.36 -2.93 -10.60
N ASP A 13 -5.61 -3.05 -11.02
CA ASP A 13 -6.41 -1.88 -11.32
C ASP A 13 -6.53 -0.98 -10.10
N GLU A 14 -6.63 -1.57 -8.91
CA GLU A 14 -6.76 -0.80 -7.68
C GLU A 14 -5.47 -0.04 -7.35
N GLU A 15 -4.32 -0.71 -7.50
CA GLU A 15 -3.03 -0.07 -7.28
C GLU A 15 -2.83 1.04 -8.29
N TYR A 16 -3.14 0.75 -9.54
CA TYR A 16 -2.95 1.71 -10.61
C TYR A 16 -3.92 2.87 -10.45
N ASP A 17 -5.15 2.58 -10.06
CA ASP A 17 -6.16 3.62 -9.81
C ASP A 17 -5.69 4.52 -8.68
N GLU A 18 -5.19 3.90 -7.62
CA GLU A 18 -4.64 4.64 -6.49
C GLU A 18 -3.47 5.50 -6.95
N PHE A 19 -2.57 4.87 -7.69
CA PHE A 19 -1.45 5.54 -8.32
C PHE A 19 -1.91 6.76 -9.10
N LYS A 20 -2.96 6.59 -9.89
CA LYS A 20 -3.53 7.68 -10.67
C LYS A 20 -4.03 8.80 -9.78
N LYS A 21 -4.76 8.43 -8.73
CA LYS A 21 -5.28 9.39 -7.77
C LYS A 21 -4.14 10.10 -7.06
N ARG A 22 -3.12 9.33 -6.71
CA ARG A 22 -1.93 9.86 -6.08
C ARG A 22 -1.14 10.75 -7.03
N ARG A 23 -1.09 10.36 -8.29
CA ARG A 23 -0.43 11.13 -9.33
C ARG A 23 -1.20 12.42 -9.59
N GLU A 24 -2.52 12.33 -9.49
CA GLU A 24 -3.39 13.49 -9.64
C GLU A 24 -3.07 14.52 -8.56
N SER A 25 -2.82 14.03 -7.36
CA SER A 25 -2.47 14.90 -6.23
C SER A 25 -1.12 15.59 -6.44
N ARG A 26 -0.32 15.04 -7.35
CA ARG A 26 0.96 15.63 -7.70
C ARG A 26 0.88 16.38 -9.02
N GLY A 27 -0.35 16.58 -9.49
CA GLY A 27 -0.56 17.29 -10.75
C GLY A 27 0.05 16.56 -11.92
N GLY A 28 0.11 15.25 -11.84
CA GLY A 28 0.69 14.46 -12.91
C GLY A 28 2.16 14.16 -12.68
N LYS A 29 2.80 14.98 -11.85
CA LYS A 29 4.22 14.82 -11.55
C LYS A 29 4.44 13.72 -10.52
N TYR A 30 4.06 12.51 -10.88
CA TYR A 30 4.14 11.38 -9.98
C TYR A 30 4.25 10.11 -10.81
N SER A 31 5.45 9.62 -11.05
CA SER A 31 5.60 8.46 -11.89
C SER A 31 5.22 7.21 -11.15
N ILE A 32 5.21 6.14 -11.89
CA ILE A 32 4.94 4.86 -11.32
C ILE A 32 5.96 4.56 -10.23
N ASP A 33 7.19 5.00 -10.47
CA ASP A 33 8.28 4.74 -9.54
C ASP A 33 8.07 5.47 -8.22
N ASP A 34 7.56 6.70 -8.30
CA ASP A 34 7.25 7.46 -7.10
C ASP A 34 6.23 6.72 -6.27
N TYR A 35 5.34 6.03 -6.96
CA TYR A 35 4.35 5.19 -6.32
C TYR A 35 4.98 3.87 -5.88
N LEU A 36 5.75 3.27 -6.77
CA LEU A 36 6.35 1.96 -6.55
C LEU A 36 7.30 1.97 -5.36
N ALA A 37 8.15 2.98 -5.27
CA ALA A 37 9.11 3.07 -4.17
C ALA A 37 8.40 3.18 -2.83
N ASP A 38 7.29 3.89 -2.81
CA ASP A 38 6.48 4.01 -1.60
C ASP A 38 5.63 2.75 -1.44
N ARG A 39 5.17 2.22 -2.57
CA ARG A 39 4.42 0.97 -2.61
C ARG A 39 5.24 -0.16 -2.00
N GLU A 40 6.54 -0.16 -2.33
CA GLU A 40 7.50 -1.09 -1.74
C GLU A 40 7.43 -1.03 -0.22
N ARG A 41 7.33 0.19 0.30
CA ARG A 41 7.17 0.40 1.72
C ARG A 41 5.81 -0.11 2.18
N GLU A 42 4.79 0.24 1.41
CA GLU A 42 3.41 -0.08 1.76
C GLU A 42 3.22 -1.59 1.95
N GLU A 43 3.84 -2.39 1.09
CA GLU A 43 3.69 -3.84 1.14
C GLU A 43 4.24 -4.43 2.44
N GLU A 44 5.29 -3.82 2.99
CA GLU A 44 5.83 -4.29 4.26
C GLU A 44 5.10 -3.63 5.42
N LEU A 45 4.41 -2.55 5.12
CA LEU A 45 3.63 -1.81 6.12
C LEU A 45 2.21 -2.34 6.19
N LEU A 46 1.88 -3.28 5.31
CA LEU A 46 0.57 -3.91 5.32
C LEU A 46 0.39 -4.76 6.56
N GLU A 47 1.26 -5.74 6.72
CA GLU A 47 1.22 -6.66 7.85
C GLU A 47 1.67 -5.96 9.12
N ARG A 48 0.74 -5.33 9.81
CA ARG A 48 1.05 -4.61 11.03
C ARG A 48 0.67 -5.41 12.27
N ASP A 49 1.00 -6.69 12.27
CA ASP A 49 0.87 -7.56 13.45
C ASP A 49 -0.60 -7.69 13.90
N GLU A 50 -1.06 -6.72 14.68
CA GLU A 50 -2.39 -6.76 15.29
C GLU A 50 -3.51 -6.50 14.28
N GLU A 51 -3.15 -6.10 13.07
CA GLU A 51 -4.12 -5.86 12.01
C GLU A 51 -5.15 -6.99 11.95
N GLU A 52 -4.66 -8.22 11.97
CA GLU A 52 -5.53 -9.38 11.97
C GLU A 52 -4.89 -10.52 12.74
N ALA A 53 -3.98 -11.23 12.10
CA ALA A 53 -3.33 -12.38 12.72
C ALA A 53 -1.95 -12.61 12.15
N ILE A 54 -1.20 -11.54 11.92
CA ILE A 54 0.13 -11.67 11.34
C ILE A 54 1.18 -11.70 12.46
N PHE A 55 1.12 -12.73 13.28
CA PHE A 55 2.05 -12.86 14.39
C PHE A 55 2.03 -14.29 14.95
N GLY A 56 1.63 -15.23 14.12
CA GLY A 56 1.55 -16.61 14.56
C GLY A 56 2.03 -17.56 13.49
N ASP A 57 1.55 -18.80 13.54
CA ASP A 57 1.91 -19.80 12.54
C ASP A 57 1.08 -19.59 11.27
N GLY A 58 0.10 -18.72 11.38
CA GLY A 58 -0.76 -18.41 10.27
C GLY A 58 -1.74 -17.31 10.62
N PHE A 59 -2.74 -17.11 9.79
CA PHE A 59 -3.73 -16.09 10.04
C PHE A 59 -5.05 -16.72 10.48
N GLY A 60 -4.98 -17.96 10.92
CA GLY A 60 -6.17 -18.67 11.35
C GLY A 60 -6.50 -18.41 12.81
N LEU A 61 -6.63 -17.14 13.15
CA LEU A 61 -6.93 -16.75 14.52
C LEU A 61 -8.42 -16.96 14.80
N LYS A 62 -9.26 -16.16 14.16
CA LYS A 62 -10.69 -16.30 14.33
C LYS A 62 -11.26 -17.16 13.21
N ALA A 63 -10.80 -16.88 11.99
CA ALA A 63 -11.19 -17.66 10.83
C ALA A 63 -10.21 -18.81 10.62
N THR A 64 -10.52 -19.95 11.20
CA THR A 64 -9.63 -21.10 11.14
C THR A 64 -9.75 -21.79 9.79
N ARG A 65 -10.97 -21.97 9.30
CA ARG A 65 -11.23 -22.61 8.02
C ARG A 65 -10.57 -23.99 7.97
N ARG A 66 -11.05 -24.88 8.81
CA ARG A 66 -10.52 -26.22 8.90
C ARG A 66 -11.28 -27.15 7.95
N SER A 67 -12.59 -27.10 8.02
CA SER A 67 -13.42 -27.91 7.15
C SER A 67 -13.68 -27.19 5.83
N ARG A 68 -12.61 -26.99 5.07
CA ARG A 68 -12.69 -26.28 3.80
C ARG A 68 -13.43 -27.13 2.77
N LYS A 69 -13.29 -28.44 2.88
CA LYS A 69 -13.93 -29.36 1.96
C LYS A 69 -15.42 -29.50 2.31
N ALA A 70 -15.78 -29.13 3.52
CA ALA A 70 -17.19 -29.08 3.92
C ALA A 70 -17.88 -27.96 3.17
N GLU A 71 -17.18 -26.84 3.04
CA GLU A 71 -17.66 -25.72 2.25
C GLU A 71 -17.64 -26.08 0.78
N ARG A 72 -16.51 -26.62 0.34
CA ARG A 72 -16.34 -27.03 -1.05
C ARG A 72 -17.00 -28.38 -1.27
N ALA A 73 -18.33 -28.39 -1.27
CA ALA A 73 -19.09 -29.62 -1.37
C ALA A 73 -19.30 -30.01 -2.83
N LYS A 74 -18.67 -29.26 -3.73
CA LYS A 74 -18.78 -29.54 -5.16
C LYS A 74 -17.49 -30.18 -5.66
N LEU A 75 -16.43 -29.39 -5.74
CA LEU A 75 -15.14 -29.84 -6.26
C LEU A 75 -15.25 -30.36 -7.68
N GLY A 1 20.27 7.41 -16.17
CA GLY A 1 19.86 6.02 -15.84
C GLY A 1 18.58 5.98 -15.04
N ARG A 2 18.48 4.99 -14.16
CA ARG A 2 17.33 4.80 -13.28
C ARG A 2 16.08 4.38 -14.06
N PRO A 3 15.81 3.08 -14.03
CA PRO A 3 14.67 2.47 -14.68
C PRO A 3 13.44 2.41 -13.77
N GLY A 4 12.36 1.86 -14.30
CA GLY A 4 11.14 1.71 -13.53
C GLY A 4 10.42 3.02 -13.32
N VAL A 5 10.60 3.95 -14.25
CA VAL A 5 10.00 5.27 -14.13
C VAL A 5 8.53 5.25 -14.53
N PHE A 6 8.18 4.45 -15.53
CA PHE A 6 6.78 4.29 -15.93
C PHE A 6 6.44 2.83 -16.16
N ARG A 7 7.31 1.94 -15.68
CA ARG A 7 7.04 0.51 -15.75
C ARG A 7 6.00 0.15 -14.72
N THR A 8 4.89 -0.42 -15.18
CA THR A 8 3.75 -0.67 -14.33
C THR A 8 4.05 -1.69 -13.23
N ARG A 9 5.09 -2.50 -13.44
CA ARG A 9 5.52 -3.50 -12.46
C ARG A 9 4.44 -4.56 -12.24
N GLY A 10 3.44 -4.55 -13.11
CA GLY A 10 2.30 -5.42 -12.95
C GLY A 10 1.26 -4.83 -12.03
N LEU A 11 1.13 -3.51 -12.09
CA LEU A 11 0.15 -2.82 -11.28
C LEU A 11 -1.25 -3.20 -11.66
N THR A 12 -1.97 -3.78 -10.72
CA THR A 12 -3.36 -4.15 -10.94
C THR A 12 -4.22 -2.90 -10.97
N ASP A 13 -5.47 -3.03 -11.37
CA ASP A 13 -6.36 -1.88 -11.53
C ASP A 13 -6.43 -1.06 -10.24
N GLU A 14 -6.53 -1.76 -9.11
CA GLU A 14 -6.60 -1.10 -7.80
C GLU A 14 -5.32 -0.30 -7.53
N GLU A 15 -4.17 -0.92 -7.75
CA GLU A 15 -2.89 -0.24 -7.53
C GLU A 15 -2.80 0.97 -8.44
N TYR A 16 -3.11 0.76 -9.71
CA TYR A 16 -3.03 1.80 -10.71
C TYR A 16 -4.02 2.91 -10.39
N ASP A 17 -5.13 2.55 -9.78
CA ASP A 17 -6.13 3.52 -9.36
C ASP A 17 -5.57 4.41 -8.26
N GLU A 18 -4.94 3.77 -7.27
CA GLU A 18 -4.30 4.50 -6.20
C GLU A 18 -3.20 5.39 -6.78
N PHE A 19 -2.47 4.83 -7.73
CA PHE A 19 -1.46 5.55 -8.47
C PHE A 19 -2.03 6.78 -9.16
N LYS A 20 -3.19 6.63 -9.79
CA LYS A 20 -3.86 7.75 -10.45
C LYS A 20 -4.22 8.83 -9.45
N LYS A 21 -4.82 8.40 -8.35
CA LYS A 21 -5.20 9.32 -7.28
C LYS A 21 -3.98 10.04 -6.72
N ARG A 22 -2.87 9.31 -6.62
CA ARG A 22 -1.63 9.86 -6.15
C ARG A 22 -1.00 10.78 -7.20
N ARG A 23 -1.12 10.41 -8.46
CA ARG A 23 -0.58 11.22 -9.56
C ARG A 23 -1.37 12.50 -9.71
N GLU A 24 -2.68 12.43 -9.50
CA GLU A 24 -3.53 13.61 -9.49
C GLU A 24 -3.07 14.58 -8.41
N SER A 25 -2.77 14.04 -7.23
CA SER A 25 -2.28 14.83 -6.10
C SER A 25 -0.99 15.58 -6.46
N ARG A 26 -0.19 14.98 -7.32
CA ARG A 26 1.07 15.58 -7.75
C ARG A 26 0.88 16.42 -9.02
N GLY A 27 -0.38 16.61 -9.41
CA GLY A 27 -0.69 17.41 -10.59
C GLY A 27 -0.21 16.76 -11.87
N GLY A 28 -0.17 15.43 -11.87
CA GLY A 28 0.29 14.71 -13.03
C GLY A 28 1.75 14.34 -12.93
N LYS A 29 2.52 15.14 -12.19
CA LYS A 29 3.94 14.89 -12.04
C LYS A 29 4.19 13.85 -10.96
N TYR A 30 3.83 12.62 -11.29
CA TYR A 30 3.99 11.50 -10.39
C TYR A 30 4.30 10.26 -11.21
N SER A 31 5.52 9.78 -11.15
CA SER A 31 5.85 8.59 -11.90
C SER A 31 5.46 7.36 -11.14
N ILE A 32 5.59 6.22 -11.77
CA ILE A 32 5.24 4.99 -11.15
C ILE A 32 6.27 4.65 -10.08
N ASP A 33 7.50 5.13 -10.25
CA ASP A 33 8.57 4.80 -9.33
C ASP A 33 8.33 5.43 -7.97
N ASP A 34 7.74 6.62 -7.97
CA ASP A 34 7.42 7.28 -6.71
C ASP A 34 6.29 6.52 -6.04
N TYR A 35 5.41 5.97 -6.88
CA TYR A 35 4.36 5.08 -6.40
C TYR A 35 4.95 3.77 -5.92
N LEU A 36 5.83 3.21 -6.73
CA LEU A 36 6.43 1.90 -6.47
C LEU A 36 7.29 1.94 -5.22
N ALA A 37 7.91 3.08 -4.95
CA ALA A 37 8.70 3.26 -3.75
C ALA A 37 7.80 3.33 -2.53
N ASP A 38 6.67 4.01 -2.66
CA ASP A 38 5.69 4.06 -1.59
C ASP A 38 4.98 2.71 -1.50
N ARG A 39 4.81 2.08 -2.65
CA ARG A 39 4.23 0.75 -2.75
C ARG A 39 5.10 -0.26 -2.00
N GLU A 40 6.42 -0.05 -2.05
CA GLU A 40 7.37 -0.85 -1.28
C GLU A 40 7.07 -0.73 0.21
N ARG A 41 6.64 0.46 0.61
CA ARG A 41 6.22 0.70 1.97
C ARG A 41 4.87 0.07 2.24
N GLU A 42 3.99 0.17 1.26
CA GLU A 42 2.62 -0.31 1.38
C GLU A 42 2.59 -1.81 1.67
N GLU A 43 3.57 -2.54 1.15
CA GLU A 43 3.64 -3.99 1.35
C GLU A 43 3.50 -4.37 2.83
N GLU A 44 4.16 -3.62 3.70
CA GLU A 44 4.10 -3.88 5.14
C GLU A 44 2.92 -3.15 5.77
N LEU A 45 2.40 -2.16 5.06
CA LEU A 45 1.33 -1.32 5.58
C LEU A 45 -0.04 -1.89 5.24
N LEU A 46 -0.08 -2.89 4.37
CA LEU A 46 -1.33 -3.51 3.96
C LEU A 46 -1.90 -4.37 5.07
N GLU A 47 -2.99 -5.07 4.78
CA GLU A 47 -3.73 -5.83 5.77
C GLU A 47 -4.30 -4.90 6.83
N ARG A 48 -4.56 -5.43 8.02
CA ARG A 48 -5.11 -4.61 9.09
C ARG A 48 -4.00 -3.81 9.76
N ASP A 49 -4.39 -2.78 10.50
CA ASP A 49 -3.44 -1.90 11.16
C ASP A 49 -3.93 -1.55 12.56
N GLU A 50 -5.06 -0.84 12.62
CA GLU A 50 -5.61 -0.37 13.88
C GLU A 50 -6.38 -1.48 14.61
N GLU A 51 -6.62 -2.58 13.90
CA GLU A 51 -7.43 -3.68 14.44
C GLU A 51 -6.81 -4.24 15.72
N GLU A 52 -5.68 -4.93 15.59
CA GLU A 52 -5.01 -5.52 16.74
C GLU A 52 -3.59 -5.98 16.40
N ALA A 53 -2.64 -5.10 16.64
CA ALA A 53 -1.20 -5.44 16.60
C ALA A 53 -0.81 -6.16 15.31
N ILE A 54 -0.95 -5.48 14.17
CA ILE A 54 -0.54 -6.07 12.90
C ILE A 54 0.68 -5.34 12.35
N PHE A 55 0.84 -4.10 12.76
CA PHE A 55 1.89 -3.25 12.23
C PHE A 55 3.11 -3.26 13.15
N GLY A 56 3.14 -4.21 14.08
CA GLY A 56 4.23 -4.29 15.02
C GLY A 56 3.81 -4.99 16.29
N ASP A 57 4.62 -4.87 17.33
CA ASP A 57 4.33 -5.48 18.62
C ASP A 57 3.31 -4.65 19.38
N GLY A 58 2.11 -5.19 19.54
CA GLY A 58 1.04 -4.45 20.17
C GLY A 58 0.48 -3.40 19.23
N PHE A 59 -0.32 -2.50 19.75
CA PHE A 59 -0.85 -1.42 18.95
C PHE A 59 -0.88 -0.11 19.72
N GLY A 60 -1.73 -0.03 20.74
CA GLY A 60 -1.82 1.20 21.54
C GLY A 60 -2.13 2.42 20.70
N LEU A 61 -2.81 2.22 19.59
CA LEU A 61 -3.15 3.31 18.68
C LEU A 61 -4.52 3.84 19.02
N LYS A 62 -5.49 2.95 19.05
CA LYS A 62 -6.87 3.31 19.38
C LYS A 62 -7.57 2.13 20.02
N ALA A 63 -8.59 2.41 20.80
CA ALA A 63 -9.38 1.37 21.45
C ALA A 63 -10.85 1.74 21.38
N THR A 64 -11.70 0.82 21.86
CA THR A 64 -13.15 1.00 21.82
C THR A 64 -13.62 1.45 20.44
N ARG A 65 -13.32 0.62 19.44
CA ARG A 65 -13.67 0.91 18.06
C ARG A 65 -15.16 0.63 17.82
N ARG A 66 -16.00 1.48 18.39
CA ARG A 66 -17.44 1.30 18.30
C ARG A 66 -18.08 2.42 17.50
N SER A 67 -19.07 2.05 16.70
CA SER A 67 -19.78 3.01 15.87
C SER A 67 -20.86 3.71 16.70
N ARG A 68 -20.45 4.74 17.45
CA ARG A 68 -21.35 5.43 18.36
C ARG A 68 -22.43 6.21 17.62
N LYS A 69 -22.04 6.90 16.56
CA LYS A 69 -22.98 7.73 15.82
C LYS A 69 -23.84 6.91 14.87
N ALA A 70 -23.44 5.67 14.64
CA ALA A 70 -24.25 4.74 13.86
C ALA A 70 -25.41 4.23 14.71
N GLU A 71 -25.22 4.30 16.01
CA GLU A 71 -26.25 3.89 16.96
C GLU A 71 -26.97 5.11 17.51
N ARG A 72 -26.26 5.92 18.28
CA ARG A 72 -26.84 7.09 18.91
C ARG A 72 -26.72 8.29 17.99
N ALA A 73 -27.67 8.40 17.07
CA ALA A 73 -27.65 9.45 16.07
C ALA A 73 -28.18 10.76 16.64
N LYS A 74 -29.15 10.66 17.54
CA LYS A 74 -29.73 11.83 18.18
C LYS A 74 -30.52 11.43 19.41
N LEU A 75 -30.11 11.92 20.56
CA LEU A 75 -30.77 11.57 21.81
C LEU A 75 -31.44 12.81 22.40
N GLY A 1 1.95 13.08 -23.30
CA GLY A 1 2.68 13.63 -22.14
C GLY A 1 4.05 12.99 -21.98
N ARG A 2 4.47 12.79 -20.74
CA ARG A 2 5.75 12.17 -20.46
C ARG A 2 5.61 10.68 -20.27
N PRO A 3 6.49 9.89 -20.91
CA PRO A 3 6.48 8.44 -20.82
C PRO A 3 7.33 7.92 -19.66
N GLY A 4 7.29 6.62 -19.45
CA GLY A 4 8.09 6.00 -18.42
C GLY A 4 8.72 4.72 -18.90
N VAL A 5 10.04 4.67 -18.95
CA VAL A 5 10.75 3.48 -19.37
C VAL A 5 10.58 2.37 -18.34
N PHE A 6 10.58 2.77 -17.08
CA PHE A 6 10.32 1.85 -15.99
C PHE A 6 8.88 2.04 -15.55
N ARG A 7 7.98 1.29 -16.16
CA ARG A 7 6.56 1.51 -15.95
C ARG A 7 6.06 0.66 -14.77
N THR A 8 4.85 0.14 -14.89
CA THR A 8 4.21 -0.57 -13.80
C THR A 8 4.70 -2.00 -13.66
N ARG A 9 5.10 -2.38 -12.46
CA ARG A 9 5.51 -3.75 -12.18
C ARG A 9 4.30 -4.62 -11.91
N GLY A 10 3.39 -4.67 -12.88
CA GLY A 10 2.17 -5.42 -12.72
C GLY A 10 1.25 -4.80 -11.71
N LEU A 11 0.96 -3.52 -11.90
CA LEU A 11 0.08 -2.82 -11.00
C LEU A 11 -1.35 -3.14 -11.35
N THR A 12 -2.09 -3.65 -10.39
CA THR A 12 -3.47 -3.97 -10.60
C THR A 12 -4.32 -2.71 -10.68
N ASP A 13 -5.57 -2.84 -11.09
CA ASP A 13 -6.42 -1.66 -11.27
C ASP A 13 -6.54 -0.86 -9.98
N GLU A 14 -6.54 -1.56 -8.84
CA GLU A 14 -6.61 -0.92 -7.54
C GLU A 14 -5.36 -0.08 -7.27
N GLU A 15 -4.20 -0.70 -7.41
CA GLU A 15 -2.94 -0.02 -7.19
C GLU A 15 -2.76 1.13 -8.16
N TYR A 16 -3.09 0.86 -9.41
CA TYR A 16 -2.97 1.85 -10.47
C TYR A 16 -3.97 2.97 -10.24
N ASP A 17 -5.09 2.66 -9.61
CA ASP A 17 -6.09 3.68 -9.30
C ASP A 17 -5.56 4.60 -8.22
N GLU A 18 -4.97 4.01 -7.19
CA GLU A 18 -4.33 4.78 -6.13
C GLU A 18 -3.23 5.64 -6.75
N PHE A 19 -2.46 5.02 -7.63
CA PHE A 19 -1.43 5.70 -8.39
C PHE A 19 -2.01 6.88 -9.17
N LYS A 20 -3.15 6.66 -9.82
CA LYS A 20 -3.80 7.73 -10.57
C LYS A 20 -4.22 8.87 -9.66
N LYS A 21 -4.84 8.53 -8.53
CA LYS A 21 -5.25 9.52 -7.55
C LYS A 21 -4.04 10.27 -7.03
N ARG A 22 -2.99 9.52 -6.71
CA ARG A 22 -1.73 10.08 -6.26
C ARG A 22 -1.11 10.98 -7.32
N ARG A 23 -1.20 10.56 -8.57
CA ARG A 23 -0.66 11.32 -9.68
C ARG A 23 -1.49 12.58 -9.91
N GLU A 24 -2.79 12.49 -9.65
CA GLU A 24 -3.66 13.65 -9.67
C GLU A 24 -3.25 14.61 -8.56
N SER A 25 -2.89 14.04 -7.41
CA SER A 25 -2.44 14.80 -6.26
C SER A 25 -1.18 15.59 -6.58
N ARG A 26 -0.44 15.11 -7.58
CA ARG A 26 0.80 15.76 -8.00
C ARG A 26 0.59 16.54 -9.31
N GLY A 27 -0.66 16.69 -9.72
CA GLY A 27 -0.96 17.40 -10.95
C GLY A 27 -0.35 16.74 -12.17
N GLY A 28 -0.20 15.41 -12.11
CA GLY A 28 0.38 14.68 -13.22
C GLY A 28 1.84 14.37 -13.00
N LYS A 29 2.50 15.18 -12.18
CA LYS A 29 3.92 15.00 -11.93
C LYS A 29 4.16 13.95 -10.85
N TYR A 30 3.80 12.72 -11.17
CA TYR A 30 3.94 11.60 -10.25
C TYR A 30 4.26 10.35 -11.04
N SER A 31 5.47 9.87 -10.91
CA SER A 31 5.87 8.69 -11.66
C SER A 31 5.51 7.45 -10.87
N ILE A 32 5.51 6.32 -11.55
CA ILE A 32 5.20 5.06 -10.93
C ILE A 32 6.22 4.73 -9.84
N ASP A 33 7.45 5.20 -10.00
CA ASP A 33 8.52 4.90 -9.05
C ASP A 33 8.22 5.50 -7.68
N ASP A 34 7.71 6.73 -7.67
CA ASP A 34 7.35 7.39 -6.41
C ASP A 34 6.27 6.57 -5.72
N TYR A 35 5.38 6.02 -6.53
CA TYR A 35 4.36 5.11 -6.04
C TYR A 35 5.00 3.80 -5.60
N LEU A 36 5.86 3.24 -6.45
CA LEU A 36 6.50 1.96 -6.21
C LEU A 36 7.34 1.95 -4.94
N ALA A 37 7.97 3.07 -4.63
CA ALA A 37 8.78 3.19 -3.43
C ALA A 37 7.90 3.07 -2.18
N ASP A 38 6.72 3.67 -2.25
CA ASP A 38 5.74 3.58 -1.17
C ASP A 38 5.08 2.22 -1.22
N ARG A 39 4.87 1.71 -2.43
CA ARG A 39 4.30 0.39 -2.66
C ARG A 39 5.18 -0.68 -2.04
N GLU A 40 6.50 -0.52 -2.18
CA GLU A 40 7.46 -1.41 -1.55
C GLU A 40 7.23 -1.47 -0.05
N ARG A 41 6.76 -0.36 0.51
CA ARG A 41 6.39 -0.31 1.91
C ARG A 41 5.05 -0.99 2.11
N GLU A 42 4.10 -0.67 1.23
CA GLU A 42 2.75 -1.20 1.32
C GLU A 42 2.74 -2.73 1.30
N GLU A 43 3.72 -3.32 0.60
CA GLU A 43 3.87 -4.77 0.54
C GLU A 43 3.89 -5.38 1.93
N GLU A 44 4.61 -4.76 2.84
CA GLU A 44 4.71 -5.24 4.22
C GLU A 44 3.59 -4.66 5.08
N LEU A 45 2.96 -3.59 4.59
CA LEU A 45 1.94 -2.89 5.36
C LEU A 45 0.58 -3.58 5.24
N LEU A 46 0.35 -4.24 4.11
CA LEU A 46 -0.92 -4.94 3.91
C LEU A 46 -0.87 -6.35 4.48
N GLU A 47 -1.84 -7.17 4.10
CA GLU A 47 -1.94 -8.55 4.54
C GLU A 47 -0.63 -9.33 4.35
N ARG A 48 -0.04 -9.76 5.45
CA ARG A 48 1.18 -10.54 5.39
C ARG A 48 0.93 -11.97 5.83
N ASP A 49 1.36 -12.91 5.00
CA ASP A 49 1.18 -14.33 5.28
C ASP A 49 2.15 -14.80 6.35
N GLU A 50 3.25 -14.07 6.51
CA GLU A 50 4.27 -14.43 7.49
C GLU A 50 3.83 -14.10 8.91
N GLU A 51 2.78 -13.31 9.03
CA GLU A 51 2.33 -12.85 10.33
C GLU A 51 1.73 -13.99 11.14
N GLU A 52 0.57 -14.50 10.70
CA GLU A 52 -0.09 -15.59 11.41
C GLU A 52 -1.12 -16.28 10.51
N ALA A 53 -2.38 -15.89 10.62
CA ALA A 53 -3.45 -16.53 9.89
C ALA A 53 -4.07 -15.58 8.87
N ILE A 54 -3.35 -15.36 7.79
CA ILE A 54 -3.79 -14.41 6.78
C ILE A 54 -3.87 -15.08 5.41
N PHE A 55 -3.14 -16.17 5.24
CA PHE A 55 -3.03 -16.82 3.94
C PHE A 55 -3.89 -18.07 3.88
N GLY A 56 -4.60 -18.22 2.75
CA GLY A 56 -5.44 -19.39 2.55
C GLY A 56 -6.48 -19.56 3.64
N ASP A 57 -6.44 -20.70 4.32
CA ASP A 57 -7.39 -21.01 5.38
C ASP A 57 -7.03 -20.27 6.66
N GLY A 58 -5.79 -19.81 6.72
CA GLY A 58 -5.29 -19.14 7.90
C GLY A 58 -3.80 -19.32 8.04
N PHE A 59 -3.39 -20.46 8.59
CA PHE A 59 -1.99 -20.76 8.77
C PHE A 59 -1.77 -22.26 8.80
N GLY A 60 -0.52 -22.68 8.81
CA GLY A 60 -0.20 -24.09 8.87
C GLY A 60 0.94 -24.47 7.96
N LEU A 61 2.00 -23.67 7.98
CA LEU A 61 3.19 -23.95 7.18
C LEU A 61 4.43 -23.93 8.06
N LYS A 62 4.76 -22.76 8.60
CA LYS A 62 5.89 -22.63 9.51
C LYS A 62 5.65 -21.49 10.49
N ALA A 63 6.27 -21.60 11.65
CA ALA A 63 6.14 -20.60 12.69
C ALA A 63 7.47 -20.39 13.40
N THR A 64 7.98 -21.46 13.97
CA THR A 64 9.22 -21.40 14.73
C THR A 64 10.43 -21.52 13.79
N ARG A 65 11.01 -20.37 13.44
CA ARG A 65 12.17 -20.35 12.55
C ARG A 65 13.40 -19.84 13.30
N ARG A 66 13.91 -20.65 14.21
CA ARG A 66 15.06 -20.26 15.03
C ARG A 66 16.34 -20.31 14.19
N SER A 67 16.31 -21.11 13.15
CA SER A 67 17.45 -21.28 12.27
C SER A 67 17.36 -20.33 11.08
N ARG A 68 18.43 -19.58 10.85
CA ARG A 68 18.48 -18.67 9.70
C ARG A 68 19.17 -19.34 8.53
N LYS A 69 20.01 -20.33 8.82
CA LYS A 69 20.72 -21.04 7.76
C LYS A 69 20.54 -22.55 7.88
N ALA A 70 20.27 -23.02 9.09
CA ALA A 70 20.06 -24.44 9.34
C ALA A 70 18.66 -24.87 8.92
N GLU A 71 18.39 -24.80 7.64
CA GLU A 71 17.11 -25.22 7.10
C GLU A 71 17.34 -26.39 6.15
N ARG A 72 16.49 -27.39 6.21
CA ARG A 72 16.67 -28.58 5.40
C ARG A 72 15.32 -29.12 4.92
N ALA A 73 14.58 -28.28 4.22
CA ALA A 73 13.25 -28.64 3.76
C ALA A 73 13.02 -28.17 2.32
N LYS A 74 13.30 -26.90 2.08
CA LYS A 74 13.11 -26.30 0.77
C LYS A 74 14.45 -25.95 0.13
N LEU A 75 15.09 -26.93 -0.46
CA LEU A 75 16.38 -26.72 -1.10
C LEU A 75 16.30 -27.04 -2.58
N GLY A 1 9.26 15.30 -22.37
CA GLY A 1 9.60 14.39 -21.26
C GLY A 1 8.39 13.64 -20.76
N ARG A 2 8.54 12.33 -20.59
CA ARG A 2 7.43 11.48 -20.18
C ARG A 2 7.96 10.26 -19.44
N PRO A 3 7.11 9.59 -18.64
CA PRO A 3 7.49 8.40 -17.87
C PRO A 3 7.58 7.15 -18.74
N GLY A 4 8.49 7.18 -19.70
CA GLY A 4 8.67 6.05 -20.58
C GLY A 4 9.88 5.22 -20.20
N VAL A 5 10.60 5.68 -19.18
CA VAL A 5 11.80 4.99 -18.72
C VAL A 5 11.44 3.70 -17.99
N PHE A 6 10.35 3.74 -17.25
CA PHE A 6 9.86 2.57 -16.53
C PHE A 6 8.36 2.70 -16.34
N ARG A 7 7.68 1.60 -16.55
CA ARG A 7 6.22 1.61 -16.53
C ARG A 7 5.69 0.77 -15.38
N THR A 8 4.40 0.49 -15.40
CA THR A 8 3.76 -0.30 -14.36
C THR A 8 4.40 -1.68 -14.23
N ARG A 9 4.88 -2.00 -13.04
CA ARG A 9 5.43 -3.33 -12.76
C ARG A 9 4.31 -4.33 -12.46
N GLY A 10 3.35 -4.39 -13.36
CA GLY A 10 2.19 -5.23 -13.14
C GLY A 10 1.29 -4.68 -12.06
N LEU A 11 0.97 -3.41 -12.17
CA LEU A 11 0.12 -2.78 -11.18
C LEU A 11 -1.32 -3.11 -11.47
N THR A 12 -1.99 -3.63 -10.46
CA THR A 12 -3.37 -4.02 -10.59
C THR A 12 -4.26 -2.79 -10.63
N ASP A 13 -5.48 -2.94 -11.13
CA ASP A 13 -6.36 -1.80 -11.33
C ASP A 13 -6.50 -0.94 -10.08
N GLU A 14 -6.63 -1.59 -8.92
CA GLU A 14 -6.73 -0.86 -7.66
C GLU A 14 -5.47 -0.06 -7.36
N GLU A 15 -4.30 -0.68 -7.51
CA GLU A 15 -3.04 0.00 -7.27
C GLU A 15 -2.86 1.13 -8.26
N TYR A 16 -3.20 0.85 -9.51
CA TYR A 16 -3.07 1.83 -10.57
C TYR A 16 -4.04 2.98 -10.36
N ASP A 17 -5.25 2.65 -9.90
CA ASP A 17 -6.24 3.67 -9.56
C ASP A 17 -5.71 4.57 -8.47
N GLU A 18 -5.14 3.97 -7.43
CA GLU A 18 -4.55 4.71 -6.34
C GLU A 18 -3.40 5.57 -6.85
N PHE A 19 -2.59 4.96 -7.69
CA PHE A 19 -1.51 5.64 -8.38
C PHE A 19 -2.03 6.85 -9.15
N LYS A 20 -3.12 6.66 -9.88
CA LYS A 20 -3.74 7.73 -10.64
C LYS A 20 -4.19 8.85 -9.73
N LYS A 21 -4.89 8.50 -8.66
CA LYS A 21 -5.35 9.48 -7.68
C LYS A 21 -4.17 10.23 -7.09
N ARG A 22 -3.13 9.48 -6.74
CA ARG A 22 -1.89 10.04 -6.24
C ARG A 22 -1.24 10.96 -7.27
N ARG A 23 -1.12 10.47 -8.50
CA ARG A 23 -0.52 11.23 -9.58
C ARG A 23 -1.31 12.50 -9.86
N GLU A 24 -2.63 12.38 -9.77
CA GLU A 24 -3.52 13.53 -9.89
C GLU A 24 -3.19 14.57 -8.83
N SER A 25 -3.02 14.09 -7.61
CA SER A 25 -2.70 14.95 -6.48
C SER A 25 -1.33 15.62 -6.64
N ARG A 26 -0.42 14.96 -7.35
CA ARG A 26 0.89 15.55 -7.62
C ARG A 26 0.86 16.39 -8.89
N GLY A 27 -0.33 16.71 -9.36
CA GLY A 27 -0.48 17.53 -10.55
C GLY A 27 0.05 16.85 -11.79
N GLY A 28 0.03 15.52 -11.79
CA GLY A 28 0.54 14.76 -12.91
C GLY A 28 1.98 14.35 -12.71
N LYS A 29 2.69 15.08 -11.87
CA LYS A 29 4.09 14.82 -11.63
C LYS A 29 4.27 13.73 -10.58
N TYR A 30 3.95 12.51 -10.97
CA TYR A 30 4.05 11.36 -10.10
C TYR A 30 4.29 10.12 -10.95
N SER A 31 5.54 9.70 -11.06
CA SER A 31 5.86 8.54 -11.88
C SER A 31 5.45 7.27 -11.18
N ILE A 32 5.46 6.18 -11.89
CA ILE A 32 5.14 4.90 -11.29
C ILE A 32 6.15 4.59 -10.19
N ASP A 33 7.41 4.94 -10.44
CA ASP A 33 8.50 4.66 -9.51
C ASP A 33 8.28 5.37 -8.18
N ASP A 34 7.76 6.59 -8.26
CA ASP A 34 7.42 7.36 -7.06
C ASP A 34 6.42 6.56 -6.22
N TYR A 35 5.45 5.98 -6.91
CA TYR A 35 4.45 5.15 -6.27
C TYR A 35 5.07 3.82 -5.84
N LEU A 36 5.90 3.26 -6.69
CA LEU A 36 6.49 1.94 -6.48
C LEU A 36 7.39 1.92 -5.25
N ALA A 37 8.15 2.99 -5.04
CA ALA A 37 9.00 3.09 -3.86
C ALA A 37 8.17 3.13 -2.59
N ASP A 38 7.01 3.76 -2.66
CA ASP A 38 6.10 3.79 -1.54
C ASP A 38 5.36 2.45 -1.45
N ARG A 39 5.06 1.89 -2.62
CA ARG A 39 4.44 0.58 -2.74
C ARG A 39 5.30 -0.48 -2.06
N GLU A 40 6.61 -0.39 -2.28
CA GLU A 40 7.58 -1.26 -1.61
C GLU A 40 7.45 -1.16 -0.10
N ARG A 41 7.05 0.03 0.37
CA ARG A 41 6.89 0.27 1.79
C ARG A 41 5.55 -0.27 2.27
N GLU A 42 4.56 -0.20 1.40
CA GLU A 42 3.19 -0.52 1.77
C GLU A 42 3.02 -1.98 2.20
N GLU A 43 3.87 -2.85 1.68
CA GLU A 43 3.75 -4.28 1.96
C GLU A 43 3.94 -4.57 3.45
N GLU A 44 4.81 -3.80 4.09
CA GLU A 44 5.07 -3.97 5.52
C GLU A 44 4.08 -3.14 6.34
N LEU A 45 3.43 -2.19 5.67
CA LEU A 45 2.49 -1.28 6.33
C LEU A 45 1.06 -1.85 6.31
N LEU A 46 0.74 -2.54 5.22
CA LEU A 46 -0.59 -3.13 5.03
C LEU A 46 -0.90 -4.16 6.12
N GLU A 47 0.09 -4.99 6.42
CA GLU A 47 -0.08 -6.01 7.45
C GLU A 47 0.68 -5.60 8.70
N ARG A 48 0.02 -5.68 9.84
CA ARG A 48 0.67 -5.36 11.10
C ARG A 48 -0.02 -6.09 12.24
N ASP A 49 0.56 -7.20 12.66
CA ASP A 49 0.04 -8.00 13.76
C ASP A 49 -0.11 -7.15 15.02
N GLU A 50 0.78 -6.18 15.15
CA GLU A 50 0.85 -5.33 16.34
C GLU A 50 -0.27 -4.29 16.36
N GLU A 51 -1.00 -4.15 15.25
CA GLU A 51 -2.04 -3.15 15.16
C GLU A 51 -3.28 -3.58 15.95
N GLU A 52 -4.00 -4.57 15.43
CA GLU A 52 -5.26 -4.99 16.05
C GLU A 52 -5.40 -6.51 16.06
N ALA A 53 -5.94 -7.07 14.98
CA ALA A 53 -6.19 -8.50 14.93
C ALA A 53 -5.70 -9.10 13.61
N ILE A 54 -4.64 -8.54 13.07
CA ILE A 54 -4.14 -8.96 11.78
C ILE A 54 -3.15 -10.10 11.95
N PHE A 55 -3.64 -11.22 12.45
CA PHE A 55 -2.82 -12.40 12.69
C PHE A 55 -3.70 -13.60 13.00
N GLY A 56 -4.88 -13.34 13.53
CA GLY A 56 -5.79 -14.42 13.90
C GLY A 56 -6.26 -14.28 15.33
N ASP A 57 -7.17 -15.16 15.74
CA ASP A 57 -7.71 -15.18 17.11
C ASP A 57 -8.59 -13.96 17.40
N GLY A 58 -8.00 -12.78 17.34
CA GLY A 58 -8.73 -11.56 17.58
C GLY A 58 -7.87 -10.50 18.20
N PHE A 59 -8.47 -9.39 18.61
CA PHE A 59 -7.73 -8.30 19.21
C PHE A 59 -8.03 -8.20 20.70
N GLY A 60 -8.23 -9.36 21.32
CA GLY A 60 -8.41 -9.40 22.76
C GLY A 60 -7.11 -9.16 23.49
N LEU A 61 -6.00 -9.41 22.78
CA LEU A 61 -4.68 -9.15 23.32
C LEU A 61 -4.48 -7.65 23.55
N LYS A 62 -4.91 -6.86 22.58
CA LYS A 62 -4.77 -5.42 22.67
C LYS A 62 -5.89 -4.71 21.91
N ALA A 63 -6.57 -3.81 22.59
CA ALA A 63 -7.64 -3.02 21.99
C ALA A 63 -7.64 -1.62 22.55
N THR A 64 -7.92 -1.51 23.84
CA THR A 64 -7.89 -0.23 24.52
C THR A 64 -6.44 0.20 24.73
N ARG A 65 -6.05 1.28 24.06
CA ARG A 65 -4.68 1.77 24.11
C ARG A 65 -4.42 2.43 25.46
N ARG A 66 -4.00 1.62 26.42
CA ARG A 66 -3.77 2.10 27.77
C ARG A 66 -2.45 2.87 27.84
N SER A 67 -2.50 4.07 28.38
CA SER A 67 -1.29 4.83 28.63
C SER A 67 -0.70 4.43 29.97
N ARG A 68 -0.16 3.20 30.00
CA ARG A 68 0.32 2.60 31.24
C ARG A 68 1.59 3.29 31.71
N LYS A 69 2.62 3.26 30.87
CA LYS A 69 3.90 3.82 31.21
C LYS A 69 3.94 5.30 30.84
N ALA A 70 3.29 5.63 29.73
CA ALA A 70 3.22 6.99 29.25
C ALA A 70 2.15 7.78 30.00
N GLU A 71 2.37 7.99 31.29
CA GLU A 71 1.44 8.74 32.10
C GLU A 71 1.48 10.21 31.73
N ARG A 72 2.70 10.76 31.70
CA ARG A 72 2.96 12.11 31.19
C ARG A 72 2.46 13.21 32.14
N ALA A 73 1.18 13.16 32.49
CA ALA A 73 0.56 14.17 33.35
C ALA A 73 0.64 15.55 32.70
N LYS A 74 -0.02 15.68 31.56
CA LYS A 74 -0.07 16.93 30.79
C LYS A 74 1.28 17.24 30.14
N LEU A 75 1.23 17.85 28.96
CA LEU A 75 2.44 18.20 28.23
C LEU A 75 2.50 19.72 28.05
N GLY A 1 10.20 10.18 -13.97
CA GLY A 1 9.75 10.25 -15.38
C GLY A 1 8.75 9.17 -15.71
N ARG A 2 7.99 9.38 -16.78
CA ARG A 2 6.94 8.45 -17.17
C ARG A 2 7.54 7.20 -17.83
N PRO A 3 7.11 6.00 -17.40
CA PRO A 3 7.62 4.73 -17.92
C PRO A 3 7.29 4.53 -19.39
N GLY A 4 8.31 4.38 -20.22
CA GLY A 4 8.08 4.18 -21.64
C GLY A 4 8.26 2.74 -22.04
N VAL A 5 8.84 1.94 -21.15
CA VAL A 5 9.08 0.54 -21.44
C VAL A 5 8.64 -0.35 -20.26
N PHE A 6 9.03 0.04 -19.06
CA PHE A 6 8.65 -0.68 -17.86
C PHE A 6 7.29 -0.17 -17.38
N ARG A 7 6.24 -0.56 -18.06
CA ARG A 7 4.89 -0.12 -17.72
C ARG A 7 4.40 -0.84 -16.48
N THR A 8 4.83 -0.32 -15.33
CA THR A 8 4.51 -0.84 -14.00
C THR A 8 5.14 -2.20 -13.75
N ARG A 9 5.16 -2.59 -12.48
CA ARG A 9 5.68 -3.88 -12.09
C ARG A 9 4.53 -4.86 -11.90
N GLY A 10 3.52 -4.73 -12.75
CA GLY A 10 2.33 -5.53 -12.62
C GLY A 10 1.33 -4.87 -11.71
N LEU A 11 1.03 -3.61 -11.97
CA LEU A 11 0.09 -2.87 -11.14
C LEU A 11 -1.33 -3.26 -11.48
N THR A 12 -1.99 -3.86 -10.51
CA THR A 12 -3.38 -4.24 -10.67
C THR A 12 -4.25 -2.99 -10.66
N ASP A 13 -5.50 -3.12 -11.06
CA ASP A 13 -6.39 -1.97 -11.20
C ASP A 13 -6.45 -1.17 -9.91
N GLU A 14 -6.49 -1.86 -8.78
CA GLU A 14 -6.53 -1.22 -7.47
C GLU A 14 -5.29 -0.36 -7.23
N GLU A 15 -4.10 -0.95 -7.45
CA GLU A 15 -2.84 -0.23 -7.26
C GLU A 15 -2.77 0.95 -8.21
N TYR A 16 -3.13 0.70 -9.45
CA TYR A 16 -3.08 1.74 -10.47
C TYR A 16 -4.07 2.85 -10.15
N ASP A 17 -5.20 2.48 -9.61
CA ASP A 17 -6.21 3.45 -9.17
C ASP A 17 -5.64 4.36 -8.10
N GLU A 18 -4.95 3.76 -7.13
CA GLU A 18 -4.29 4.50 -6.07
C GLU A 18 -3.22 5.41 -6.67
N PHE A 19 -2.45 4.84 -7.58
CA PHE A 19 -1.43 5.57 -8.32
C PHE A 19 -2.02 6.77 -9.04
N LYS A 20 -3.18 6.58 -9.67
CA LYS A 20 -3.87 7.67 -10.35
C LYS A 20 -4.23 8.77 -9.37
N LYS A 21 -4.84 8.39 -8.25
CA LYS A 21 -5.21 9.33 -7.21
C LYS A 21 -3.98 10.10 -6.74
N ARG A 22 -2.90 9.37 -6.54
CA ARG A 22 -1.65 9.94 -6.09
C ARG A 22 -1.02 10.83 -7.16
N ARG A 23 -1.06 10.37 -8.41
CA ARG A 23 -0.52 11.13 -9.53
C ARG A 23 -1.31 12.40 -9.76
N GLU A 24 -2.62 12.33 -9.58
CA GLU A 24 -3.49 13.50 -9.66
C GLU A 24 -3.10 14.51 -8.58
N SER A 25 -2.84 14.02 -7.37
CA SER A 25 -2.42 14.85 -6.26
C SER A 25 -1.11 15.58 -6.57
N ARG A 26 -0.20 14.88 -7.24
CA ARG A 26 1.10 15.46 -7.61
C ARG A 26 0.98 16.31 -8.88
N GLY A 27 -0.23 16.47 -9.38
CA GLY A 27 -0.47 17.29 -10.54
C GLY A 27 0.05 16.66 -11.81
N GLY A 28 0.00 15.33 -11.86
CA GLY A 28 0.49 14.61 -13.02
C GLY A 28 1.97 14.32 -12.94
N LYS A 29 2.65 15.05 -12.07
CA LYS A 29 4.08 14.88 -11.86
C LYS A 29 4.33 13.76 -10.87
N TYR A 30 3.91 12.55 -11.24
CA TYR A 30 4.05 11.39 -10.37
C TYR A 30 4.32 10.16 -11.22
N SER A 31 5.56 9.71 -11.24
CA SER A 31 5.91 8.53 -12.00
C SER A 31 5.50 7.27 -11.25
N ILE A 32 5.57 6.14 -11.93
CA ILE A 32 5.22 4.89 -11.29
C ILE A 32 6.25 4.53 -10.24
N ASP A 33 7.50 4.87 -10.49
CA ASP A 33 8.59 4.53 -9.58
C ASP A 33 8.44 5.30 -8.27
N ASP A 34 7.94 6.53 -8.36
CA ASP A 34 7.64 7.33 -7.19
C ASP A 34 6.55 6.65 -6.38
N TYR A 35 5.62 6.03 -7.08
CA TYR A 35 4.57 5.22 -6.45
C TYR A 35 5.17 3.94 -5.91
N LEU A 36 5.92 3.26 -6.76
CA LEU A 36 6.50 1.97 -6.45
C LEU A 36 7.41 2.03 -5.23
N ALA A 37 8.05 3.16 -5.00
CA ALA A 37 8.90 3.33 -3.82
C ALA A 37 8.08 3.36 -2.54
N ASP A 38 6.97 4.08 -2.57
CA ASP A 38 6.06 4.12 -1.42
C ASP A 38 5.24 2.84 -1.39
N ARG A 39 5.05 2.24 -2.56
CA ARG A 39 4.39 0.95 -2.66
C ARG A 39 5.26 -0.12 -1.99
N GLU A 40 6.57 0.01 -2.16
CA GLU A 40 7.53 -0.84 -1.45
C GLU A 40 7.30 -0.73 0.05
N ARG A 41 6.92 0.47 0.48
CA ARG A 41 6.55 0.71 1.86
C ARG A 41 5.23 0.01 2.15
N GLU A 42 4.25 0.28 1.31
CA GLU A 42 2.90 -0.23 1.47
C GLU A 42 2.86 -1.73 1.66
N GLU A 43 3.58 -2.47 0.81
CA GLU A 43 3.51 -3.93 0.83
C GLU A 43 3.81 -4.51 2.21
N GLU A 44 4.74 -3.89 2.94
CA GLU A 44 5.04 -4.36 4.29
C GLU A 44 4.12 -3.71 5.31
N LEU A 45 3.52 -2.58 4.91
CA LEU A 45 2.65 -1.82 5.80
C LEU A 45 1.20 -2.29 5.67
N LEU A 46 0.94 -3.12 4.68
CA LEU A 46 -0.40 -3.64 4.43
C LEU A 46 -0.73 -4.74 5.43
N GLU A 47 -1.61 -5.66 5.02
CA GLU A 47 -2.09 -6.75 5.86
C GLU A 47 -2.98 -6.21 6.97
N ARG A 48 -2.41 -5.44 7.89
CA ARG A 48 -3.16 -4.80 8.96
C ARG A 48 -4.37 -4.08 8.40
N ASP A 49 -5.56 -4.59 8.76
CA ASP A 49 -6.85 -4.03 8.34
C ASP A 49 -7.15 -4.38 6.88
N GLU A 50 -6.19 -4.14 6.01
CA GLU A 50 -6.34 -4.38 4.57
C GLU A 50 -6.68 -5.83 4.24
N GLU A 51 -6.08 -6.77 4.97
CA GLU A 51 -6.24 -8.19 4.65
C GLU A 51 -7.46 -8.80 5.35
N GLU A 52 -8.33 -7.93 5.87
CA GLU A 52 -9.69 -8.31 6.29
C GLU A 52 -9.75 -9.05 7.64
N ALA A 53 -8.67 -9.70 8.05
CA ALA A 53 -8.72 -10.50 9.28
C ALA A 53 -7.55 -10.19 10.21
N ILE A 54 -7.50 -8.95 10.71
CA ILE A 54 -6.47 -8.55 11.67
C ILE A 54 -7.04 -7.59 12.71
N PHE A 55 -7.75 -6.59 12.22
CA PHE A 55 -8.29 -5.51 13.05
C PHE A 55 -9.32 -6.03 14.05
N GLY A 56 -9.48 -5.29 15.13
CA GLY A 56 -10.43 -5.67 16.16
C GLY A 56 -9.80 -6.53 17.22
N ASP A 57 -10.52 -6.75 18.31
CA ASP A 57 -10.05 -7.63 19.38
C ASP A 57 -10.52 -9.05 19.11
N GLY A 58 -10.48 -9.41 17.85
CA GLY A 58 -10.95 -10.70 17.40
C GLY A 58 -11.00 -10.76 15.90
N PHE A 59 -9.92 -11.23 15.30
CA PHE A 59 -9.79 -11.25 13.85
C PHE A 59 -10.41 -12.51 13.25
N GLY A 60 -11.30 -13.14 14.01
CA GLY A 60 -12.02 -14.28 13.51
C GLY A 60 -13.24 -13.87 12.71
N LEU A 61 -13.03 -12.94 11.77
CA LEU A 61 -14.10 -12.45 10.92
C LEU A 61 -14.14 -13.22 9.61
N LYS A 62 -13.17 -12.97 8.76
CA LYS A 62 -13.08 -13.63 7.47
C LYS A 62 -11.67 -14.17 7.26
N ALA A 63 -11.34 -15.23 7.98
CA ALA A 63 -10.00 -15.80 7.90
C ALA A 63 -9.89 -16.82 6.77
N THR A 64 -10.80 -16.71 5.81
CA THR A 64 -10.80 -17.58 4.65
C THR A 64 -10.11 -16.91 3.47
N ARG A 65 -9.38 -17.70 2.70
CA ARG A 65 -8.70 -17.19 1.50
C ARG A 65 -9.57 -17.39 0.26
N ARG A 66 -10.69 -18.07 0.49
CA ARG A 66 -11.68 -18.36 -0.56
C ARG A 66 -11.07 -19.20 -1.66
N SER A 67 -10.34 -20.23 -1.25
CA SER A 67 -9.71 -21.13 -2.19
C SER A 67 -10.72 -22.13 -2.75
N ARG A 68 -10.90 -22.11 -4.07
CA ARG A 68 -11.79 -23.05 -4.74
C ARG A 68 -11.01 -23.85 -5.77
N LYS A 69 -9.72 -23.57 -5.85
CA LYS A 69 -8.83 -24.31 -6.75
C LYS A 69 -7.56 -24.73 -6.01
N ALA A 70 -7.74 -25.11 -4.75
CA ALA A 70 -6.63 -25.57 -3.93
C ALA A 70 -6.33 -27.04 -4.24
N GLU A 71 -7.25 -27.67 -4.95
CA GLU A 71 -7.08 -29.05 -5.37
C GLU A 71 -5.90 -29.17 -6.34
N ARG A 72 -5.74 -28.17 -7.20
CA ARG A 72 -4.66 -28.17 -8.17
C ARG A 72 -3.39 -27.61 -7.55
N ALA A 73 -3.48 -27.20 -6.28
CA ALA A 73 -2.38 -26.57 -5.55
C ALA A 73 -2.06 -25.18 -6.13
N LYS A 74 -1.52 -25.17 -7.33
CA LYS A 74 -1.20 -23.91 -8.01
C LYS A 74 -1.90 -23.84 -9.36
N LEU A 75 -1.37 -24.58 -10.33
CA LEU A 75 -1.91 -24.57 -11.69
C LEU A 75 -1.92 -25.98 -12.26
#